data_2BCZ
# 
_entry.id   2BCZ 
# 
_audit_conform.dict_name       mmcif_pdbx.dic 
_audit_conform.dict_version    5.376 
_audit_conform.dict_location   http://mmcif.pdb.org/dictionaries/ascii/mmcif_pdbx.dic 
# 
loop_
_database_2.database_id 
_database_2.database_code 
_database_2.pdbx_database_accession 
_database_2.pdbx_DOI 
PDB   2BCZ         pdb_00002bcz 10.2210/pdb2bcz/pdb 
NDB   UR0075       ?            ?                   
RCSB  RCSB034948   ?            ?                   
WWPDB D_1000034948 ?            ?                   
# 
loop_
_pdbx_database_related.db_name 
_pdbx_database_related.db_id 
_pdbx_database_related.details 
_pdbx_database_related.content_type 
PDB 1ZFR 'native hairpin ribozyme, 2.05 angstrom resolution' unspecified 
PDB 1ZFV 'G8A mutant hairpin ribozyme'                       unspecified 
PDB 1ZFX 'G8U mutant hairpin ribozyme'                       unspecified 
PDB 1ZFT 
;G8I (A-1 2'O-methyl) mutant hairpin ribozyme
;
unspecified 
PDB 2BB1 'G8DAP mutant hairpin ribozyme'                     unspecified 
PDB 2BCY .                                                   unspecified 
# 
_pdbx_database_status.status_code                     REL 
_pdbx_database_status.entry_id                        2BCZ 
_pdbx_database_status.recvd_initial_deposition_date   2005-10-19 
_pdbx_database_status.deposit_site                    RCSB 
_pdbx_database_status.process_site                    RCSB 
_pdbx_database_status.status_code_sf                  REL 
_pdbx_database_status.status_code_mr                  ? 
_pdbx_database_status.SG_entry                        ? 
_pdbx_database_status.pdb_format_compatible           Y 
_pdbx_database_status.status_code_cs                  ? 
_pdbx_database_status.status_code_nmr_data            ? 
_pdbx_database_status.methods_development_category    ? 
# 
loop_
_audit_author.name 
_audit_author.pdbx_ordinal 
'Salter, J.D.'   1 
'Wedekind, J.E.' 2 
# 
loop_
_citation.id 
_citation.title 
_citation.journal_abbrev 
_citation.journal_volume 
_citation.page_first 
_citation.page_last 
_citation.year 
_citation.journal_id_ASTM 
_citation.country 
_citation.journal_id_ISSN 
_citation.journal_id_CSD 
_citation.book_publisher 
_citation.pdbx_database_id_PubMed 
_citation.pdbx_database_id_DOI 
primary 
'Water in the Active Site of an All-RNA Hairpin Ribozyme and Effects of Gua8 Base Variants on the Geometry of Phosphoryl Transfer.' 
Biochemistry 45 686 700 2006 BICHAW US 0006-2960 0033 ? 16411744 10.1021/bi051887k 
1       
;Conformational Heterogeneity at Position U37 of an All-RNA Hairpin Ribozyme with Implications for Metal Binding and the Catalytic Structure of the S-Turn
;
Biochemistry ?  ?   ?   2005 BICHAW US 0006-2960 0033 ? ?        ?                 
# 
loop_
_citation_author.citation_id 
_citation_author.name 
_citation_author.ordinal 
_citation_author.identifier_ORCID 
primary 'Salter, J.D.'    1  ? 
primary 'Krucinska, J.'   2  ? 
primary 'Alam, S.'        3  ? 
primary 'Grum-Tokars, V.' 4  ? 
primary 'Wedekind, J.E.'  5  ? 
1       'Alam, S.'        6  ? 
1       'Grum-Tokars, V.' 7  ? 
1       'Krucinska, J.'   8  ? 
1       'Kundracik, M.L.' 9  ? 
1       'Wedekind, J.E.'  10 ? 
# 
_cell.entry_id           2BCZ 
_cell.length_a           94.490 
_cell.length_b           94.490 
_cell.length_c           127.580 
_cell.angle_alpha        90.00 
_cell.angle_beta         90.00 
_cell.angle_gamma        120.00 
_cell.Z_PDB              12 
_cell.pdbx_unique_axis   ? 
# 
_symmetry.entry_id                         2BCZ 
_symmetry.space_group_name_H-M             'P 61 2 2' 
_symmetry.pdbx_full_space_group_name_H-M   ? 
_symmetry.cell_setting                     ? 
_symmetry.Int_Tables_number                178 
_symmetry.space_group_name_Hall            ? 
# 
loop_
_entity.id 
_entity.type 
_entity.src_method 
_entity.pdbx_description 
_entity.formula_weight 
_entity.pdbx_number_of_molecules 
_entity.pdbx_ec 
_entity.pdbx_mutation 
_entity.pdbx_fragment 
_entity.details 
1 polymer     syn "5'-R(*UP*CP*CP*CP*(DA)P*GP*UP*CP*CP*AP*CP*CP*G)-3')"               4036.471 1 ? 'A1(DA)' ? ? 
2 polymer     syn "5'-R(*CP*GP*GP*UP*GP*AP*IP*AP*AP*GP*GP*G)-3'"                      3955.433 1 ? G8I      ? ? 
3 polymer     syn "5'-R(*GP*GP*CP*AP*GP*AP*GP*AP*AP*AP*CP*AP*CP*AP*CP*GP*A)-3'"       5535.445 1 ? ?        ? ? 
4 polymer     syn "5'-R(*UP*CP*GP*UP*GP*GP*UP*AP*CP*AP*UP*UP*AP*CP*CP*UP*GP*CP*C)-3'" 5991.568 1 ? U39C     ? ? 
5 non-polymer syn 'SULFATE ION'                                                       96.063   1 ? ?        ? ? 
6 non-polymer syn 'COBALT HEXAMMINE(III)'                                             161.116  2 ? ?        ? ? 
7 water       nat water                                                               18.015   5 ? ?        ? ? 
# 
loop_
_entity_poly.entity_id 
_entity_poly.type 
_entity_poly.nstd_linkage 
_entity_poly.nstd_monomer 
_entity_poly.pdbx_seq_one_letter_code 
_entity_poly.pdbx_seq_one_letter_code_can 
_entity_poly.pdbx_strand_id 
_entity_poly.pdbx_target_identifier 
1 polyribonucleotide no no 'UCCC(DA)GUCCACCG'  UCCCAGUCCACCG       A ? 
2 polyribonucleotide no no CGGUGAIAAGGG        CGGUGAIAAGGG        B ? 
3 polyribonucleotide no no GGCAGAGAAACACACGA   GGCAGAGAAACACACGA   C ? 
4 polyribonucleotide no no UCGUGGUACAUUACCUGCC UCGUGGUACAUUACCUGCC D ? 
# 
loop_
_entity_poly_seq.entity_id 
_entity_poly_seq.num 
_entity_poly_seq.mon_id 
_entity_poly_seq.hetero 
1 1  U  n 
1 2  C  n 
1 3  C  n 
1 4  C  n 
1 5  DA n 
1 6  G  n 
1 7  U  n 
1 8  C  n 
1 9  C  n 
1 10 A  n 
1 11 C  n 
1 12 C  n 
1 13 G  n 
2 1  C  n 
2 2  G  n 
2 3  G  n 
2 4  U  n 
2 5  G  n 
2 6  A  n 
2 7  I  n 
2 8  A  n 
2 9  A  n 
2 10 G  n 
2 11 G  n 
2 12 G  n 
3 1  G  n 
3 2  G  n 
3 3  C  n 
3 4  A  n 
3 5  G  n 
3 6  A  n 
3 7  G  n 
3 8  A  n 
3 9  A  n 
3 10 A  n 
3 11 C  n 
3 12 A  n 
3 13 C  n 
3 14 A  n 
3 15 C  n 
3 16 G  n 
3 17 A  n 
4 1  U  n 
4 2  C  n 
4 3  G  n 
4 4  U  n 
4 5  G  n 
4 6  G  n 
4 7  U  n 
4 8  A  n 
4 9  C  n 
4 10 A  n 
4 11 U  n 
4 12 U  n 
4 13 A  n 
4 14 C  n 
4 15 C  n 
4 16 U  n 
4 17 G  n 
4 18 C  n 
4 19 C  n 
# 
loop_
_struct_ref.id 
_struct_ref.entity_id 
_struct_ref.db_name 
_struct_ref.db_code 
_struct_ref.pdbx_db_accession 
_struct_ref.pdbx_db_isoform 
_struct_ref.pdbx_seq_one_letter_code 
_struct_ref.pdbx_align_begin 
1 1 PDB 2BCZ 2BCZ ? ? ? 
2 2 PDB 2BCZ 2BCZ ? ? ? 
3 3 PDB 2BCZ 2BCZ ? ? ? 
4 4 PDB 2BCZ 2BCZ ? ? ? 
# 
loop_
_struct_ref_seq.align_id 
_struct_ref_seq.ref_id 
_struct_ref_seq.pdbx_PDB_id_code 
_struct_ref_seq.pdbx_strand_id 
_struct_ref_seq.seq_align_beg 
_struct_ref_seq.pdbx_seq_align_beg_ins_code 
_struct_ref_seq.seq_align_end 
_struct_ref_seq.pdbx_seq_align_end_ins_code 
_struct_ref_seq.pdbx_db_accession 
_struct_ref_seq.db_align_beg 
_struct_ref_seq.pdbx_db_align_beg_ins_code 
_struct_ref_seq.db_align_end 
_struct_ref_seq.pdbx_db_align_end_ins_code 
_struct_ref_seq.pdbx_auth_seq_align_beg 
_struct_ref_seq.pdbx_auth_seq_align_end 
1 1 2BCZ A 1 ? 13 ? 2BCZ 1  ? 13 ? 1  13 
2 2 2BCZ B 1 ? 12 ? 2BCZ 2  ? 13 ? 2  13 
3 3 2BCZ C 1 ? 17 ? 2BCZ 15 ? 31 ? 15 31 
4 4 2BCZ D 1 ? 19 ? 2BCZ 31 ? 49 ? 31 49 
# 
loop_
_chem_comp.id 
_chem_comp.type 
_chem_comp.mon_nstd_flag 
_chem_comp.name 
_chem_comp.pdbx_synonyms 
_chem_comp.formula 
_chem_comp.formula_weight 
A   'RNA linking' y "ADENOSINE-5'-MONOPHOSPHATE"         ? 'C10 H14 N5 O7 P' 347.221 
C   'RNA linking' y "CYTIDINE-5'-MONOPHOSPHATE"          ? 'C9 H14 N3 O8 P'  323.197 
DA  'DNA linking' y "2'-DEOXYADENOSINE-5'-MONOPHOSPHATE" ? 'C10 H14 N5 O6 P' 331.222 
G   'RNA linking' y "GUANOSINE-5'-MONOPHOSPHATE"         ? 'C10 H14 N5 O8 P' 363.221 
HOH non-polymer   . WATER                                ? 'H2 O'            18.015  
I   'RNA linking' y 'INOSINIC ACID'                      ? 'C10 H13 N4 O8 P' 348.206 
NCO non-polymer   . 'COBALT HEXAMMINE(III)'              ? 'Co H18 N6 3'     161.116 
SO4 non-polymer   . 'SULFATE ION'                        ? 'O4 S -2'         96.063  
U   'RNA linking' y "URIDINE-5'-MONOPHOSPHATE"           ? 'C9 H13 N2 O9 P'  324.181 
# 
_exptl.entry_id          2BCZ 
_exptl.method            'X-RAY DIFFRACTION' 
_exptl.crystals_number   1 
# 
_exptl_crystal.id                    1 
_exptl_crystal.density_meas          ? 
_exptl_crystal.density_Matthews      4.21 
_exptl_crystal.density_percent_sol   70.79 
_exptl_crystal.description           ? 
_exptl_crystal.F_000                 ? 
_exptl_crystal.preparation           ? 
# 
_exptl_crystal_grow.crystal_id      1 
_exptl_crystal_grow.method          'VAPOR DIFFUSION, HANGING DROP' 
_exptl_crystal_grow.temp            293 
_exptl_crystal_grow.temp_details    ? 
_exptl_crystal_grow.pH              7.2 
_exptl_crystal_grow.pdbx_details    
'PEG550 MME, lithium sulfate, spermidine, cobalt hexamine, , pH 7.2, VAPOR DIFFUSION, HANGING DROP, temperature 293K' 
_exptl_crystal_grow.pdbx_pH_range   . 
# 
loop_
_exptl_crystal_grow_comp.crystal_id 
_exptl_crystal_grow_comp.id 
_exptl_crystal_grow_comp.sol_id 
_exptl_crystal_grow_comp.name 
_exptl_crystal_grow_comp.volume 
_exptl_crystal_grow_comp.conc 
_exptl_crystal_grow_comp.details 
1 1 1 'PEG550 MME'      ? ? ? 
1 2 1 'lithium sulfate' ? ? ? 
1 3 1 spermidine        ? ? ? 
1 4 1 'cobalt hexamine' ? ? ? 
1 5 1 H2O               ? ? ? 
1 6 2 'PEG550 MME'      ? ? ? 
1 7 2 'lithium sulfate' ? ? ? 
1 8 2 'cobalt hexamine' ? ? ? 
# 
_diffrn.id                     1 
_diffrn.ambient_temp           83 
_diffrn.ambient_temp_details   ? 
_diffrn.crystal_id             1 
# 
_diffrn_detector.diffrn_id              1 
_diffrn_detector.detector               CCD 
_diffrn_detector.type                   'ADSC QUANTUM 210' 
_diffrn_detector.pdbx_collection_date   2005-05-05 
_diffrn_detector.details                ? 
# 
_diffrn_radiation.diffrn_id                        1 
_diffrn_radiation.wavelength_id                    1 
_diffrn_radiation.pdbx_monochromatic_or_laue_m_l   M 
_diffrn_radiation.monochromator                    
'bent triangular asymmetric cut si(111) monochromator, RH-coated si for vertical focussing' 
_diffrn_radiation.pdbx_diffrn_protocol             'SINGLE WAVELENGTH' 
_diffrn_radiation.pdbx_scattering_type             x-ray 
# 
_diffrn_radiation_wavelength.id           1 
_diffrn_radiation_wavelength.wavelength   0.9764 
_diffrn_radiation_wavelength.wt           1.0 
# 
_diffrn_source.diffrn_id                   1 
_diffrn_source.source                      SYNCHROTRON 
_diffrn_source.type                        'CHESS BEAMLINE A1' 
_diffrn_source.pdbx_synchrotron_site       CHESS 
_diffrn_source.pdbx_synchrotron_beamline   A1 
_diffrn_source.pdbx_wavelength             ? 
_diffrn_source.pdbx_wavelength_list        0.9764 
# 
_reflns.entry_id                     2BCZ 
_reflns.observed_criterion_sigma_I   -3 
_reflns.observed_criterion_sigma_F   0 
_reflns.d_resolution_low             44.30 
_reflns.d_resolution_high            2.40 
_reflns.number_obs                   13689 
_reflns.number_all                   13689 
_reflns.percent_possible_obs         99.2 
_reflns.pdbx_Rmerge_I_obs            0.043 
_reflns.pdbx_Rsym_value              ? 
_reflns.pdbx_netI_over_sigmaI        19.1 
_reflns.B_iso_Wilson_estimate        104.9 
_reflns.pdbx_redundancy              6.25 
_reflns.R_free_details               ? 
_reflns.pdbx_chi_squared             ? 
_reflns.pdbx_scaling_rejects         ? 
_reflns.pdbx_diffrn_id               1 
_reflns.pdbx_ordinal                 1 
# 
_reflns_shell.d_res_high             2.40 
_reflns_shell.d_res_low              2.48 
_reflns_shell.percent_possible_all   98.7 
_reflns_shell.Rmerge_I_obs           0.43 
_reflns_shell.pdbx_Rsym_value        ? 
_reflns_shell.meanI_over_sigI_obs    4.3 
_reflns_shell.pdbx_redundancy        5.91 
_reflns_shell.percent_possible_obs   ? 
_reflns_shell.number_unique_all      ? 
_reflns_shell.number_measured_all    ? 
_reflns_shell.number_measured_obs    ? 
_reflns_shell.number_unique_obs      ? 
_reflns_shell.pdbx_chi_squared       ? 
_reflns_shell.pdbx_diffrn_id         ? 
_reflns_shell.pdbx_ordinal           1 
# 
_refine.entry_id                                 2BCZ 
_refine.ls_number_reflns_obs                     13643 
_refine.ls_number_reflns_all                     13643 
_refine.pdbx_ls_sigma_I                          -3 
_refine.pdbx_ls_sigma_F                          0.0 
_refine.pdbx_data_cutoff_high_absF               1771956.51 
_refine.pdbx_data_cutoff_low_absF                0.000000 
_refine.pdbx_data_cutoff_high_rms_absF           ? 
_refine.ls_d_res_low                             44.3 
_refine.ls_d_res_high                            2.40 
_refine.ls_percent_reflns_obs                    99.3 
_refine.ls_R_factor_obs                          0.24 
_refine.ls_R_factor_all                          0.24 
_refine.ls_R_factor_R_work                       0.24 
_refine.ls_R_factor_R_free                       0.27 
_refine.ls_R_factor_R_free_error                 0.009 
_refine.ls_R_factor_R_free_error_details         ? 
_refine.ls_percent_reflns_R_free                 6.1 
_refine.ls_number_reflns_R_free                  829 
_refine.ls_number_parameters                     ? 
_refine.ls_number_restraints                     ? 
_refine.occupancy_min                            ? 
_refine.occupancy_max                            ? 
_refine.correlation_coeff_Fo_to_Fc               ? 
_refine.correlation_coeff_Fo_to_Fc_free          ? 
_refine.B_iso_mean                               75.9 
_refine.aniso_B[1][1]                            0.95 
_refine.aniso_B[2][2]                            -15.42 
_refine.aniso_B[3][3]                            14.47 
_refine.aniso_B[1][2]                            -3.03 
_refine.aniso_B[1][3]                            0.00 
_refine.aniso_B[2][3]                            0.00 
_refine.solvent_model_details                    'FLAT MODEL' 
_refine.solvent_model_param_ksol                 0.319713 
_refine.solvent_model_param_bsol                 75.3413 
_refine.pdbx_solvent_vdw_probe_radii             ? 
_refine.pdbx_solvent_ion_probe_radii             ? 
_refine.pdbx_solvent_shrinkage_radii             ? 
_refine.pdbx_ls_cross_valid_method               THROUGHOUT 
_refine.details                                  ? 
_refine.pdbx_starting_model                      'pdb entry 1ZFR' 
_refine.pdbx_method_to_determine_struct          'FOURIER SYNTHESIS' 
_refine.pdbx_isotropic_thermal_model             RESTRAINED 
_refine.pdbx_stereochemistry_target_values       'CNS v1.1' 
_refine.pdbx_stereochem_target_val_spec_case     ? 
_refine.pdbx_R_Free_selection_details            RANDOM 
_refine.pdbx_overall_ESU_R                       ? 
_refine.pdbx_overall_ESU_R_Free                  ? 
_refine.overall_SU_ML                            ? 
_refine.overall_SU_B                             ? 
_refine.ls_redundancy_reflns_obs                 ? 
_refine.overall_SU_R_Cruickshank_DPI             ? 
_refine.overall_SU_R_free                        ? 
_refine.ls_wR_factor_R_free                      ? 
_refine.ls_wR_factor_R_work                      ? 
_refine.overall_FOM_free_R_set                   ? 
_refine.overall_FOM_work_R_set                   ? 
_refine.pdbx_refine_id                           'X-RAY DIFFRACTION' 
_refine.pdbx_diffrn_id                           1 
_refine.pdbx_TLS_residual_ADP_flag               ? 
_refine.pdbx_overall_phase_error                 ? 
_refine.pdbx_overall_SU_R_free_Cruickshank_DPI   ? 
_refine.pdbx_overall_SU_R_Blow_DPI               ? 
_refine.pdbx_overall_SU_R_free_Blow_DPI          ? 
# 
_refine_analyze.entry_id                        2BCZ 
_refine_analyze.Luzzati_coordinate_error_obs    0.48 
_refine_analyze.Luzzati_sigma_a_obs             0.86 
_refine_analyze.Luzzati_d_res_low_obs           45.00 
_refine_analyze.Luzzati_coordinate_error_free   0.47 
_refine_analyze.Luzzati_sigma_a_free            0.83 
_refine_analyze.Luzzati_d_res_low_free          ? 
_refine_analyze.number_disordered_residues      ? 
_refine_analyze.occupancy_sum_hydrogen          ? 
_refine_analyze.occupancy_sum_non_hydrogen      ? 
_refine_analyze.pdbx_refine_id                  'X-RAY DIFFRACTION' 
# 
_refine_hist.pdbx_refine_id                   'X-RAY DIFFRACTION' 
_refine_hist.cycle_id                         LAST 
_refine_hist.pdbx_number_atoms_protein        0 
_refine_hist.pdbx_number_atoms_nucleic_acid   1309 
_refine_hist.pdbx_number_atoms_ligand         19 
_refine_hist.number_atoms_solvent             5 
_refine_hist.number_atoms_total               1333 
_refine_hist.d_res_high                       2.40 
_refine_hist.d_res_low                        44.3 
# 
loop_
_refine_ls_restr.type 
_refine_ls_restr.dev_ideal 
_refine_ls_restr.dev_ideal_target 
_refine_ls_restr.weight 
_refine_ls_restr.number 
_refine_ls_restr.pdbx_refine_id 
_refine_ls_restr.pdbx_restraint_function 
c_bond_d           0.009 ? ? ? 'X-RAY DIFFRACTION' ? 
c_angle_deg        1.5   ? ? ? 'X-RAY DIFFRACTION' ? 
c_dihedral_angle_d 17.6  ? ? ? 'X-RAY DIFFRACTION' ? 
c_improper_angle_d 1.73  ? ? ? 'X-RAY DIFFRACTION' ? 
# 
_refine_ls_shell.pdbx_total_number_of_bins_used   4 
_refine_ls_shell.d_res_high                       2.40 
_refine_ls_shell.d_res_low                        2.64 
_refine_ls_shell.number_reflns_R_work             3141 
_refine_ls_shell.R_factor_R_work                  0.495 
_refine_ls_shell.percent_reflns_obs               99.7 
_refine_ls_shell.R_factor_R_free                  0.515 
_refine_ls_shell.R_factor_R_free_error            0.037 
_refine_ls_shell.percent_reflns_R_free            5.7 
_refine_ls_shell.number_reflns_R_free             190 
_refine_ls_shell.number_reflns_obs                ? 
_refine_ls_shell.redundancy_reflns_obs            ? 
_refine_ls_shell.number_reflns_all                ? 
_refine_ls_shell.R_factor_all                     ? 
_refine_ls_shell.pdbx_refine_id                   'X-RAY DIFFRACTION' 
# 
loop_
_pdbx_xplor_file.serial_no 
_pdbx_xplor_file.param_file 
_pdbx_xplor_file.topol_file 
_pdbx_xplor_file.pdbx_refine_id 
1 ion.param         dna-rna.top 'X-RAY DIFFRACTION' 
2 dna-rna_rep.param cobalt.top  'X-RAY DIFFRACTION' 
3 cobalt.par        ion.top     'X-RAY DIFFRACTION' 
4 water_rep.param   water.top   'X-RAY DIFFRACTION' 
# 
_struct.entry_id                  2BCZ 
_struct.title                     
;Crystal Structure of a minimal, mutant all-RNA hairpin ribozyme (U39C, G8I, 2'deoxy A-1)
;
_struct.pdbx_model_details        ? 
_struct.pdbx_CASP_flag            ? 
_struct.pdbx_model_type_details   ? 
# 
_struct_keywords.entry_id        2BCZ 
_struct_keywords.pdbx_keywords   RNA 
_struct_keywords.text            'ribozyme, G8, inosine, RNA' 
# 
loop_
_struct_asym.id 
_struct_asym.pdbx_blank_PDB_chainid_flag 
_struct_asym.pdbx_modified 
_struct_asym.entity_id 
_struct_asym.details 
A N N 1 ? 
B N N 2 ? 
C N N 3 ? 
D N N 4 ? 
E N N 5 ? 
F N N 6 ? 
G N N 6 ? 
H N N 7 ? 
I N N 7 ? 
J N N 7 ? 
# 
loop_
_struct_conn.id 
_struct_conn.conn_type_id 
_struct_conn.pdbx_leaving_atom_flag 
_struct_conn.pdbx_PDB_id 
_struct_conn.ptnr1_label_asym_id 
_struct_conn.ptnr1_label_comp_id 
_struct_conn.ptnr1_label_seq_id 
_struct_conn.ptnr1_label_atom_id 
_struct_conn.pdbx_ptnr1_label_alt_id 
_struct_conn.pdbx_ptnr1_PDB_ins_code 
_struct_conn.pdbx_ptnr1_standard_comp_id 
_struct_conn.ptnr1_symmetry 
_struct_conn.ptnr2_label_asym_id 
_struct_conn.ptnr2_label_comp_id 
_struct_conn.ptnr2_label_seq_id 
_struct_conn.ptnr2_label_atom_id 
_struct_conn.pdbx_ptnr2_label_alt_id 
_struct_conn.pdbx_ptnr2_PDB_ins_code 
_struct_conn.ptnr1_auth_asym_id 
_struct_conn.ptnr1_auth_comp_id 
_struct_conn.ptnr1_auth_seq_id 
_struct_conn.ptnr2_auth_asym_id 
_struct_conn.ptnr2_auth_comp_id 
_struct_conn.ptnr2_auth_seq_id 
_struct_conn.ptnr2_symmetry 
_struct_conn.pdbx_ptnr3_label_atom_id 
_struct_conn.pdbx_ptnr3_label_seq_id 
_struct_conn.pdbx_ptnr3_label_comp_id 
_struct_conn.pdbx_ptnr3_label_asym_id 
_struct_conn.pdbx_ptnr3_label_alt_id 
_struct_conn.pdbx_ptnr3_PDB_ins_code 
_struct_conn.details 
_struct_conn.pdbx_dist_value 
_struct_conn.pdbx_value_order 
_struct_conn.pdbx_role 
hydrog1  hydrog ? ? A C  2  N3 ? ? ? 1_555 B G 12 N1 ? ? A C  2  B G 13 1_555 ? ? ? ? ? ? WATSON-CRICK         ? ? ? 
hydrog2  hydrog ? ? A C  2  N4 ? ? ? 1_555 B G 12 O6 ? ? A C  2  B G 13 1_555 ? ? ? ? ? ? WATSON-CRICK         ? ? ? 
hydrog3  hydrog ? ? A C  2  O2 ? ? ? 1_555 B G 12 N2 ? ? A C  2  B G 13 1_555 ? ? ? ? ? ? WATSON-CRICK         ? ? ? 
hydrog4  hydrog ? ? A C  3  N3 ? ? ? 1_555 B G 11 N1 ? ? A C  3  B G 12 1_555 ? ? ? ? ? ? WATSON-CRICK         ? ? ? 
hydrog5  hydrog ? ? A C  3  N4 ? ? ? 1_555 B G 11 O6 ? ? A C  3  B G 12 1_555 ? ? ? ? ? ? WATSON-CRICK         ? ? ? 
hydrog6  hydrog ? ? A C  3  O2 ? ? ? 1_555 B G 11 N2 ? ? A C  3  B G 12 1_555 ? ? ? ? ? ? WATSON-CRICK         ? ? ? 
hydrog7  hydrog ? ? A C  4  N3 ? ? ? 1_555 B G 10 N1 ? ? A C  4  B G 11 1_555 ? ? ? ? ? ? WATSON-CRICK         ? ? ? 
hydrog8  hydrog ? ? A C  4  N4 ? ? ? 1_555 B G 10 O6 ? ? A C  4  B G 11 1_555 ? ? ? ? ? ? WATSON-CRICK         ? ? ? 
hydrog9  hydrog ? ? A C  4  O2 ? ? ? 1_555 B G 10 N2 ? ? A C  4  B G 11 1_555 ? ? ? ? ? ? WATSON-CRICK         ? ? ? 
hydrog10 hydrog ? ? A DA 5  N3 ? ? ? 1_555 B A 8  N6 ? ? A DA 5  B A 9  1_555 ? ? ? ? ? ? 'DA-A MISPAIR'       ? ? ? 
hydrog11 hydrog ? ? A G  6  N1 ? ? ? 1_555 C C 11 N3 ? ? A G  6  C C 25 1_555 ? ? ? ? ? ? WATSON-CRICK         ? ? ? 
hydrog12 hydrog ? ? A G  6  N2 ? ? ? 1_555 C C 11 O2 ? ? A G  6  C C 25 1_555 ? ? ? ? ? ? WATSON-CRICK         ? ? ? 
hydrog13 hydrog ? ? A G  6  O6 ? ? ? 1_555 C C 11 N4 ? ? A G  6  C C 25 1_555 ? ? ? ? ? ? WATSON-CRICK         ? ? ? 
hydrog14 hydrog ? ? A C  8  N4 ? ? ? 1_555 B A 6  N1 ? ? A C  8  B A 7  1_555 ? ? ? ? ? ? 'C-A MISPAIR'        ? ? ? 
hydrog15 hydrog ? ? A C  9  O2 ? ? ? 1_555 B G 5  N2 ? ? A C  9  B G 6  1_555 ? ? ? ? ? ? 'C-G PAIR'           ? ? ? 
hydrog16 hydrog ? ? A A  10 N1 ? ? ? 1_555 B U 4  N3 ? ? A A  10 B U 5  1_555 ? ? ? ? ? ? WATSON-CRICK         ? ? ? 
hydrog17 hydrog ? ? A A  10 N6 ? ? ? 1_555 B U 4  O4 ? ? A A  10 B U 5  1_555 ? ? ? ? ? ? WATSON-CRICK         ? ? ? 
hydrog18 hydrog ? ? A C  11 O2 ? ? ? 1_555 B G 3  N2 ? ? A C  11 B G 4  1_555 ? ? ? ? ? ? 'C-G PAIR'           ? ? ? 
hydrog19 hydrog ? ? A C  12 N3 ? ? ? 1_555 B G 2  N1 ? ? A C  12 B G 3  1_555 ? ? ? ? ? ? WATSON-CRICK         ? ? ? 
hydrog20 hydrog ? ? A C  12 N4 ? ? ? 1_555 B G 2  O6 ? ? A C  12 B G 3  1_555 ? ? ? ? ? ? WATSON-CRICK         ? ? ? 
hydrog21 hydrog ? ? A C  12 O2 ? ? ? 1_555 B G 2  N2 ? ? A C  12 B G 3  1_555 ? ? ? ? ? ? WATSON-CRICK         ? ? ? 
hydrog22 hydrog ? ? A G  13 N1 ? ? ? 1_555 B C 1  N3 ? ? A G  13 B C 2  1_555 ? ? ? ? ? ? WATSON-CRICK         ? ? ? 
hydrog23 hydrog ? ? A G  13 N2 ? ? ? 1_555 B C 1  O2 ? ? A G  13 B C 2  1_555 ? ? ? ? ? ? WATSON-CRICK         ? ? ? 
hydrog24 hydrog ? ? A G  13 O6 ? ? ? 1_555 B C 1  N4 ? ? A G  13 B C 2  1_555 ? ? ? ? ? ? WATSON-CRICK         ? ? ? 
hydrog25 hydrog ? ? C G  1  N1 ? ? ? 1_555 D C 19 N3 ? ? C G  15 D C 49 1_555 ? ? ? ? ? ? WATSON-CRICK         ? ? ? 
hydrog26 hydrog ? ? C G  1  N2 ? ? ? 1_555 D C 19 O2 ? ? C G  15 D C 49 1_555 ? ? ? ? ? ? WATSON-CRICK         ? ? ? 
hydrog27 hydrog ? ? C G  1  O6 ? ? ? 1_555 D C 19 N4 ? ? C G  15 D C 49 1_555 ? ? ? ? ? ? WATSON-CRICK         ? ? ? 
hydrog28 hydrog ? ? C G  2  N1 ? ? ? 1_555 D C 18 N3 ? ? C G  16 D C 48 1_555 ? ? ? ? ? ? WATSON-CRICK         ? ? ? 
hydrog29 hydrog ? ? C G  2  N2 ? ? ? 1_555 D C 18 O2 ? ? C G  16 D C 48 1_555 ? ? ? ? ? ? WATSON-CRICK         ? ? ? 
hydrog30 hydrog ? ? C G  2  O6 ? ? ? 1_555 D C 18 N4 ? ? C G  16 D C 48 1_555 ? ? ? ? ? ? WATSON-CRICK         ? ? ? 
hydrog31 hydrog ? ? C C  3  N3 ? ? ? 1_555 D G 17 N1 ? ? C C  17 D G 47 1_555 ? ? ? ? ? ? WATSON-CRICK         ? ? ? 
hydrog32 hydrog ? ? C C  3  N4 ? ? ? 1_555 D G 17 O6 ? ? C C  17 D G 47 1_555 ? ? ? ? ? ? WATSON-CRICK         ? ? ? 
hydrog33 hydrog ? ? C C  3  O2 ? ? ? 1_555 D G 17 N2 ? ? C C  17 D G 47 1_555 ? ? ? ? ? ? WATSON-CRICK         ? ? ? 
hydrog34 hydrog ? ? C A  4  N1 ? ? ? 1_555 D U 16 N3 ? ? C A  18 D U 46 1_555 ? ? ? ? ? ? WATSON-CRICK         ? ? ? 
hydrog35 hydrog ? ? C A  4  N6 ? ? ? 1_555 D U 16 O4 ? ? C A  18 D U 46 1_555 ? ? ? ? ? ? WATSON-CRICK         ? ? ? 
hydrog36 hydrog ? ? C G  5  N1 ? ? ? 1_555 D C 15 N3 ? ? C G  19 D C 45 1_555 ? ? ? ? ? ? WATSON-CRICK         ? ? ? 
hydrog37 hydrog ? ? C G  5  N2 ? ? ? 1_555 D C 15 O2 ? ? C G  19 D C 45 1_555 ? ? ? ? ? ? WATSON-CRICK         ? ? ? 
hydrog38 hydrog ? ? C G  5  O6 ? ? ? 1_555 D C 15 N4 ? ? C G  19 D C 45 1_555 ? ? ? ? ? ? WATSON-CRICK         ? ? ? 
hydrog39 hydrog ? ? C A  6  N1 ? ? ? 1_555 D C 14 N4 ? ? C A  20 D C 44 1_555 ? ? ? ? ? ? 'A-C MISPAIR'        ? ? ? 
hydrog40 hydrog ? ? C G  7  N2 ? ? ? 1_555 D A 13 N7 ? ? C G  21 D A 43 1_555 ? ? ? ? ? ? TYPE_11_PAIR         ? ? ? 
hydrog41 hydrog ? ? C G  7  N3 ? ? ? 1_555 D A 13 N6 ? ? C G  21 D A 43 1_555 ? ? ? ? ? ? TYPE_11_PAIR         ? ? ? 
hydrog42 hydrog ? ? C A  8  N6 ? ? ? 1_555 D U 11 O2 ? ? C A  22 D U 41 1_555 ? ? ? ? ? ? 'REVERSED HOOGSTEEN' ? ? ? 
hydrog43 hydrog ? ? C A  8  N7 ? ? ? 1_555 D U 11 N3 ? ? C A  22 D U 41 1_555 ? ? ? ? ? ? 'REVERSED HOOGSTEEN' ? ? ? 
hydrog44 hydrog ? ? C A  9  N6 ? ? ? 1_555 D A 10 N1 ? ? C A  23 D A 40 1_555 ? ? ? ? ? ? 'A-A MISPAIR'        ? ? ? 
hydrog45 hydrog ? ? C A  10 N6 ? ? ? 1_555 D A 8  N7 ? ? C A  24 D A 38 1_555 ? ? ? ? ? ? 'A-A MISPAIR'        ? ? ? 
hydrog46 hydrog ? ? C A  12 N1 ? ? ? 1_555 D G 6  N1 ? ? C A  26 D G 36 1_555 ? ? ? ? ? ? TYPE_8_PAIR          ? ? ? 
hydrog47 hydrog ? ? C A  12 N6 ? ? ? 1_555 D G 6  O6 ? ? C A  26 D G 36 1_555 ? ? ? ? ? ? TYPE_8_PAIR          ? ? ? 
hydrog48 hydrog ? ? C C  13 N3 ? ? ? 1_555 D G 5  N1 ? ? C C  27 D G 35 1_555 ? ? ? ? ? ? WATSON-CRICK         ? ? ? 
hydrog49 hydrog ? ? C C  13 N4 ? ? ? 1_555 D G 5  O6 ? ? C C  27 D G 35 1_555 ? ? ? ? ? ? WATSON-CRICK         ? ? ? 
hydrog50 hydrog ? ? C C  13 O2 ? ? ? 1_555 D G 5  N2 ? ? C C  27 D G 35 1_555 ? ? ? ? ? ? WATSON-CRICK         ? ? ? 
hydrog51 hydrog ? ? C A  14 N1 ? ? ? 1_555 D U 4  N3 ? ? C A  28 D U 34 1_555 ? ? ? ? ? ? WATSON-CRICK         ? ? ? 
hydrog52 hydrog ? ? C A  14 N6 ? ? ? 1_555 D U 4  O4 ? ? C A  28 D U 34 1_555 ? ? ? ? ? ? WATSON-CRICK         ? ? ? 
hydrog53 hydrog ? ? C C  15 N3 ? ? ? 1_555 D G 3  N1 ? ? C C  29 D G 33 1_555 ? ? ? ? ? ? WATSON-CRICK         ? ? ? 
hydrog54 hydrog ? ? C C  15 N4 ? ? ? 1_555 D G 3  O6 ? ? C C  29 D G 33 1_555 ? ? ? ? ? ? WATSON-CRICK         ? ? ? 
hydrog55 hydrog ? ? C C  15 O2 ? ? ? 1_555 D G 3  N2 ? ? C C  29 D G 33 1_555 ? ? ? ? ? ? WATSON-CRICK         ? ? ? 
hydrog56 hydrog ? ? C G  16 N1 ? ? ? 1_555 D C 2  N3 ? ? C G  30 D C 32 1_555 ? ? ? ? ? ? WATSON-CRICK         ? ? ? 
hydrog57 hydrog ? ? C G  16 N2 ? ? ? 1_555 D C 2  O2 ? ? C G  30 D C 32 1_555 ? ? ? ? ? ? WATSON-CRICK         ? ? ? 
hydrog58 hydrog ? ? C G  16 O6 ? ? ? 1_555 D C 2  N4 ? ? C G  30 D C 32 1_555 ? ? ? ? ? ? WATSON-CRICK         ? ? ? 
hydrog59 hydrog ? ? C A  17 N1 ? ? ? 1_555 D U 1  N3 ? ? C A  31 D U 31 1_555 ? ? ? ? ? ? WATSON-CRICK         ? ? ? 
hydrog60 hydrog ? ? C A  17 N6 ? ? ? 1_555 D U 1  O4 ? ? C A  31 D U 31 1_555 ? ? ? ? ? ? WATSON-CRICK         ? ? ? 
# 
_struct_conn_type.id          hydrog 
_struct_conn_type.criteria    ? 
_struct_conn_type.reference   ? 
# 
loop_
_struct_site.id 
_struct_site.pdbx_evidence_code 
_struct_site.pdbx_auth_asym_id 
_struct_site.pdbx_auth_comp_id 
_struct_site.pdbx_auth_seq_id 
_struct_site.pdbx_auth_ins_code 
_struct_site.pdbx_num_residues 
_struct_site.details 
AC1 Software A SO4 21 ? 2 'BINDING SITE FOR RESIDUE SO4 A 21' 
AC2 Software D NCO 11 ? 4 'BINDING SITE FOR RESIDUE NCO D 11' 
AC3 Software B NCO 14 ? 2 'BINDING SITE FOR RESIDUE NCO B 14' 
# 
loop_
_struct_site_gen.id 
_struct_site_gen.site_id 
_struct_site_gen.pdbx_num_res 
_struct_site_gen.label_comp_id 
_struct_site_gen.label_asym_id 
_struct_site_gen.label_seq_id 
_struct_site_gen.pdbx_auth_ins_code 
_struct_site_gen.auth_comp_id 
_struct_site_gen.auth_asym_id 
_struct_site_gen.auth_seq_id 
_struct_site_gen.label_atom_id 
_struct_site_gen.label_alt_id 
_struct_site_gen.symmetry 
_struct_site_gen.details 
1 AC1 2 C   A 2  ? C   A 2  . ? 1_555 ? 
2 AC1 2 HOH H .  ? HOH A 22 . ? 1_555 ? 
3 AC2 4 A   C 6  ? A   C 20 . ? 1_555 ? 
4 AC2 4 G   C 7  ? G   C 21 . ? 1_555 ? 
5 AC2 4 A   D 10 ? A   D 40 . ? 1_555 ? 
6 AC2 4 U   D 11 ? U   D 41 . ? 1_555 ? 
7 AC3 2 G   B 11 ? G   B 12 . ? 1_555 ? 
8 AC3 2 G   B 12 ? G   B 13 . ? 1_555 ? 
# 
_atom_sites.entry_id                    2BCZ 
_atom_sites.fract_transf_matrix[1][1]   -0.01205554 
_atom_sites.fract_transf_matrix[1][2]   0.00019540 
_atom_sites.fract_transf_matrix[1][3]   0.00198941 
_atom_sites.fract_transf_matrix[2][1]   -0.00488069 
_atom_sites.fract_transf_matrix[2][2]   -0.00711517 
_atom_sites.fract_transf_matrix[2][3]   0.00865342 
_atom_sites.fract_transf_matrix[3][1]   0.00096037 
_atom_sites.fract_transf_matrix[3][2]   0.00573418 
_atom_sites.fract_transf_matrix[3][3]   0.00525653 
_atom_sites.fract_transf_vector[1]      0.435004 
_atom_sites.fract_transf_vector[2]      0.206291 
_atom_sites.fract_transf_vector[3]      0.387281 
# 
loop_
_atom_type.symbol 
C  
CO 
N  
O  
P  
S  
# 
loop_
_atom_site.group_PDB 
_atom_site.id 
_atom_site.type_symbol 
_atom_site.label_atom_id 
_atom_site.label_alt_id 
_atom_site.label_comp_id 
_atom_site.label_asym_id 
_atom_site.label_entity_id 
_atom_site.label_seq_id 
_atom_site.pdbx_PDB_ins_code 
_atom_site.Cartn_x 
_atom_site.Cartn_y 
_atom_site.Cartn_z 
_atom_site.occupancy 
_atom_site.B_iso_or_equiv 
_atom_site.pdbx_formal_charge 
_atom_site.auth_seq_id 
_atom_site.auth_comp_id 
_atom_site.auth_asym_id 
_atom_site.auth_atom_id 
_atom_site.pdbx_PDB_model_num 
ATOM   1    O  "O5'" A U   A 1 1  ? -12.552 1.983   15.349  0.50 80.36  ? 1  U   A "O5'" 1 
ATOM   2    O  "O5'" B U   A 1 1  ? -12.204 2.476   15.383  0.50 73.92  ? 1  U   A "O5'" 1 
ATOM   3    C  "C5'" A U   A 1 1  ? -12.718 2.227   16.750  0.50 77.96  ? 1  U   A "C5'" 1 
ATOM   4    C  "C5'" B U   A 1 1  ? -12.760 1.213   15.769  0.50 71.45  ? 1  U   A "C5'" 1 
ATOM   5    C  "C4'" A U   A 1 1  ? -11.912 1.199   17.494  0.50 76.38  ? 1  U   A "C4'" 1 
ATOM   6    C  "C4'" B U   A 1 1  ? -11.952 0.691   16.925  0.50 71.64  ? 1  U   A "C4'" 1 
ATOM   7    O  "O4'" A U   A 1 1  ? -12.620 -0.074  17.511  0.50 78.17  ? 1  U   A "O4'" 1 
ATOM   8    O  "O4'" B U   A 1 1  ? -12.339 -0.683  17.213  0.50 71.72  ? 1  U   A "O4'" 1 
ATOM   9    C  "C3'" A U   A 1 1  ? -10.604 0.881   16.802  0.50 75.31  ? 1  U   A "C3'" 1 
ATOM   10   C  "C3'" B U   A 1 1  ? -10.457 0.623   16.648  0.50 71.27  ? 1  U   A "C3'" 1 
ATOM   11   O  "O3'" A U   A 1 1  ? -9.643  1.859   17.147  0.50 71.72  ? 1  U   A "O3'" 1 
ATOM   12   O  "O3'" B U   A 1 1  ? -9.808  1.854   16.958  0.50 69.89  ? 1  U   A "O3'" 1 
ATOM   13   C  "C2'" A U   A 1 1  ? -10.317 -0.520  17.318  0.50 75.21  ? 1  U   A "C2'" 1 
ATOM   14   C  "C2'" B U   A 1 1  ? -10.007 -0.453  17.616  0.50 70.77  ? 1  U   A "C2'" 1 
ATOM   15   O  "O2'" A U   A 1 1  ? -9.901  -0.540  18.666  0.50 75.92  ? 1  U   A "O2'" 1 
ATOM   16   O  "O2'" B U   A 1 1  ? -9.916  0.064   18.926  0.50 72.56  ? 1  U   A "O2'" 1 
ATOM   17   C  "C1'" A U   A 1 1  ? -11.714 -1.130  17.232  0.50 75.92  ? 1  U   A "C1'" 1 
ATOM   18   C  "C1'" B U   A 1 1  ? -11.182 -1.420  17.551  0.50 70.79  ? 1  U   A "C1'" 1 
ATOM   19   N  N1    A U   A 1 1  ? -12.008 -1.602  15.875  0.50 75.29  ? 1  U   A N1    1 
ATOM   20   N  N1    B U   A 1 1  ? -11.047 -2.519  16.592  0.50 70.06  ? 1  U   A N1    1 
ATOM   21   C  C2    A U   A 1 1  ? -11.500 -2.833  15.479  0.50 75.70  ? 1  U   A C2    1 
ATOM   22   C  C2    B U   A 1 1  ? -11.550 -2.324  15.311  0.50 70.00  ? 1  U   A C2    1 
ATOM   23   O  O2    A U   A 1 1  ? -10.824 -3.556  16.213  0.50 75.95  ? 1  U   A O2    1 
ATOM   24   O  O2    B U   A 1 1  ? -12.091 -1.283  14.946  0.50 71.09  ? 1  U   A O2    1 
ATOM   25   N  N3    A U   A 1 1  ? -11.811 -3.185  14.187  0.50 75.06  ? 1  U   A N3    1 
ATOM   26   N  N3    B U   A 1 1  ? -11.411 -3.403  14.481  0.50 68.18  ? 1  U   A N3    1 
ATOM   27   C  C4    A U   A 1 1  ? -12.556 -2.452  13.287  0.50 74.40  ? 1  U   A C4    1 
ATOM   28   C  C4    B U   A 1 1  ? -10.843 -4.617  14.802  0.50 66.76  ? 1  U   A C4    1 
ATOM   29   O  O4    A U   A 1 1  ? -12.770 -2.915  12.176  0.50 75.84  ? 1  U   A O4    1 
ATOM   30   O  O4    B U   A 1 1  ? -10.937 -5.528  14.002  0.50 63.82  ? 1  U   A O4    1 
ATOM   31   C  C5    A U   A 1 1  ? -13.038 -1.200  13.777  0.50 74.23  ? 1  U   A C5    1 
ATOM   32   C  C5    B U   A 1 1  ? -10.317 -4.728  16.121  0.50 66.65  ? 1  U   A C5    1 
ATOM   33   C  C6    A U   A 1 1  ? -12.759 -0.829  15.022  0.50 74.22  ? 1  U   A C6    1 
ATOM   34   C  C6    B U   A 1 1  ? -10.435 -3.703  16.954  0.50 68.76  ? 1  U   A C6    1 
ATOM   35   P  P     . C   A 1 2  ? -8.568  2.346   16.054  1.00 69.02  ? 2  C   A P     1 
ATOM   36   O  OP1   . C   A 1 2  ? -7.650  3.153   16.892  1.00 65.89  ? 2  C   A OP1   1 
ATOM   37   O  OP2   . C   A 1 2  ? -9.197  2.960   14.840  1.00 64.59  ? 2  C   A OP2   1 
ATOM   38   O  "O5'" . C   A 1 2  ? -7.835  0.993   15.627  1.00 58.69  ? 2  C   A "O5'" 1 
ATOM   39   C  "C5'" . C   A 1 2  ? -7.102  0.269   16.582  1.00 49.56  ? 2  C   A "C5'" 1 
ATOM   40   C  "C4'" . C   A 1 2  ? -6.576  -0.999  15.992  1.00 51.53  ? 2  C   A "C4'" 1 
ATOM   41   O  "O4'" . C   A 1 2  ? -7.687  -1.840  15.605  1.00 59.48  ? 2  C   A "O4'" 1 
ATOM   42   C  "C3'" . C   A 1 2  ? -5.813  -0.817  14.704  1.00 53.77  ? 2  C   A "C3'" 1 
ATOM   43   O  "O3'" . C   A 1 2  ? -4.482  -0.420  14.959  1.00 54.87  ? 2  C   A "O3'" 1 
ATOM   44   C  "C2'" . C   A 1 2  ? -5.918  -2.199  14.073  1.00 55.66  ? 2  C   A "C2'" 1 
ATOM   45   O  "O2'" . C   A 1 2  ? -5.060  -3.153  14.647  1.00 56.87  ? 2  C   A "O2'" 1 
ATOM   46   C  "C1'" . C   A 1 2  ? -7.348  -2.582  14.440  1.00 56.37  ? 2  C   A "C1'" 1 
ATOM   47   N  N1    . C   A 1 2  ? -8.268  -2.216  13.355  1.00 54.89  ? 2  C   A N1    1 
ATOM   48   C  C2    . C   A 1 2  ? -8.314  -3.045  12.208  1.00 53.46  ? 2  C   A C2    1 
ATOM   49   O  O2    . C   A 1 2  ? -7.640  -4.092  12.202  1.00 52.39  ? 2  C   A O2    1 
ATOM   50   N  N3    . C   A 1 2  ? -9.086  -2.686  11.154  1.00 52.49  ? 2  C   A N3    1 
ATOM   51   C  C4    . C   A 1 2  ? -9.804  -1.568  11.220  1.00 54.54  ? 2  C   A C4    1 
ATOM   52   N  N4    . C   A 1 2  ? -10.541 -1.240  10.154  1.00 55.35  ? 2  C   A N4    1 
ATOM   53   C  C5    . C   A 1 2  ? -9.801  -0.724  12.391  1.00 56.05  ? 2  C   A C5    1 
ATOM   54   C  C6    . C   A 1 2  ? -9.033  -1.089  13.425  1.00 53.04  ? 2  C   A C6    1 
ATOM   55   P  P     . C   A 1 3  ? -3.690  0.433   13.858  1.00 53.87  ? 3  C   A P     1 
ATOM   56   O  OP1   . C   A 1 3  ? -2.396  0.901   14.458  1.00 54.61  ? 3  C   A OP1   1 
ATOM   57   O  OP2   . C   A 1 3  ? -4.658  1.435   13.347  1.00 48.95  ? 3  C   A OP2   1 
ATOM   58   O  "O5'" . C   A 1 3  ? -3.351  -0.667  12.759  1.00 46.72  ? 3  C   A "O5'" 1 
ATOM   59   C  "C5'" . C   A 1 3  ? -2.629  -1.799  13.159  1.00 46.56  ? 3  C   A "C5'" 1 
ATOM   60   C  "C4'" . C   A 1 3  ? -2.278  -2.645  11.980  1.00 54.77  ? 3  C   A "C4'" 1 
ATOM   61   O  "O4'" . C   A 1 3  ? -3.448  -3.360  11.513  1.00 57.96  ? 3  C   A "O4'" 1 
ATOM   62   C  "C3'" . C   A 1 3  ? -1.773  -1.886  10.782  1.00 56.69  ? 3  C   A "C3'" 1 
ATOM   63   O  "O3'" . C   A 1 3  ? -0.393  -1.577  10.973  1.00 60.95  ? 3  C   A "O3'" 1 
ATOM   64   C  "C2'" . C   A 1 3  ? -2.081  -2.873  9.656   1.00 56.28  ? 3  C   A "C2'" 1 
ATOM   65   O  "O2'" . C   A 1 3  ? -1.229  -3.997  9.684   1.00 58.37  ? 3  C   A "O2'" 1 
ATOM   66   C  "C1'" . C   A 1 3  ? -3.433  -3.426  10.100  1.00 54.83  ? 3  C   A "C1'" 1 
ATOM   67   N  N1    . C   A 1 3  ? -4.612  -2.692  9.592   1.00 51.06  ? 3  C   A N1    1 
ATOM   68   C  C2    . C   A 1 3  ? -5.101  -2.983  8.304   1.00 47.91  ? 3  C   A C2    1 
ATOM   69   O  O2    . C   A 1 3  ? -4.511  -3.815  7.628   1.00 49.54  ? 3  C   A O2    1 
ATOM   70   N  N3    . C   A 1 3  ? -6.202  -2.357  7.845   1.00 47.16  ? 3  C   A N3    1 
ATOM   71   C  C4    . C   A 1 3  ? -6.831  -1.465  8.633   1.00 51.19  ? 3  C   A C4    1 
ATOM   72   N  N4    . C   A 1 3  ? -7.953  -0.870  8.175   1.00 49.76  ? 3  C   A N4    1 
ATOM   73   C  C5    . C   A 1 3  ? -6.347  -1.138  9.942   1.00 51.86  ? 3  C   A C5    1 
ATOM   74   C  C6    . C   A 1 3  ? -5.238  -1.762  10.371  1.00 50.72  ? 3  C   A C6    1 
ATOM   75   P  P     . C   A 1 4  ? 0.328   -0.517  10.002  1.00 61.12  ? 4  C   A P     1 
ATOM   76   O  OP1   . C   A 1 4  ? 1.778   -0.365  10.306  1.00 62.39  ? 4  C   A OP1   1 
ATOM   77   O  OP2   . C   A 1 4  ? -0.538  0.702   9.960   1.00 61.83  ? 4  C   A OP2   1 
ATOM   78   O  "O5'" . C   A 1 4  ? 0.251   -1.308  8.628   1.00 65.12  ? 4  C   A "O5'" 1 
ATOM   79   C  "C5'" . C   A 1 4  ? 0.781   -0.747  7.475   1.00 62.75  ? 4  C   A "C5'" 1 
ATOM   80   C  "C4'" . C   A 1 4  ? 0.208   -1.403  6.271   1.00 61.53  ? 4  C   A "C4'" 1 
ATOM   81   O  "O4'" . C   A 1 4  ? -1.167  -1.781  6.488   1.00 60.37  ? 4  C   A "O4'" 1 
ATOM   82   C  "C3'" . C   A 1 4  ? 0.147   -0.389  5.162   1.00 62.82  ? 4  C   A "C3'" 1 
ATOM   83   O  "O3'" . C   A 1 4  ? 1.447   -0.370  4.628   1.00 64.78  ? 4  C   A "O3'" 1 
ATOM   84   C  "C2'" . C   A 1 4  ? -0.941  -0.950  4.259   1.00 62.62  ? 4  C   A "C2'" 1 
ATOM   85   O  "O2'" . C   A 1 4  ? -0.509  -1.953  3.359   1.00 67.13  ? 4  C   A "O2'" 1 
ATOM   86   C  "C1'" . C   A 1 4  ? -1.887  -1.573  5.285   1.00 59.67  ? 4  C   A "C1'" 1 
ATOM   87   N  N1    . C   A 1 4  ? -3.082  -0.775  5.568   1.00 56.81  ? 4  C   A N1    1 
ATOM   88   C  C2    . C   A 1 4  ? -4.076  -0.731  4.609   1.00 56.30  ? 4  C   A C2    1 
ATOM   89   O  O2    . C   A 1 4  ? -3.864  -1.283  3.525   1.00 59.57  ? 4  C   A O2    1 
ATOM   90   N  N3    . C   A 1 4  ? -5.233  -0.084  4.871   1.00 54.52  ? 4  C   A N3    1 
ATOM   91   C  C4    . C   A 1 4  ? -5.387  0.541   6.037   1.00 54.57  ? 4  C   A C4    1 
ATOM   92   N  N4    . C   A 1 4  ? -6.547  1.174   6.272   1.00 53.83  ? 4  C   A N4    1 
ATOM   93   C  C5    . C   A 1 4  ? -4.365  0.548   7.019   1.00 54.74  ? 4  C   A C5    1 
ATOM   94   C  C6    . C   A 1 4  ? -3.235  -0.117  6.746   1.00 55.99  ? 4  C   A C6    1 
ATOM   95   P  P     . DA  A 1 5  ? 2.361   0.928   4.833   1.00 66.39  ? 5  DA  A P     1 
ATOM   96   O  OP1   . DA  A 1 5  ? 3.763   0.517   4.517   1.00 65.24  ? 5  DA  A OP1   1 
ATOM   97   O  OP2   . DA  A 1 5  ? 2.068   1.612   6.107   1.00 66.10  ? 5  DA  A OP2   1 
ATOM   98   O  "O5'" . DA  A 1 5  ? 1.787   1.906   3.728   1.00 66.01  ? 5  DA  A "O5'" 1 
ATOM   99   C  "C5'" . DA  A 1 5  ? 1.580   1.445   2.397   1.00 64.81  ? 5  DA  A "C5'" 1 
ATOM   100  C  "C4'" . DA  A 1 5  ? 0.760   2.460   1.651   1.00 64.90  ? 5  DA  A "C4'" 1 
ATOM   101  O  "O4'" . DA  A 1 5  ? -0.493  2.535   2.361   1.00 65.12  ? 5  DA  A "O4'" 1 
ATOM   102  C  "C3'" . DA  A 1 5  ? 1.374   3.856   1.731   1.00 69.24  ? 5  DA  A "C3'" 1 
ATOM   103  O  "O3'" . DA  A 1 5  ? 1.284   4.597   0.508   1.00 78.21  ? 5  DA  A "O3'" 1 
ATOM   104  C  "C2'" . DA  A 1 5  ? 0.598   4.556   2.829   1.00 66.14  ? 5  DA  A "C2'" 1 
ATOM   105  C  "C1'" . DA  A 1 5  ? -0.740  3.859   2.807   1.00 65.61  ? 5  DA  A "C1'" 1 
ATOM   106  N  N9    . DA  A 1 5  ? -1.362  3.758   4.120   1.00 64.46  ? 5  DA  A N9    1 
ATOM   107  C  C8    . DA  A 1 5  ? -0.807  3.233   5.261   1.00 65.79  ? 5  DA  A C8    1 
ATOM   108  N  N7    . DA  A 1 5  ? -1.613  3.266   6.300   1.00 65.87  ? 5  DA  A N7    1 
ATOM   109  C  C5    . DA  A 1 5  ? -2.772  3.842   5.803   1.00 63.16  ? 5  DA  A C5    1 
ATOM   110  C  C6    . DA  A 1 5  ? -4.001  4.141   6.407   1.00 63.44  ? 5  DA  A C6    1 
ATOM   111  N  N6    . DA  A 1 5  ? -4.265  3.865   7.677   1.00 66.98  ? 5  DA  A N6    1 
ATOM   112  N  N1    . DA  A 1 5  ? -4.957  4.732   5.652   1.00 62.62  ? 5  DA  A N1    1 
ATOM   113  C  C2    . DA  A 1 5  ? -4.676  4.978   4.362   1.00 63.45  ? 5  DA  A C2    1 
ATOM   114  N  N3    . DA  A 1 5  ? -3.550  4.727   3.673   1.00 63.27  ? 5  DA  A N3    1 
ATOM   115  C  C4    . DA  A 1 5  ? -2.630  4.156   4.465   1.00 63.35  ? 5  DA  A C4    1 
ATOM   116  P  P     . G   A 1 6  ? 2.325   5.785   0.282   1.00 80.83  ? 6  G   A P     1 
ATOM   117  O  OP1   . G   A 1 6  ? 3.681   5.153   0.427   1.00 72.48  ? 6  G   A OP1   1 
ATOM   118  O  OP2   . G   A 1 6  ? 1.843   6.821   1.245   1.00 78.96  ? 6  G   A OP2   1 
ATOM   119  O  "O5'" . G   A 1 6  ? 2.057   6.464   -1.141  1.00 79.22  ? 6  G   A "O5'" 1 
ATOM   120  C  "C5'" . G   A 1 6  ? 1.664   5.730   -2.284  1.00 76.04  ? 6  G   A "C5'" 1 
ATOM   121  C  "C4'" . G   A 1 6  ? 2.237   6.377   -3.522  1.00 73.32  ? 6  G   A "C4'" 1 
ATOM   122  O  "O4'" . G   A 1 6  ? 2.577   5.332   -4.448  1.00 68.14  ? 6  G   A "O4'" 1 
ATOM   123  C  "C3'" . G   A 1 6  ? 1.292   7.346   -4.238  1.00 71.92  ? 6  G   A "C3'" 1 
ATOM   124  O  "O3'" . G   A 1 6  ? 2.001   8.504   -4.749  1.00 75.55  ? 6  G   A "O3'" 1 
ATOM   125  C  "C2'" . G   A 1 6  ? 0.659   6.498   -5.339  1.00 71.31  ? 6  G   A "C2'" 1 
ATOM   126  O  "O2'" . G   A 1 6  ? 0.651   7.257   -6.534  1.00 81.34  ? 6  G   A "O2'" 1 
ATOM   127  C  "C1'" . G   A 1 6  ? 1.712   5.390   -5.533  1.00 69.01  ? 6  G   A "C1'" 1 
ATOM   128  N  N9    . G   A 1 6  ? 1.364   4.034   -5.941  1.00 64.82  ? 6  G   A N9    1 
ATOM   129  C  C8    . G   A 1 6  ? 2.175   3.179   -6.652  1.00 65.48  ? 6  G   A C8    1 
ATOM   130  N  N7    . G   A 1 6  ? 1.578   2.071   -6.996  1.00 63.76  ? 6  G   A N7    1 
ATOM   131  C  C5    . G   A 1 6  ? 0.303   2.201   -6.470  1.00 62.42  ? 6  G   A C5    1 
ATOM   132  C  C6    . G   A 1 6  ? -0.824  1.341   -6.578  1.00 62.12  ? 6  G   A C6    1 
ATOM   133  O  O6    . G   A 1 6  ? -0.942  0.302   -7.251  1.00 61.62  ? 6  G   A O6    1 
ATOM   134  N  N1    . G   A 1 6  ? -1.903  1.816   -5.838  1.00 59.85  ? 6  G   A N1    1 
ATOM   135  C  C2    . G   A 1 6  ? -1.903  2.990   -5.127  1.00 60.89  ? 6  G   A C2    1 
ATOM   136  N  N2    . G   A 1 6  ? -3.029  3.262   -4.462  1.00 58.94  ? 6  G   A N2    1 
ATOM   137  N  N3    . G   A 1 6  ? -0.872  3.836   -5.070  1.00 61.06  ? 6  G   A N3    1 
ATOM   138  C  C4    . G   A 1 6  ? 0.181   3.380   -5.761  1.00 62.52  ? 6  G   A C4    1 
ATOM   139  P  P     . U   A 1 7  ? 1.621   10.013  -4.281  1.00 77.44  ? 7  U   A P     1 
ATOM   140  O  OP1   . U   A 1 7  ? 2.469   10.895  -5.113  1.00 76.30  ? 7  U   A OP1   1 
ATOM   141  O  OP2   . U   A 1 7  ? 1.707   10.126  -2.799  1.00 76.85  ? 7  U   A OP2   1 
ATOM   142  O  "O5'" . U   A 1 7  ? 0.119   10.257  -4.745  1.00 71.22  ? 7  U   A "O5'" 1 
ATOM   143  C  "C5'" . U   A 1 7  ? -0.146  10.750  -6.050  1.00 72.35  ? 7  U   A "C5'" 1 
ATOM   144  C  "C4'" . U   A 1 7  ? -1.527  11.335  -6.121  1.00 72.73  ? 7  U   A "C4'" 1 
ATOM   145  O  "O4'" . U   A 1 7  ? -2.479  10.316  -5.717  1.00 74.55  ? 7  U   A "O4'" 1 
ATOM   146  C  "C3'" . U   A 1 7  ? -1.773  12.487  -5.170  1.00 73.25  ? 7  U   A "C3'" 1 
ATOM   147  O  "O3'" . U   A 1 7  ? -1.369  13.706  -5.767  1.00 76.28  ? 7  U   A "O3'" 1 
ATOM   148  C  "C2'" . U   A 1 7  ? -3.287  12.434  -4.977  1.00 72.98  ? 7  U   A "C2'" 1 
ATOM   149  O  "O2'" . U   A 1 7  ? -4.027  13.094  -5.990  1.00 68.20  ? 7  U   A "O2'" 1 
ATOM   150  C  "C1'" . U   A 1 7  ? -3.543  10.919  -4.990  1.00 74.32  ? 7  U   A "C1'" 1 
ATOM   151  N  N1    . U   A 1 7  ? -3.560  10.335  -3.642  1.00 73.16  ? 7  U   A N1    1 
ATOM   152  C  C2    . U   A 1 7  ? -4.744  10.399  -2.933  1.00 74.38  ? 7  U   A C2    1 
ATOM   153  O  O2    . U   A 1 7  ? -5.776  10.868  -3.414  1.00 75.56  ? 7  U   A O2    1 
ATOM   154  N  N3    . U   A 1 7  ? -4.688  9.888   -1.653  1.00 74.51  ? 7  U   A N3    1 
ATOM   155  C  C4    . U   A 1 7  ? -3.592  9.310   -1.040  1.00 73.30  ? 7  U   A C4    1 
ATOM   156  O  O4    . U   A 1 7  ? -3.707  8.847   0.095   1.00 74.60  ? 7  U   A O4    1 
ATOM   157  C  C5    . U   A 1 7  ? -2.410  9.260   -1.852  1.00 72.23  ? 7  U   A C5    1 
ATOM   158  C  C6    . U   A 1 7  ? -2.432  9.759   -3.092  1.00 72.84  ? 7  U   A C6    1 
ATOM   159  P  P     . C   A 1 8  ? -1.008  14.973  -4.836  1.00 83.62  ? 8  C   A P     1 
ATOM   160  O  OP1   . C   A 1 8  ? -0.961  16.170  -5.725  1.00 83.38  ? 8  C   A OP1   1 
ATOM   161  O  OP2   . C   A 1 8  ? 0.199   14.593  -4.040  1.00 75.43  ? 8  C   A OP2   1 
ATOM   162  O  "O5'" . C   A 1 8  ? -2.291  15.170  -3.897  1.00 79.77  ? 8  C   A "O5'" 1 
ATOM   163  C  "C5'" . C   A 1 8  ? -3.514  15.610  -4.457  1.00 81.21  ? 8  C   A "C5'" 1 
ATOM   164  C  "C4'" . C   A 1 8  ? -4.562  15.783  -3.389  1.00 86.02  ? 8  C   A "C4'" 1 
ATOM   165  O  "O4'" . C   A 1 8  ? -4.999  14.488  -2.907  1.00 86.45  ? 8  C   A "O4'" 1 
ATOM   166  C  "C3'" . C   A 1 8  ? -4.096  16.503  -2.137  1.00 88.46  ? 8  C   A "C3'" 1 
ATOM   167  O  "O3'" . C   A 1 8  ? -4.146  17.908  -2.314  1.00 95.34  ? 8  C   A "O3'" 1 
ATOM   168  C  "C2'" . C   A 1 8  ? -5.102  16.030  -1.100  1.00 87.39  ? 8  C   A "C2'" 1 
ATOM   169  O  "O2'" . C   A 1 8  ? -6.325  16.732  -1.174  1.00 88.35  ? 8  C   A "O2'" 1 
ATOM   170  C  "C1'" . C   A 1 8  ? -5.307  14.577  -1.525  1.00 86.36  ? 8  C   A "C1'" 1 
ATOM   171  N  N1    . C   A 1 8  ? -4.393  13.704  -0.796  1.00 84.87  ? 8  C   A N1    1 
ATOM   172  C  C2    . C   A 1 8  ? -4.717  13.341  0.516   1.00 85.41  ? 8  C   A C2    1 
ATOM   173  O  O2    . C   A 1 8  ? -5.803  13.735  1.000   1.00 87.97  ? 8  C   A O2    1 
ATOM   174  N  N3    . C   A 1 8  ? -3.848  12.583  1.225   1.00 84.41  ? 8  C   A N3    1 
ATOM   175  C  C4    . C   A 1 8  ? -2.701  12.196  0.665   1.00 83.44  ? 8  C   A C4    1 
ATOM   176  N  N4    . C   A 1 8  ? -1.850  11.483  1.409   1.00 83.61  ? 8  C   A N4    1 
ATOM   177  C  C5    . C   A 1 8  ? -2.367  12.529  -0.681  1.00 83.18  ? 8  C   A C5    1 
ATOM   178  C  C6    . C   A 1 8  ? -3.235  13.272  -1.369  1.00 82.62  ? 8  C   A C6    1 
ATOM   179  P  P     . C   A 1 9  ? -3.038  18.830  -1.608  1.00 99.00  ? 9  C   A P     1 
ATOM   180  O  OP1   . C   A 1 9  ? -3.308  20.225  -2.045  1.00 99.14  ? 9  C   A OP1   1 
ATOM   181  O  OP2   . C   A 1 9  ? -1.691  18.220  -1.855  1.00 95.98  ? 9  C   A OP2   1 
ATOM   182  O  "O5'" . C   A 1 9  ? -3.421  18.714  -0.066  1.00 98.54  ? 9  C   A "O5'" 1 
ATOM   183  C  "C5'" . C   A 1 9  ? -4.716  19.105  0.388   1.00 98.70  ? 9  C   A "C5'" 1 
ATOM   184  C  "C4'" . C   A 1 9  ? -4.808  18.961  1.892   1.00 102.00 ? 9  C   A "C4'" 1 
ATOM   185  O  "O4'" . C   A 1 9  ? -4.849  17.549  2.241   1.00 101.63 ? 9  C   A "O4'" 1 
ATOM   186  C  "C3'" . C   A 1 9  ? -3.617  19.503  2.682   1.00 104.76 ? 9  C   A "C3'" 1 
ATOM   187  O  "O3'" . C   A 1 9  ? -3.675  20.919  2.886   1.00 107.15 ? 9  C   A "O3'" 1 
ATOM   188  C  "C2'" . C   A 1 9  ? -3.703  18.702  3.980   1.00 102.36 ? 9  C   A "C2'" 1 
ATOM   189  O  "O2'" . C   A 1 9  ? -4.674  19.197  4.880   1.00 102.05 ? 9  C   A "O2'" 1 
ATOM   190  C  "C1'" . C   A 1 9  ? -4.146  17.336  3.457   1.00 99.48  ? 9  C   A "C1'" 1 
ATOM   191  N  N1    . C   A 1 9  ? -2.994  16.464  3.191   1.00 96.89  ? 9  C   A N1    1 
ATOM   192  C  C2    . C   A 1 9  ? -2.358  15.877  4.271   1.00 95.96  ? 9  C   A C2    1 
ATOM   193  O  O2    . C   A 1 9  ? -2.779  16.124  5.400   1.00 97.15  ? 9  C   A O2    1 
ATOM   194  N  N3    . C   A 1 9  ? -1.296  15.062  4.067   1.00 94.97  ? 9  C   A N3    1 
ATOM   195  C  C4    . C   A 1 9  ? -0.861  14.842  2.830   1.00 94.38  ? 9  C   A C4    1 
ATOM   196  N  N4    . C   A 1 9  ? 0.202   14.051  2.672   1.00 94.05  ? 9  C   A N4    1 
ATOM   197  C  C5    . C   A 1 9  ? -1.494  15.430  1.695   1.00 95.33  ? 9  C   A C5    1 
ATOM   198  C  C6    . C   A 1 9  ? -2.550  16.231  1.920   1.00 96.13  ? 9  C   A C6    1 
ATOM   199  P  P     . A   A 1 10 ? -2.317  21.750  3.160   1.00 107.20 ? 10 A   A P     1 
ATOM   200  O  OP1   . A   A 1 10 ? -2.740  23.166  3.263   1.00 108.07 ? 10 A   A OP1   1 
ATOM   201  O  OP2   . A   A 1 10 ? -1.226  21.367  2.223   1.00 103.72 ? 10 A   A OP2   1 
ATOM   202  O  "O5'" . A   A 1 10 ? -1.854  21.263  4.599   1.00 109.89 ? 10 A   A "O5'" 1 
ATOM   203  C  "C5'" . A   A 1 10 ? -2.646  21.537  5.744   1.00 114.43 ? 10 A   A "C5'" 1 
ATOM   204  C  "C4'" . A   A 1 10 ? -1.930  21.069  6.982   1.00 117.67 ? 10 A   A "C4'" 1 
ATOM   205  O  "O4'" . A   A 1 10 ? -1.850  19.614  6.962   1.00 117.34 ? 10 A   A "O4'" 1 
ATOM   206  C  "C3'" . A   A 1 10 ? -0.473  21.506  7.066   1.00 120.50 ? 10 A   A "C3'" 1 
ATOM   207  O  "O3'" . A   A 1 10 ? -0.298  22.829  7.557   1.00 123.14 ? 10 A   A "O3'" 1 
ATOM   208  C  "C2'" . A   A 1 10 ? 0.127   20.459  7.997   1.00 119.51 ? 10 A   A "C2'" 1 
ATOM   209  O  "O2'" . A   A 1 10 ? -0.125  20.746  9.361   1.00 119.94 ? 10 A   A "O2'" 1 
ATOM   210  C  "C1'" . A   A 1 10 ? -0.618  19.196  7.550   1.00 116.99 ? 10 A   A "C1'" 1 
ATOM   211  N  N9    . A   A 1 10 ? 0.136   18.402  6.573   1.00 114.21 ? 10 A   A N9    1 
ATOM   212  C  C8    . A   A 1 10 ? 0.006   18.390  5.208   1.00 113.48 ? 10 A   A C8    1 
ATOM   213  N  N7    . A   A 1 10 ? 0.833   17.570  4.603   1.00 112.88 ? 10 A   A N7    1 
ATOM   214  C  C5    . A   A 1 10 ? 1.556   16.996  5.639   1.00 112.69 ? 10 A   A C5    1 
ATOM   215  C  C6    . A   A 1 10 ? 2.589   16.021  5.661   1.00 112.73 ? 10 A   A C6    1 
ATOM   216  N  N6    . A   A 1 10 ? 3.076   15.427  4.571   1.00 112.52 ? 10 A   A N6    1 
ATOM   217  N  N1    . A   A 1 10 ? 3.100   15.673  6.862   1.00 112.54 ? 10 A   A N1    1 
ATOM   218  C  C2    . A   A 1 10 ? 2.599   16.256  7.959   1.00 114.08 ? 10 A   A C2    1 
ATOM   219  N  N3    . A   A 1 10 ? 1.625   17.176  8.068   1.00 114.26 ? 10 A   A N3    1 
ATOM   220  C  C4    . A   A 1 10 ? 1.142   17.504  6.858   1.00 113.52 ? 10 A   A C4    1 
ATOM   221  P  P     . C   A 1 11 ? 1.080   23.608  7.252   1.00 127.67 ? 11 C   A P     1 
ATOM   222  O  OP1   . C   A 1 11 ? 0.907   24.986  7.774   1.00 128.24 ? 11 C   A OP1   1 
ATOM   223  O  OP2   . C   A 1 11 ? 1.443   23.404  5.820   1.00 126.75 ? 11 C   A OP2   1 
ATOM   224  O  "O5'" . C   A 1 11 ? 2.171   22.858  8.145   1.00 125.67 ? 11 C   A "O5'" 1 
ATOM   225  C  "C5'" . C   A 1 11 ? 2.233   23.079  9.548   1.00 126.62 ? 11 C   A "C5'" 1 
ATOM   226  C  "C4'" . C   A 1 11 ? 3.326   22.247  10.162  1.00 128.68 ? 11 C   A "C4'" 1 
ATOM   227  O  "O4'" . C   A 1 11 ? 3.050   20.845  9.881   1.00 129.94 ? 11 C   A "O4'" 1 
ATOM   228  C  "C3'" . C   A 1 11 ? 4.715   22.451  9.584   1.00 130.83 ? 11 C   A "C3'" 1 
ATOM   229  O  "O3'" . C   A 1 11 ? 5.416   23.568  10.110  1.00 131.60 ? 11 C   A "O3'" 1 
ATOM   230  C  "C2'" . C   A 1 11 ? 5.402   21.137  9.930   1.00 131.28 ? 11 C   A "C2'" 1 
ATOM   231  O  "O2'" . C   A 1 11 ? 5.849   21.088  11.275  1.00 131.10 ? 11 C   A "O2'" 1 
ATOM   232  C  "C1'" . C   A 1 11 ? 4.269   20.140  9.681   1.00 129.81 ? 11 C   A "C1'" 1 
ATOM   233  N  N1    . C   A 1 11 ? 4.310   19.660  8.287   1.00 129.49 ? 11 C   A N1    1 
ATOM   234  C  C2    . C   A 1 11 ? 5.209   18.624  7.946   1.00 129.28 ? 11 C   A C2    1 
ATOM   235  O  O2    . C   A 1 11 ? 5.885   18.090  8.843   1.00 127.75 ? 11 C   A O2    1 
ATOM   236  N  N3    . C   A 1 11 ? 5.310   18.236  6.648   1.00 129.62 ? 11 C   A N3    1 
ATOM   237  C  C4    . C   A 1 11 ? 4.556   18.829  5.711   1.00 129.97 ? 11 C   A C4    1 
ATOM   238  N  N4    . C   A 1 11 ? 4.717   18.445  4.436   1.00 129.57 ? 11 C   A N4    1 
ATOM   239  C  C5    . C   A 1 11 ? 3.606   19.851  6.040   1.00 129.71 ? 11 C   A C5    1 
ATOM   240  C  C6    . C   A 1 11 ? 3.517   20.229  7.326   1.00 129.35 ? 11 C   A C6    1 
ATOM   241  P  P     . C   A 1 12 ? 6.662   24.168  9.280   1.00 133.16 ? 12 C   A P     1 
ATOM   242  O  OP1   . C   A 1 12 ? 7.153   25.374  9.992   1.00 134.16 ? 12 C   A OP1   1 
ATOM   243  O  OP2   . C   A 1 12 ? 6.216   24.283  7.863   1.00 132.48 ? 12 C   A OP2   1 
ATOM   244  O  "O5'" . C   A 1 12 ? 7.789   23.038  9.373   1.00 127.86 ? 12 C   A "O5'" 1 
ATOM   245  C  "C5'" . C   A 1 12 ? 8.366   22.700  10.626  1.00 124.50 ? 12 C   A "C5'" 1 
ATOM   246  C  "C4'" . C   A 1 12 ? 9.432   21.645  10.455  1.00 123.95 ? 12 C   A "C4'" 1 
ATOM   247  O  "O4'" . C   A 1 12 ? 8.826   20.441  9.915   1.00 123.10 ? 12 C   A "O4'" 1 
ATOM   248  C  "C3'" . C   A 1 12 ? 10.523  21.963  9.447   1.00 124.47 ? 12 C   A "C3'" 1 
ATOM   249  O  "O3'" . C   A 1 12 ? 11.550  22.780  9.967   1.00 127.98 ? 12 C   A "O3'" 1 
ATOM   250  C  "C2'" . C   A 1 12 ? 11.044  20.582  9.074   1.00 122.24 ? 12 C   A "C2'" 1 
ATOM   251  O  "O2'" . C   A 1 12 ? 11.943  20.037  10.028  1.00 119.51 ? 12 C   A "O2'" 1 
ATOM   252  C  "C1'" . C   A 1 12 ? 9.745   19.781  9.045   1.00 120.88 ? 12 C   A "C1'" 1 
ATOM   253  N  N1    . C   A 1 12 ? 9.159   19.727  7.689   1.00 119.02 ? 12 C   A N1    1 
ATOM   254  C  C2    . C   A 1 12 ? 9.718   18.841  6.725   1.00 117.21 ? 12 C   A C2    1 
ATOM   255  O  O2    . C   A 1 12 ? 10.680  18.114  7.047   1.00 114.62 ? 12 C   A O2    1 
ATOM   256  N  N3    . C   A 1 12 ? 9.185   18.810  5.471   1.00 116.27 ? 12 C   A N3    1 
ATOM   257  C  C4    . C   A 1 12 ? 8.146   19.604  5.164   1.00 116.62 ? 12 C   A C4    1 
ATOM   258  N  N4    . C   A 1 12 ? 7.657   19.548  3.920   1.00 115.69 ? 12 C   A N4    1 
ATOM   259  C  C5    . C   A 1 12 ? 7.561   20.495  6.122   1.00 117.15 ? 12 C   A C5    1 
ATOM   260  C  C6    . C   A 1 12 ? 8.093   20.524  7.358   1.00 118.24 ? 12 C   A C6    1 
ATOM   261  P  P     . G   A 1 13 ? 12.484  23.600  8.952   1.00 129.37 ? 13 G   A P     1 
ATOM   262  O  OP1   . G   A 1 13 ? 13.396  24.441  9.775   1.00 130.96 ? 13 G   A OP1   1 
ATOM   263  O  OP2   . G   A 1 13 ? 11.591  24.234  7.943   1.00 128.82 ? 13 G   A OP2   1 
ATOM   264  O  "O5'" . G   A 1 13 ? 13.355  22.475  8.237   1.00 124.99 ? 13 G   A "O5'" 1 
ATOM   265  C  "C5'" . G   A 1 13 ? 14.332  21.754  8.970   1.00 122.36 ? 13 G   A "C5'" 1 
ATOM   266  C  "C4'" . G   A 1 13 ? 15.073  20.833  8.048   1.00 122.15 ? 13 G   A "C4'" 1 
ATOM   267  O  "O4'" . G   A 1 13 ? 14.139  19.860  7.520   1.00 121.44 ? 13 G   A "O4'" 1 
ATOM   268  C  "C3'" . G   A 1 13 ? 15.634  21.504  6.802   1.00 122.04 ? 13 G   A "C3'" 1 
ATOM   269  O  "O3'" . G   A 1 13 ? 16.855  22.189  7.024   1.00 124.02 ? 13 G   A "O3'" 1 
ATOM   270  C  "C2'" . G   A 1 13 ? 15.749  20.341  5.828   1.00 121.00 ? 13 G   A "C2'" 1 
ATOM   271  O  "O2'" . G   A 1 13 ? 16.884  19.520  6.058   1.00 120.68 ? 13 G   A "O2'" 1 
ATOM   272  C  "C1'" . G   A 1 13 ? 14.485  19.554  6.176   1.00 118.99 ? 13 G   A "C1'" 1 
ATOM   273  N  N9    . G   A 1 13 ? 13.364  19.904  5.309   1.00 115.54 ? 13 G   A N9    1 
ATOM   274  C  C8    . G   A 1 13 ? 12.356  20.816  5.544   1.00 114.48 ? 13 G   A C8    1 
ATOM   275  N  N7    . G   A 1 13 ? 11.498  20.891  4.560   1.00 112.89 ? 13 G   A N7    1 
ATOM   276  C  C5    . G   A 1 13 ? 11.971  19.978  3.622   1.00 112.30 ? 13 G   A C5    1 
ATOM   277  C  C6    . G   A 1 13 ? 11.468  19.624  2.342   1.00 111.47 ? 13 G   A C6    1 
ATOM   278  O  O6    . G   A 1 13 ? 10.466  20.060  1.760   1.00 112.02 ? 13 G   A O6    1 
ATOM   279  N  N1    . G   A 1 13 ? 12.268  18.664  1.725   1.00 110.13 ? 13 G   A N1    1 
ATOM   280  C  C2    . G   A 1 13 ? 13.406  18.117  2.266   1.00 110.72 ? 13 G   A C2    1 
ATOM   281  N  N2    . G   A 1 13 ? 14.052  17.215  1.516   1.00 109.60 ? 13 G   A N2    1 
ATOM   282  N  N3    . G   A 1 13 ? 13.881  18.434  3.457   1.00 112.14 ? 13 G   A N3    1 
ATOM   283  C  C4    . G   A 1 13 ? 13.120  19.364  4.074   1.00 113.19 ? 13 G   A C4    1 
ATOM   284  O  "O5'" . C   B 2 1  ? 10.969  14.014  -5.644  1.00 113.86 ? 2  C   B "O5'" 1 
ATOM   285  C  "C5'" . C   B 2 1  ? 12.160  13.285  -5.952  1.00 113.76 ? 2  C   B "C5'" 1 
ATOM   286  C  "C4'" . C   B 2 1  ? 13.173  13.421  -4.843  1.00 114.80 ? 2  C   B "C4'" 1 
ATOM   287  O  "O4'" . C   B 2 1  ? 13.398  14.834  -4.584  1.00 114.76 ? 2  C   B "O4'" 1 
ATOM   288  C  "C3'" . C   B 2 1  ? 12.722  12.892  -3.489  1.00 117.12 ? 2  C   B "C3'" 1 
ATOM   289  O  "O3'" . C   B 2 1  ? 12.868  11.485  -3.366  1.00 119.75 ? 2  C   B "O3'" 1 
ATOM   290  C  "C2'" . C   B 2 1  ? 13.605  13.675  -2.523  1.00 116.05 ? 2  C   B "C2'" 1 
ATOM   291  O  "O2'" . C   B 2 1  ? 14.936  13.192  -2.420  1.00 119.10 ? 2  C   B "O2'" 1 
ATOM   292  C  "C1'" . C   B 2 1  ? 13.623  15.044  -3.193  1.00 112.23 ? 2  C   B "C1'" 1 
ATOM   293  N  N1    . C   B 2 1  ? 12.558  15.905  -2.647  1.00 107.72 ? 2  C   B N1    1 
ATOM   294  C  C2    . C   B 2 1  ? 12.777  16.513  -1.406  1.00 106.11 ? 2  C   B C2    1 
ATOM   295  O  O2    . C   B 2 1  ? 13.859  16.312  -0.828  1.00 105.15 ? 2  C   B O2    1 
ATOM   296  N  N3    . C   B 2 1  ? 11.809  17.301  -0.870  1.00 104.82 ? 2  C   B N3    1 
ATOM   297  C  C4    . C   B 2 1  ? 10.665  17.497  -1.535  1.00 104.69 ? 2  C   B C4    1 
ATOM   298  N  N4    . C   B 2 1  ? 9.744   18.290  -0.977  1.00 104.18 ? 2  C   B N4    1 
ATOM   299  C  C5    . C   B 2 1  ? 10.417  16.890  -2.807  1.00 104.76 ? 2  C   B C5    1 
ATOM   300  C  C6    . C   B 2 1  ? 11.381  16.107  -3.319  1.00 106.05 ? 2  C   B C6    1 
ATOM   301  P  P     . G   B 2 2  ? 11.947  10.681  -2.317  1.00 121.54 ? 3  G   B P     1 
ATOM   302  O  OP1   . G   B 2 2  ? 12.265  9.252   -2.562  1.00 121.66 ? 3  G   B OP1   1 
ATOM   303  O  OP2   . G   B 2 2  ? 10.538  11.160  -2.475  1.00 117.46 ? 3  G   B OP2   1 
ATOM   304  O  "O5'" . G   B 2 2  ? 12.530  11.091  -0.879  1.00 119.46 ? 3  G   B "O5'" 1 
ATOM   305  C  "C5'" . G   B 2 2  ? 13.858  10.703  -0.504  1.00 120.04 ? 3  G   B "C5'" 1 
ATOM   306  C  "C4'" . G   B 2 2  ? 14.234  11.237  0.867   1.00 121.30 ? 3  G   B "C4'" 1 
ATOM   307  O  "O4'" . G   B 2 2  ? 14.282  12.692  0.837   1.00 119.33 ? 3  G   B "O4'" 1 
ATOM   308  C  "C3'" . G   B 2 2  ? 13.249  10.944  1.989   1.00 123.63 ? 3  G   B "C3'" 1 
ATOM   309  O  "O3'" . G   B 2 2  ? 13.355  9.639   2.533   1.00 126.97 ? 3  G   B "O3'" 1 
ATOM   310  C  "C2'" . G   B 2 2  ? 13.567  12.032  3.013   1.00 121.52 ? 3  G   B "C2'" 1 
ATOM   311  O  "O2'" . G   B 2 2  ? 14.675  11.764  3.859   1.00 120.70 ? 3  G   B "O2'" 1 
ATOM   312  C  "C1'" . G   B 2 2  ? 13.857  13.214  2.095   1.00 118.86 ? 3  G   B "C1'" 1 
ATOM   313  N  N9    . G   B 2 2  ? 12.650  14.008  1.906   1.00 116.06 ? 3  G   B N9    1 
ATOM   314  C  C8    . G   B 2 2  ? 11.830  14.047  0.801   1.00 115.27 ? 3  G   B C8    1 
ATOM   315  N  N7    . G   B 2 2  ? 10.810  14.853  0.947   1.00 114.57 ? 3  G   B N7    1 
ATOM   316  C  C5    . G   B 2 2  ? 10.969  15.380  2.225   1.00 114.45 ? 3  G   B C5    1 
ATOM   317  C  C6    . G   B 2 2  ? 10.169  16.321  2.944   1.00 113.76 ? 3  G   B C6    1 
ATOM   318  O  O6    . G   B 2 2  ? 9.119   16.882  2.580   1.00 111.93 ? 3  G   B O6    1 
ATOM   319  N  N1    . G   B 2 2  ? 10.702  16.582  4.209   1.00 114.13 ? 3  G   B N1    1 
ATOM   320  C  C2    . G   B 2 2  ? 11.848  16.004  4.724   1.00 115.18 ? 3  G   B C2    1 
ATOM   321  N  N2    . G   B 2 2  ? 12.197  16.378  5.974   1.00 115.29 ? 3  G   B N2    1 
ATOM   322  N  N3    . G   B 2 2  ? 12.596  15.124  4.064   1.00 114.67 ? 3  G   B N3    1 
ATOM   323  C  C4    . G   B 2 2  ? 12.101  14.866  2.830   1.00 114.92 ? 3  G   B C4    1 
ATOM   324  P  P     . G   B 2 3  ? 12.094  9.018   3.315   1.00 130.11 ? 4  G   B P     1 
ATOM   325  O  OP1   . G   B 2 3  ? 12.510  7.661   3.760   1.00 130.70 ? 4  G   B OP1   1 
ATOM   326  O  OP2   . G   B 2 3  ? 10.889  9.175   2.445   1.00 128.71 ? 4  G   B OP2   1 
ATOM   327  O  "O5'" . G   B 2 3  ? 11.919  9.962   4.593   1.00 125.93 ? 4  G   B "O5'" 1 
ATOM   328  C  "C5'" . G   B 2 3  ? 12.940  10.026  5.583   1.00 122.94 ? 4  G   B "C5'" 1 
ATOM   329  C  "C4'" . G   B 2 3  ? 12.482  10.820  6.781   1.00 121.65 ? 4  G   B "C4'" 1 
ATOM   330  O  "O4'" . G   B 2 3  ? 12.432  12.237  6.450   1.00 119.78 ? 4  G   B "O4'" 1 
ATOM   331  C  "C3'" . G   B 2 3  ? 11.065  10.524  7.243   1.00 121.78 ? 4  G   B "C3'" 1 
ATOM   332  O  "O3'" . G   B 2 3  ? 10.951  9.343   8.015   1.00 124.40 ? 4  G   B "O3'" 1 
ATOM   333  C  "C2'" . G   B 2 3  ? 10.698  11.787  8.016   1.00 119.39 ? 4  G   B "C2'" 1 
ATOM   334  O  "O2'" . G   B 2 3  ? 11.193  11.844  9.340   1.00 118.04 ? 4  G   B "O2'" 1 
ATOM   335  C  "C1'" . G   B 2 3  ? 11.356  12.857  7.151   1.00 115.99 ? 4  G   B "C1'" 1 
ATOM   336  N  N9    . G   B 2 3  ? 10.375  13.335  6.189   1.00 112.41 ? 4  G   B N9    1 
ATOM   337  C  C8    . G   B 2 3  ? 10.223  12.946  4.877   1.00 111.34 ? 4  G   B C8    1 
ATOM   338  N  N7    . G   B 2 3  ? 9.217   13.533  4.286   1.00 110.56 ? 4  G   B N7    1 
ATOM   339  C  C5    . G   B 2 3  ? 8.681   14.368  5.264   1.00 109.68 ? 4  G   B C5    1 
ATOM   340  C  C6    . G   B 2 3  ? 7.576   15.271  5.213   1.00 109.02 ? 4  G   B C6    1 
ATOM   341  O  O6    . G   B 2 3  ? 6.831   15.534  4.251   1.00 109.80 ? 4  G   B O6    1 
ATOM   342  N  N1    . G   B 2 3  ? 7.376   15.904  6.436   1.00 106.86 ? 4  G   B N1    1 
ATOM   343  C  C2    . G   B 2 3  ? 8.139   15.709  7.556   1.00 106.52 ? 4  G   B C2    1 
ATOM   344  N  N2    . G   B 2 3  ? 7.774   16.409  8.635   1.00 105.31 ? 4  G   B N2    1 
ATOM   345  N  N3    . G   B 2 3  ? 9.179   14.888  7.616   1.00 107.29 ? 4  G   B N3    1 
ATOM   346  C  C4    . G   B 2 3  ? 9.387   14.254  6.443   1.00 109.78 ? 4  G   B C4    1 
ATOM   347  P  P     . U   B 2 4  ? 9.532   8.592   8.093   1.00 125.02 ? 5  U   B P     1 
ATOM   348  O  OP1   . U   B 2 4  ? 9.770   7.291   8.759   1.00 125.86 ? 5  U   B OP1   1 
ATOM   349  O  OP2   . U   B 2 4  ? 8.931   8.625   6.732   1.00 124.53 ? 5  U   B OP2   1 
ATOM   350  O  "O5'" . U   B 2 4  ? 8.654   9.515   9.051   1.00 120.55 ? 5  U   B "O5'" 1 
ATOM   351  C  "C5'" . U   B 2 4  ? 9.106   9.828   10.358  1.00 117.24 ? 5  U   B "C5'" 1 
ATOM   352  C  "C4'" . U   B 2 4  ? 8.210   10.861  10.977  1.00 116.91 ? 5  U   B "C4'" 1 
ATOM   353  O  "O4'" . U   B 2 4  ? 8.290   12.078  10.193  1.00 116.51 ? 5  U   B "O4'" 1 
ATOM   354  C  "C3'" . U   B 2 4  ? 6.729   10.521  10.947  1.00 117.04 ? 5  U   B "C3'" 1 
ATOM   355  O  "O3'" . U   B 2 4  ? 6.344   9.686   12.024  1.00 119.19 ? 5  U   B "O3'" 1 
ATOM   356  C  "C2'" . U   B 2 4  ? 6.076   11.891  11.045  1.00 115.15 ? 5  U   B "C2'" 1 
ATOM   357  O  "O2'" . U   B 2 4  ? 6.050   12.395  12.364  1.00 112.85 ? 5  U   B "O2'" 1 
ATOM   358  C  "C1'" . U   B 2 4  ? 7.022   12.725  10.185  1.00 114.65 ? 5  U   B "C1'" 1 
ATOM   359  N  N1    . U   B 2 4  ? 6.545   12.813  8.799   1.00 113.24 ? 5  U   B N1    1 
ATOM   360  C  C2    . U   B 2 4  ? 5.442   13.623  8.554   1.00 112.36 ? 5  U   B C2    1 
ATOM   361  O  O2    . U   B 2 4  ? 4.886   14.271  9.428   1.00 110.55 ? 5  U   B O2    1 
ATOM   362  N  N3    . U   B 2 4  ? 5.017   13.643  7.249   1.00 111.94 ? 5  U   B N3    1 
ATOM   363  C  C4    . U   B 2 4  ? 5.565   12.949  6.187   1.00 112.21 ? 5  U   B C4    1 
ATOM   364  O  O4    . U   B 2 4  ? 5.012   13.000  5.086   1.00 111.92 ? 5  U   B O4    1 
ATOM   365  C  C5    . U   B 2 4  ? 6.715   12.151  6.518   1.00 112.02 ? 5  U   B C5    1 
ATOM   366  C  C6    . U   B 2 4  ? 7.154   12.112  7.780   1.00 112.45 ? 5  U   B C6    1 
ATOM   367  P  P     . G   B 2 5  ? 5.056   8.741   11.864  1.00 119.17 ? 6  G   B P     1 
ATOM   368  O  OP1   . G   B 2 5  ? 5.041   7.839   13.044  1.00 119.99 ? 6  G   B OP1   1 
ATOM   369  O  OP2   . G   B 2 5  ? 5.079   8.159   10.492  1.00 118.36 ? 6  G   B OP2   1 
ATOM   370  O  "O5'" . G   B 2 5  ? 3.826   9.747   11.994  1.00 112.98 ? 6  G   B "O5'" 1 
ATOM   371  C  "C5'" . G   B 2 5  ? 3.608   10.442  13.203  1.00 104.48 ? 6  G   B "C5'" 1 
ATOM   372  C  "C4'" . G   B 2 5  ? 2.474   11.404  13.041  1.00 102.08 ? 6  G   B "C4'" 1 
ATOM   373  O  "O4'" . G   B 2 5  ? 2.850   12.405  12.068  1.00 102.22 ? 6  G   B "O4'" 1 
ATOM   374  C  "C3'" . G   B 2 5  ? 1.226   10.804  12.439  1.00 102.19 ? 6  G   B "C3'" 1 
ATOM   375  O  "O3'" . G   B 2 5  ? 0.428   10.127  13.371  1.00 104.00 ? 6  G   B "O3'" 1 
ATOM   376  C  "C2'" . G   B 2 5  ? 0.517   12.017  11.859  1.00 103.13 ? 6  G   B "C2'" 1 
ATOM   377  O  "O2'" . G   B 2 5  ? -0.210  12.786  12.803  1.00 98.23  ? 6  G   B "O2'" 1 
ATOM   378  C  "C1'" . G   B 2 5  ? 1.706   12.801  11.316  1.00 103.49 ? 6  G   B "C1'" 1 
ATOM   379  N  N9    . G   B 2 5  ? 1.947   12.489  9.909   1.00 103.43 ? 6  G   B N9    1 
ATOM   380  C  C8    . G   B 2 5  ? 2.901   11.632  9.408   1.00 104.00 ? 6  G   B C8    1 
ATOM   381  N  N7    . G   B 2 5  ? 2.883   11.552  8.101   1.00 104.50 ? 6  G   B N7    1 
ATOM   382  C  C5    . G   B 2 5  ? 1.855   12.409  7.713   1.00 102.75 ? 6  G   B C5    1 
ATOM   383  C  C6    . G   B 2 5  ? 1.371   12.742  6.411   1.00 101.89 ? 6  G   B C6    1 
ATOM   384  O  O6    . G   B 2 5  ? 1.790   12.350  5.308   1.00 102.57 ? 6  G   B O6    1 
ATOM   385  N  N1    . G   B 2 5  ? 0.304   13.635  6.475   1.00 99.05  ? 6  G   B N1    1 
ATOM   386  C  C2    . G   B 2 5  ? -0.217  14.162  7.635   1.00 98.10  ? 6  G   B C2    1 
ATOM   387  N  N2    . G   B 2 5  ? -1.229  15.023  7.486   1.00 95.97  ? 6  G   B N2    1 
ATOM   388  N  N3    . G   B 2 5  ? 0.228   13.869  8.851   1.00 98.72  ? 6  G   B N3    1 
ATOM   389  C  C4    . G   B 2 5  ? 1.258   12.991  8.815   1.00 101.75 ? 6  G   B C4    1 
ATOM   390  P  P     . A   B 2 6  ? -0.461  8.899   12.866  1.00 104.02 ? 7  A   B P     1 
ATOM   391  O  OP1   . A   B 2 6  ? -1.040  8.248   14.071  1.00 106.70 ? 7  A   B OP1   1 
ATOM   392  O  OP2   . A   B 2 6  ? 0.441   8.122   11.965  1.00 99.69  ? 7  A   B OP2   1 
ATOM   393  O  "O5'" . A   B 2 6  ? -1.648  9.590   12.047  1.00 99.14  ? 7  A   B "O5'" 1 
ATOM   394  C  "C5'" . A   B 2 6  ? -2.490  10.551  12.677  1.00 95.49  ? 7  A   B "C5'" 1 
ATOM   395  C  "C4'" . A   B 2 6  ? -3.272  11.348  11.648  1.00 97.32  ? 7  A   B "C4'" 1 
ATOM   396  O  "O4'" . A   B 2 6  ? -2.354  11.994  10.720  1.00 97.80  ? 7  A   B "O4'" 1 
ATOM   397  C  "C3'" . A   B 2 6  ? -4.207  10.559  10.744  1.00 95.64  ? 7  A   B "C3'" 1 
ATOM   398  O  "O3'" . A   B 2 6  ? -5.449  10.348  11.398  1.00 96.58  ? 7  A   B "O3'" 1 
ATOM   399  C  "C2'" . A   B 2 6  ? -4.342  11.478  9.529   1.00 93.47  ? 7  A   B "C2'" 1 
ATOM   400  O  "O2'" . A   B 2 6  ? -5.224  12.561  9.759   1.00 91.02  ? 7  A   B "O2'" 1 
ATOM   401  C  "C1'" . A   B 2 6  ? -2.925  12.031  9.417   1.00 91.79  ? 7  A   B "C1'" 1 
ATOM   402  N  N9    . A   B 2 6  ? -2.048  11.299  8.495   1.00 89.65  ? 7  A   B N9    1 
ATOM   403  C  C8    . A   B 2 6  ? -1.006  10.437  8.788   1.00 87.86  ? 7  A   B C8    1 
ATOM   404  N  N7    . A   B 2 6  ? -0.388  9.968   7.726   1.00 85.33  ? 7  A   B N7    1 
ATOM   405  C  C5    . A   B 2 6  ? -1.070  10.551  6.666   1.00 86.82  ? 7  A   B C5    1 
ATOM   406  C  C6    . A   B 2 6  ? -0.901  10.456  5.279   1.00 86.40  ? 7  A   B C6    1 
ATOM   407  N  N6    . A   B 2 6  ? 0.058   9.729   4.704   1.00 85.76  ? 7  A   B N6    1 
ATOM   408  N  N1    . A   B 2 6  ? -1.757  11.149  4.491   1.00 86.75  ? 7  A   B N1    1 
ATOM   409  C  C2    . A   B 2 6  ? -2.710  11.898  5.078   1.00 87.13  ? 7  A   B C2    1 
ATOM   410  N  N3    . A   B 2 6  ? -2.964  12.077  6.376   1.00 85.84  ? 7  A   B N3    1 
ATOM   411  C  C4    . A   B 2 6  ? -2.100  11.366  7.124   1.00 87.86  ? 7  A   B C4    1 
ATOM   412  P  P     . I   B 2 7  ? -6.303  9.024   11.080  1.00 96.44  ? 8  I   B P     1 
ATOM   413  O  OP1   . I   B 2 7  ? -7.572  9.164   11.848  1.00 97.28  ? 8  I   B OP1   1 
ATOM   414  O  OP2   . I   B 2 7  ? -5.422  7.851   11.303  1.00 93.50  ? 8  I   B OP2   1 
ATOM   415  O  "O5'" . I   B 2 7  ? -6.668  9.160   9.529   1.00 98.65  ? 8  I   B "O5'" 1 
ATOM   416  C  "C5'" . I   B 2 7  ? -7.324  10.365  9.068   1.00 99.24  ? 8  I   B "C5'" 1 
ATOM   417  C  "C4'" . I   B 2 7  ? -7.588  10.354  7.559   1.00 98.14  ? 8  I   B "C4'" 1 
ATOM   418  O  "O4'" . I   B 2 7  ? -6.328  10.351  6.823   1.00 97.88  ? 8  I   B "O4'" 1 
ATOM   419  C  "C3'" . I   B 2 7  ? -8.292  9.053   7.151   1.00 99.31  ? 8  I   B "C3'" 1 
ATOM   420  O  "O3'" . I   B 2 7  ? -9.455  9.236   6.349   1.00 101.49 ? 8  I   B "O3'" 1 
ATOM   421  C  "C2'" . I   B 2 7  ? -7.225  8.122   6.585   1.00 97.09  ? 8  I   B "C2'" 1 
ATOM   422  O  "O2'" . I   B 2 7  ? -7.615  7.404   5.416   1.00 103.80 ? 8  I   B "O2'" 1 
ATOM   423  C  "C1'" . I   B 2 7  ? -6.195  9.131   6.105   1.00 93.65  ? 8  I   B "C1'" 1 
ATOM   424  N  N9    . I   B 2 7  ? -4.864  8.573   6.202   1.00 87.28  ? 8  I   B N9    1 
ATOM   425  C  C8    . I   B 2 7  ? -4.282  8.097   7.326   1.00 86.11  ? 8  I   B C8    1 
ATOM   426  N  N7    . I   B 2 7  ? -3.148  7.507   7.094   1.00 86.07  ? 8  I   B N7    1 
ATOM   427  C  C5    . I   B 2 7  ? -2.962  7.624   5.734   1.00 84.66  ? 8  I   B C5    1 
ATOM   428  C  C6    . I   B 2 7  ? -1.925  7.160   4.896   1.00 84.17  ? 8  I   B C6    1 
ATOM   429  O  O6    . I   B 2 7  ? -0.926  6.514   5.212   1.00 84.29  ? 8  I   B O6    1 
ATOM   430  N  N1    . I   B 2 7  ? -2.125  7.514   3.574   1.00 83.68  ? 8  I   B N1    1 
ATOM   431  C  C2    . I   B 2 7  ? -3.190  8.239   3.110   1.00 84.35  ? 8  I   B C2    1 
ATOM   432  N  N3    . I   B 2 7  ? -4.170  8.676   3.876   1.00 84.16  ? 8  I   B N3    1 
ATOM   433  C  C4    . I   B 2 7  ? -3.995  8.327   5.161   1.00 85.25  ? 8  I   B C4    1 
ATOM   434  P  P     . A   B 2 8  ? -10.305 7.961   5.812   1.00 107.01 ? 9  A   B P     1 
ATOM   435  O  OP1   . A   B 2 8  ? -11.648 8.187   6.430   1.00 104.40 ? 9  A   B OP1   1 
ATOM   436  O  OP2   . A   B 2 8  ? -9.601  6.650   6.014   1.00 99.81  ? 9  A   B OP2   1 
ATOM   437  O  "O5'" . A   B 2 8  ? -10.400 8.204   4.232   1.00 101.34 ? 9  A   B "O5'" 1 
ATOM   438  C  "C5'" . A   B 2 8  ? -11.014 9.377   3.715   1.00 89.62  ? 9  A   B "C5'" 1 
ATOM   439  C  "C4'" . A   B 2 8  ? -10.945 9.373   2.211   1.00 80.60  ? 9  A   B "C4'" 1 
ATOM   440  O  "O4'" . A   B 2 8  ? -9.580  9.594   1.783   1.00 75.29  ? 9  A   B "O4'" 1 
ATOM   441  C  "C3'" . A   B 2 8  ? -11.306 8.046   1.577   1.00 78.55  ? 9  A   B "C3'" 1 
ATOM   442  O  "O3'" . A   B 2 8  ? -12.706 7.979   1.373   1.00 77.21  ? 9  A   B "O3'" 1 
ATOM   443  C  "C2'" . A   B 2 8  ? -10.595 8.111   0.237   1.00 77.15  ? 9  A   B "C2'" 1 
ATOM   444  O  "O2'" . A   B 2 8  ? -11.358 8.900   -0.639  1.00 78.63  ? 9  A   B "O2'" 1 
ATOM   445  C  "C1'" . A   B 2 8  ? -9.315  8.855   0.607   1.00 74.46  ? 9  A   B "C1'" 1 
ATOM   446  N  N9    . A   B 2 8  ? -8.171  7.999   0.880   1.00 73.16  ? 9  A   B N9    1 
ATOM   447  C  C8    . A   B 2 8  ? -7.688  7.623   2.106   1.00 72.90  ? 9  A   B C8    1 
ATOM   448  N  N7    . A   B 2 8  ? -6.612  6.877   2.046   1.00 71.00  ? 9  A   B N7    1 
ATOM   449  C  C5    . A   B 2 8  ? -6.375  6.755   0.693   1.00 71.06  ? 9  A   B C5    1 
ATOM   450  C  C6    . A   B 2 8  ? -5.370  6.115   -0.011  1.00 70.71  ? 9  A   B C6    1 
ATOM   451  N  N6    . A   B 2 8  ? -4.383  5.458   0.585   1.00 70.93  ? 9  A   B N6    1 
ATOM   452  N  N1    . A   B 2 8  ? -5.404  6.176   -1.362  1.00 71.51  ? 9  A   B N1    1 
ATOM   453  C  C2    . A   B 2 8  ? -6.407  6.849   -1.942  1.00 71.59  ? 9  A   B C2    1 
ATOM   454  N  N3    . A   B 2 8  ? -7.422  7.509   -1.372  1.00 71.78  ? 9  A   B N3    1 
ATOM   455  C  C4    . A   B 2 8  ? -7.339  7.423   -0.039  1.00 72.08  ? 9  A   B C4    1 
ATOM   456  P  P     . A   B 2 9  ? -13.449 6.567   1.494   1.00 79.63  ? 10 A   B P     1 
ATOM   457  O  OP1   . A   B 2 9  ? -14.905 6.807   1.283   1.00 79.16  ? 10 A   B OP1   1 
ATOM   458  O  OP2   . A   B 2 9  ? -12.986 5.961   2.762   1.00 79.78  ? 10 A   B OP2   1 
ATOM   459  O  "O5'" . A   B 2 9  ? -12.858 5.713   0.276   1.00 75.48  ? 10 A   B "O5'" 1 
ATOM   460  C  "C5'" . A   B 2 9  ? -13.217 6.025   -1.061  1.00 65.35  ? 10 A   B "C5'" 1 
ATOM   461  C  "C4'" . A   B 2 9  ? -12.359 5.270   -2.054  1.00 61.29  ? 10 A   B "C4'" 1 
ATOM   462  O  "O4'" . A   B 2 9  ? -10.970 5.675   -1.914  1.00 63.49  ? 10 A   B "O4'" 1 
ATOM   463  C  "C3'" . A   B 2 9  ? -12.308 3.764   -1.906  1.00 60.47  ? 10 A   B "C3'" 1 
ATOM   464  O  "O3'" . A   B 2 9  ? -13.430 3.145   -2.501  1.00 61.66  ? 10 A   B "O3'" 1 
ATOM   465  C  "C2'" . A   B 2 9  ? -10.996 3.405   -2.598  1.00 60.79  ? 10 A   B "C2'" 1 
ATOM   466  O  "O2'" . A   B 2 9  ? -11.066 3.390   -4.007  1.00 59.89  ? 10 A   B "O2'" 1 
ATOM   467  C  "C1'" . A   B 2 9  ? -10.117 4.579   -2.190  1.00 59.40  ? 10 A   B "C1'" 1 
ATOM   468  N  N9    . A   B 2 9  ? -9.299  4.316   -1.013  1.00 60.07  ? 10 A   B N9    1 
ATOM   469  C  C8    . A   B 2 9  ? -9.502  4.696   0.288   1.00 58.55  ? 10 A   B C8    1 
ATOM   470  N  N7    . A   B 2 9  ? -8.555  4.292   1.106   1.00 59.62  ? 10 A   B N7    1 
ATOM   471  C  C5    . A   B 2 9  ? -7.680  3.599   0.286   1.00 61.05  ? 10 A   B C5    1 
ATOM   472  C  C6    . A   B 2 9  ? -6.481  2.929   0.540   1.00 61.67  ? 10 A   B C6    1 
ATOM   473  N  N6    . A   B 2 9  ? -5.936  2.814   1.749   1.00 66.06  ? 10 A   B N6    1 
ATOM   474  N  N1    . A   B 2 9  ? -5.845  2.365   -0.500  1.00 60.81  ? 10 A   B N1    1 
ATOM   475  C  C2    . A   B 2 9  ? -6.395  2.457   -1.711  1.00 60.59  ? 10 A   B C2    1 
ATOM   476  N  N3    . A   B 2 9  ? -7.523  3.046   -2.079  1.00 60.92  ? 10 A   B N3    1 
ATOM   477  C  C4    . A   B 2 9  ? -8.124  3.608   -1.020  1.00 61.07  ? 10 A   B C4    1 
ATOM   478  P  P     . G   B 2 10 ? -14.138 1.913   -1.740  1.00 63.82  ? 11 G   B P     1 
ATOM   479  O  OP1   . G   B 2 10 ? -15.357 1.502   -2.500  1.00 63.83  ? 11 G   B OP1   1 
ATOM   480  O  OP2   . G   B 2 10 ? -14.262 2.336   -0.316  1.00 64.80  ? 11 G   B OP2   1 
ATOM   481  O  "O5'" . G   B 2 10 ? -13.066 0.741   -1.849  1.00 60.09  ? 11 G   B "O5'" 1 
ATOM   482  C  "C5'" . G   B 2 10 ? -12.781 0.190   -3.105  1.00 55.91  ? 11 G   B "C5'" 1 
ATOM   483  C  "C4'" . G   B 2 10 ? -11.537 -0.647  -3.055  1.00 57.71  ? 11 G   B "C4'" 1 
ATOM   484  O  "O4'" . G   B 2 10 ? -10.419 0.204   -2.721  1.00 57.51  ? 11 G   B "O4'" 1 
ATOM   485  C  "C3'" . G   B 2 10 ? -11.482 -1.756  -2.016  1.00 56.31  ? 11 G   B "C3'" 1 
ATOM   486  O  "O3'" . G   B 2 10 ? -12.140 -2.934  -2.438  1.00 55.65  ? 11 G   B "O3'" 1 
ATOM   487  C  "C2'" . G   B 2 10 ? -9.983  -1.972  -1.882  1.00 57.36  ? 11 G   B "C2'" 1 
ATOM   488  O  "O2'" . G   B 2 10 ? -9.459  -2.669  -3.004  1.00 49.80  ? 11 G   B "O2'" 1 
ATOM   489  C  "C1'" . G   B 2 10 ? -9.488  -0.528  -1.929  1.00 57.89  ? 11 G   B "C1'" 1 
ATOM   490  N  N9    . G   B 2 10 ? -9.443  0.084   -0.603  1.00 57.18  ? 11 G   B N9    1 
ATOM   491  C  C8    . G   B 2 10 ? -10.339 0.985   -0.085  1.00 56.07  ? 11 G   B C8    1 
ATOM   492  N  N7    . G   B 2 10 ? -10.025 1.380   1.123   1.00 56.16  ? 11 G   B N7    1 
ATOM   493  C  C5    . G   B 2 10 ? -8.861  0.690   1.424   1.00 54.33  ? 11 G   B C5    1 
ATOM   494  C  C6    . G   B 2 10 ? -8.077  0.696   2.598   1.00 54.10  ? 11 G   B C6    1 
ATOM   495  O  O6    . G   B 2 10 ? -8.289  1.303   3.665   1.00 56.59  ? 11 G   B O6    1 
ATOM   496  N  N1    . G   B 2 10 ? -6.967  -0.125  2.474   1.00 49.84  ? 11 G   B N1    1 
ATOM   497  C  C2    . G   B 2 10 ? -6.677  -0.884  1.374   1.00 50.17  ? 11 G   B C2    1 
ATOM   498  N  N2    . G   B 2 10 ? -5.557  -1.621  1.430   1.00 49.98  ? 11 G   B N2    1 
ATOM   499  N  N3    . G   B 2 10 ? -7.421  -0.926  0.286   1.00 52.67  ? 11 G   B N3    1 
ATOM   500  C  C4    . G   B 2 10 ? -8.485  -0.113  0.375   1.00 55.15  ? 11 G   B C4    1 
ATOM   501  P  P     . G   B 2 11 ? -12.765 -3.926  -1.337  1.00 58.46  ? 12 G   B P     1 
ATOM   502  O  OP1   . G   B 2 11 ? -13.547 -5.002  -2.027  1.00 57.08  ? 12 G   B OP1   1 
ATOM   503  O  OP2   . G   B 2 11 ? -13.422 -3.072  -0.309  1.00 57.02  ? 12 G   B OP2   1 
ATOM   504  O  "O5'" . G   B 2 11 ? -11.486 -4.666  -0.732  1.00 57.72  ? 12 G   B "O5'" 1 
ATOM   505  C  "C5'" . G   B 2 11 ? -10.745 -5.544  -1.570  1.00 58.29  ? 12 G   B "C5'" 1 
ATOM   506  C  "C4'" . G   B 2 11 ? -9.470  -5.971  -0.909  1.00 57.07  ? 12 G   B "C4'" 1 
ATOM   507  O  "O4'" . G   B 2 11 ? -8.709  -4.786  -0.581  1.00 59.43  ? 12 G   B "O4'" 1 
ATOM   508  C  "C3'" . G   B 2 11 ? -9.631  -6.652  0.435   1.00 57.22  ? 12 G   B "C3'" 1 
ATOM   509  O  "O3'" . G   B 2 11 ? -9.916  -8.026  0.284   1.00 55.08  ? 12 G   B "O3'" 1 
ATOM   510  C  "C2'" . G   B 2 11 ? -8.259  -6.430  1.039   1.00 54.78  ? 12 G   B "C2'" 1 
ATOM   511  O  "O2'" . G   B 2 11 ? -7.330  -7.216  0.336   1.00 53.13  ? 12 G   B "O2'" 1 
ATOM   512  C  "C1'" . G   B 2 11 ? -7.991  -4.995  0.618   1.00 54.26  ? 12 G   B "C1'" 1 
ATOM   513  N  N9    . G   B 2 11 ? -8.454  -4.048  1.629   1.00 54.07  ? 12 G   B N9    1 
ATOM   514  C  C8    . G   B 2 11 ? -9.561  -3.238  1.598   1.00 52.54  ? 12 G   B C8    1 
ATOM   515  N  N7    . G   B 2 11 ? -9.708  -2.535  2.696   1.00 50.96  ? 12 G   B N7    1 
ATOM   516  C  C5    . G   B 2 11 ? -8.634  -2.912  3.488   1.00 50.64  ? 12 G   B C5    1 
ATOM   517  C  C6    . G   B 2 11 ? -8.270  -2.509  4.806   1.00 52.20  ? 12 G   B C6    1 
ATOM   518  O  O6    . G   B 2 11 ? -8.859  -1.727  5.562   1.00 54.84  ? 12 G   B O6    1 
ATOM   519  N  N1    . G   B 2 11 ? -7.093  -3.123  5.225   1.00 50.22  ? 12 G   B N1    1 
ATOM   520  C  C2    . G   B 2 11 ? -6.362  -4.012  4.472   1.00 50.84  ? 12 G   B C2    1 
ATOM   521  N  N2    . G   B 2 11 ? -5.251  -4.500  5.026   1.00 50.27  ? 12 G   B N2    1 
ATOM   522  N  N3    . G   B 2 11 ? -6.698  -4.399  3.254   1.00 52.35  ? 12 G   B N3    1 
ATOM   523  C  C4    . G   B 2 11 ? -7.839  -3.819  2.834   1.00 51.30  ? 12 G   B C4    1 
ATOM   524  P  P     . G   B 2 12 ? -10.837 -8.766  1.370   1.00 55.58  ? 13 G   B P     1 
ATOM   525  O  OP1   . G   B 2 12 ? -11.013 -10.130 0.797   1.00 57.55  ? 13 G   B OP1   1 
ATOM   526  O  OP2   . G   B 2 12 ? -12.040 -7.934  1.722   1.00 49.79  ? 13 G   B OP2   1 
ATOM   527  O  "O5'" . G   B 2 12 ? -9.892  -8.865  2.648   1.00 54.31  ? 13 G   B "O5'" 1 
ATOM   528  C  "C5'" . G   B 2 12 ? -8.657  -9.543  2.557   1.00 48.87  ? 13 G   B "C5'" 1 
ATOM   529  C  "C4'" . G   B 2 12 ? -7.839  -9.339  3.803   1.00 54.06  ? 13 G   B "C4'" 1 
ATOM   530  O  "O4'" . G   B 2 12 ? -7.536  -7.921  3.973   1.00 55.69  ? 13 G   B "O4'" 1 
ATOM   531  C  "C3'" . G   B 2 12 ? -8.552  -9.676  5.099   1.00 53.77  ? 13 G   B "C3'" 1 
ATOM   532  O  "O3'" . G   B 2 12 ? -8.491  -11.050 5.398   1.00 59.96  ? 13 G   B "O3'" 1 
ATOM   533  C  "C2'" . G   B 2 12 ? -7.737  -8.903  6.119   1.00 56.03  ? 13 G   B "C2'" 1 
ATOM   534  O  "O2'" . G   B 2 12 ? -6.508  -9.563  6.351   1.00 62.57  ? 13 G   B "O2'" 1 
ATOM   535  C  "C1'" . G   B 2 12 ? -7.433  -7.625  5.354   1.00 53.41  ? 13 G   B "C1'" 1 
ATOM   536  N  N9    . G   B 2 12 ? -8.372  -6.580  5.705   1.00 53.24  ? 13 G   B N9    1 
ATOM   537  C  C8    . G   B 2 12 ? -9.452  -6.120  4.995   1.00 53.53  ? 13 G   B C8    1 
ATOM   538  N  N7    . G   B 2 12 ? -10.101 -5.171  5.616   1.00 53.11  ? 13 G   B N7    1 
ATOM   539  C  C5    . G   B 2 12 ? -9.394  -5.002  6.797   1.00 55.18  ? 13 G   B C5    1 
ATOM   540  C  C6    . G   B 2 12 ? -9.599  -4.085  7.887   1.00 56.49  ? 13 G   B C6    1 
ATOM   541  O  O6    . G   B 2 12 ? -10.492 -3.228  8.035   1.00 58.36  ? 13 G   B O6    1 
ATOM   542  N  N1    . G   B 2 12 ? -8.627  -4.240  8.870   1.00 55.05  ? 13 G   B N1    1 
ATOM   543  C  C2    . G   B 2 12 ? -7.598  -5.148  8.819   1.00 55.14  ? 13 G   B C2    1 
ATOM   544  N  N2    . G   B 2 12 ? -6.753  -5.139  9.874   1.00 52.84  ? 13 G   B N2    1 
ATOM   545  N  N3    . G   B 2 12 ? -7.404  -6.004  7.813   1.00 54.92  ? 13 G   B N3    1 
ATOM   546  C  C4    . G   B 2 12 ? -8.329  -5.869  6.853   1.00 53.37  ? 13 G   B C4    1 
ATOM   547  O  "O5'" . G   C 3 1  ? -3.183  -14.181 14.152  1.00 65.78  ? 15 G   C "O5'" 1 
ATOM   548  C  "C5'" . G   C 3 1  ? -3.680  -13.415 15.259  1.00 67.76  ? 15 G   C "C5'" 1 
ATOM   549  C  "C4'" . G   C 3 1  ? -2.657  -13.252 16.356  1.00 67.67  ? 15 G   C "C4'" 1 
ATOM   550  O  "O4'" . G   C 3 1  ? -2.425  -14.536 16.994  1.00 72.11  ? 15 G   C "O4'" 1 
ATOM   551  C  "C3'" . G   C 3 1  ? -1.283  -12.814 15.879  1.00 67.29  ? 15 G   C "C3'" 1 
ATOM   552  O  "O3'" . G   C 3 1  ? -1.225  -11.406 15.898  1.00 66.32  ? 15 G   C "O3'" 1 
ATOM   553  C  "C2'" . G   C 3 1  ? -0.382  -13.314 16.990  1.00 69.67  ? 15 G   C "C2'" 1 
ATOM   554  O  "O2'" . G   C 3 1  ? -0.464  -12.408 18.074  1.00 74.37  ? 15 G   C "O2'" 1 
ATOM   555  C  "C1'" . G   C 3 1  ? -1.056  -14.638 17.365  1.00 70.62  ? 15 G   C "C1'" 1 
ATOM   556  N  N9    . G   C 3 1  ? -0.470  -15.799 16.705  1.00 66.90  ? 15 G   C N9    1 
ATOM   557  C  C8    . G   C 3 1  ? -1.028  -16.557 15.707  1.00 67.35  ? 15 G   C C8    1 
ATOM   558  N  N7    . G   C 3 1  ? -0.252  -17.520 15.297  1.00 67.04  ? 15 G   C N7    1 
ATOM   559  C  C5    . G   C 3 1  ? 0.887   -17.394 16.085  1.00 68.71  ? 15 G   C C5    1 
ATOM   560  C  C6    . G   C 3 1  ? 2.087   -18.173 16.115  1.00 68.06  ? 15 G   C C6    1 
ATOM   561  O  O6    . G   C 3 1  ? 2.374   -19.174 15.445  1.00 69.55  ? 15 G   C O6    1 
ATOM   562  N  N1    . G   C 3 1  ? 2.990   -17.688 17.056  1.00 66.49  ? 15 G   C N1    1 
ATOM   563  C  C2    . G   C 3 1  ? 2.763   -16.620 17.881  1.00 67.45  ? 15 G   C C2    1 
ATOM   564  N  N2    . G   C 3 1  ? 3.755   -16.307 18.722  1.00 68.20  ? 15 G   C N2    1 
ATOM   565  N  N3    . G   C 3 1  ? 1.643   -15.903 17.882  1.00 67.75  ? 15 G   C N3    1 
ATOM   566  C  C4    . G   C 3 1  ? 0.760   -16.339 16.960  1.00 67.55  ? 15 G   C C4    1 
ATOM   567  P  P     . G   C 3 2  ? -0.429  -10.619 14.749  1.00 66.39  ? 16 G   C P     1 
ATOM   568  O  OP1   . G   C 3 2  ? -1.125  -9.304  14.711  1.00 69.30  ? 16 G   C OP1   1 
ATOM   569  O  OP2   . G   C 3 2  ? -0.332  -11.446 13.521  1.00 64.98  ? 16 G   C OP2   1 
ATOM   570  O  "O5'" . G   C 3 2  ? 1.036   -10.412 15.328  1.00 61.88  ? 16 G   C "O5'" 1 
ATOM   571  C  "C5'" . G   C 3 2  ? 1.213   -9.790  16.580  1.00 63.63  ? 16 G   C "C5'" 1 
ATOM   572  C  "C4'" . G   C 3 2  ? 2.578   -10.097 17.095  1.00 67.54  ? 16 G   C "C4'" 1 
ATOM   573  O  "O4'" . G   C 3 2  ? 2.625   -11.468 17.564  1.00 70.26  ? 16 G   C "O4'" 1 
ATOM   574  C  "C3'" . G   C 3 2  ? 3.638   -10.043 16.015  1.00 68.24  ? 16 G   C "C3'" 1 
ATOM   575  O  "O3'" . G   C 3 2  ? 4.124   -8.733  15.844  1.00 67.44  ? 16 G   C "O3'" 1 
ATOM   576  C  "C2'" . G   C 3 2  ? 4.723   -10.929 16.588  1.00 69.12  ? 16 G   C "C2'" 1 
ATOM   577  O  "O2'" . G   C 3 2  ? 5.470   -10.213 17.546  1.00 70.55  ? 16 G   C "O2'" 1 
ATOM   578  C  "C1'" . G   C 3 2  ? 3.893   -12.020 17.264  1.00 72.05  ? 16 G   C "C1'" 1 
ATOM   579  N  N9    . G   C 3 2  ? 3.688   -13.150 16.370  1.00 76.40  ? 16 G   C N9    1 
ATOM   580  C  C8    . G   C 3 2  ? 2.590   -13.397 15.582  1.00 77.86  ? 16 G   C C8    1 
ATOM   581  N  N7    . G   C 3 2  ? 2.703   -14.492 14.879  1.00 78.12  ? 16 G   C N7    1 
ATOM   582  C  C5    . G   C 3 2  ? 3.949   -14.995 15.225  1.00 78.19  ? 16 G   C C5    1 
ATOM   583  C  C6    . G   C 3 2  ? 4.610   -16.155 14.790  1.00 78.50  ? 16 G   C C6    1 
ATOM   584  O  O6    . G   C 3 2  ? 4.216   -16.993 13.972  1.00 79.84  ? 16 G   C O6    1 
ATOM   585  N  N1    . G   C 3 2  ? 5.853   -16.299 15.402  1.00 78.90  ? 16 G   C N1    1 
ATOM   586  C  C2    . G   C 3 2  ? 6.385   -15.423 16.327  1.00 79.27  ? 16 G   C C2    1 
ATOM   587  N  N2    . G   C 3 2  ? 7.597   -15.721 16.830  1.00 78.83  ? 16 G   C N2    1 
ATOM   588  N  N3    . G   C 3 2  ? 5.771   -14.330 16.734  1.00 79.18  ? 16 G   C N3    1 
ATOM   589  C  C4    . G   C 3 2  ? 4.567   -14.179 16.147  1.00 78.09  ? 16 G   C C4    1 
ATOM   590  P  P     . C   C 3 3  ? 4.734   -8.312  14.430  1.00 69.96  ? 17 C   C P     1 
ATOM   591  O  OP1   . C   C 3 3  ? 5.049   -6.858  14.510  1.00 68.93  ? 17 C   C OP1   1 
ATOM   592  O  OP2   . C   C 3 3  ? 3.837   -8.849  13.360  1.00 66.84  ? 17 C   C OP2   1 
ATOM   593  O  "O5'" . C   C 3 3  ? 6.104   -9.104  14.311  1.00 69.49  ? 17 C   C "O5'" 1 
ATOM   594  C  "C5'" . C   C 3 3  ? 7.209   -8.722  15.100  1.00 72.49  ? 17 C   C "C5'" 1 
ATOM   595  C  "C4'" . C   C 3 3  ? 8.325   -9.691  14.902  1.00 71.98  ? 17 C   C "C4'" 1 
ATOM   596  O  "O4'" . C   C 3 3  ? 7.855   -11.002 15.309  1.00 74.18  ? 17 C   C "O4'" 1 
ATOM   597  C  "C3'" . C   C 3 3  ? 8.697   -9.895  13.449  1.00 72.29  ? 17 C   C "C3'" 1 
ATOM   598  O  "O3'" . C   C 3 3  ? 9.595   -8.908  12.990  1.00 74.08  ? 17 C   C "O3'" 1 
ATOM   599  C  "C2'" . C   C 3 3  ? 9.348   -11.264 13.485  1.00 72.51  ? 17 C   C "C2'" 1 
ATOM   600  O  "O2'" . C   C 3 3  ? 10.643  -11.201 14.046  1.00 72.78  ? 17 C   C "O2'" 1 
ATOM   601  C  "C1'" . C   C 3 3  ? 8.442   -11.986 14.477  1.00 72.26  ? 17 C   C "C1'" 1 
ATOM   602  N  N1    . C   C 3 3  ? 7.385   -12.718 13.782  1.00 69.21  ? 17 C   C N1    1 
ATOM   603  C  C2    . C   C 3 3  ? 7.717   -13.929 13.177  1.00 69.03  ? 17 C   C C2    1 
ATOM   604  O  O2    . C   C 3 3  ? 8.875   -14.355 13.294  1.00 70.69  ? 17 C   C O2    1 
ATOM   605  N  N3    . C   C 3 3  ? 6.783   -14.607 12.487  1.00 67.54  ? 17 C   C N3    1 
ATOM   606  C  C4    . C   C 3 3  ? 5.559   -14.119 12.392  1.00 66.16  ? 17 C   C C4    1 
ATOM   607  N  N4    . C   C 3 3  ? 4.691   -14.799 11.662  1.00 65.36  ? 17 C   C N4    1 
ATOM   608  C  C5    . C   C 3 3  ? 5.179   -12.901 13.032  1.00 67.62  ? 17 C   C C5    1 
ATOM   609  C  C6    . C   C 3 3  ? 6.117   -12.238 13.710  1.00 67.47  ? 17 C   C C6    1 
ATOM   610  P  P     . A   C 3 4  ? 9.666   -8.578  11.414  1.00 76.87  ? 18 A   C P     1 
ATOM   611  O  OP1   . A   C 3 4  ? 10.637  -7.458  11.247  1.00 78.82  ? 18 A   C OP1   1 
ATOM   612  O  OP2   . A   C 3 4  ? 8.260   -8.438  10.923  1.00 74.24  ? 18 A   C OP2   1 
ATOM   613  O  "O5'" . A   C 3 4  ? 10.312  -9.870  10.748  1.00 72.23  ? 18 A   C "O5'" 1 
ATOM   614  C  "C5'" . A   C 3 4  ? 11.657  -10.183 11.015  1.00 71.78  ? 18 A   C "C5'" 1 
ATOM   615  C  "C4'" . A   C 3 4  ? 12.032  -11.483 10.372  1.00 73.03  ? 18 A   C "C4'" 1 
ATOM   616  O  "O4'" . A   C 3 4  ? 11.237  -12.562 10.935  1.00 71.55  ? 18 A   C "O4'" 1 
ATOM   617  C  "C3'" . A   C 3 4  ? 11.684  -11.545 8.910   1.00 76.48  ? 18 A   C "C3'" 1 
ATOM   618  O  "O3'" . A   C 3 4  ? 12.649  -10.906 8.121   1.00 83.67  ? 18 A   C "O3'" 1 
ATOM   619  C  "C2'" . A   C 3 4  ? 11.637  -13.034 8.651   1.00 74.70  ? 18 A   C "C2'" 1 
ATOM   620  O  "O2'" . A   C 3 4  ? 12.956  -13.531 8.554   1.00 76.47  ? 18 A   C "O2'" 1 
ATOM   621  C  "C1'" . A   C 3 4  ? 10.979  -13.528 9.936   1.00 70.94  ? 18 A   C "C1'" 1 
ATOM   622  N  N9    . A   C 3 4  ? 9.539   -13.629 9.762   1.00 68.64  ? 18 A   C N9    1 
ATOM   623  C  C8    . A   C 3 4  ? 8.550   -12.781 10.189  1.00 68.57  ? 18 A   C C8    1 
ATOM   624  N  N7    . A   C 3 4  ? 7.343   -13.159 9.833   1.00 67.36  ? 18 A   C N7    1 
ATOM   625  C  C5    . A   C 3 4  ? 7.560   -14.333 9.130   1.00 66.88  ? 18 A   C C5    1 
ATOM   626  C  C6    . A   C 3 4  ? 6.690   -15.221 8.489   1.00 66.75  ? 18 A   C C6    1 
ATOM   627  N  N6    . A   C 3 4  ? 5.375   -15.068 8.461   1.00 66.18  ? 18 A   C N6    1 
ATOM   628  N  N1    . A   C 3 4  ? 7.226   -16.295 7.871   1.00 67.39  ? 18 A   C N1    1 
ATOM   629  C  C2    . A   C 3 4  ? 8.555   -16.461 7.921   1.00 68.12  ? 18 A   C C2    1 
ATOM   630  N  N3    . A   C 3 4  ? 9.480   -15.698 8.503   1.00 67.43  ? 18 A   C N3    1 
ATOM   631  C  C4    . A   C 3 4  ? 8.907   -14.637 9.089   1.00 67.56  ? 18 A   C C4    1 
ATOM   632  P  P     . G   C 3 5  ? 12.206  -10.314 6.701   1.00 89.06  ? 19 G   C P     1 
ATOM   633  O  OP1   . G   C 3 5  ? 13.386  -9.564  6.199   1.00 89.28  ? 19 G   C OP1   1 
ATOM   634  O  OP2   . G   C 3 5  ? 10.904  -9.598  6.886   1.00 89.31  ? 19 G   C OP2   1 
ATOM   635  O  "O5'" . G   C 3 5  ? 11.964  -11.625 5.816   1.00 84.99  ? 19 G   C "O5'" 1 
ATOM   636  C  "C5'" . G   C 3 5  ? 13.051  -12.488 5.535   1.00 82.07  ? 19 G   C "C5'" 1 
ATOM   637  C  "C4'" . G   C 3 5  ? 12.624  -13.662 4.691   1.00 81.07  ? 19 G   C "C4'" 1 
ATOM   638  O  "O4'" . G   C 3 5  ? 11.689  -14.488 5.441   1.00 79.34  ? 19 G   C "O4'" 1 
ATOM   639  C  "C3'" . G   C 3 5  ? 11.843  -13.313 3.439   1.00 82.85  ? 19 G   C "C3'" 1 
ATOM   640  O  "O3'" . G   C 3 5  ? 12.673  -12.899 2.366   1.00 83.99  ? 19 G   C "O3'" 1 
ATOM   641  C  "C2'" . G   C 3 5  ? 11.105  -14.613 3.141   1.00 80.67  ? 19 G   C "C2'" 1 
ATOM   642  O  "O2'" . G   C 3 5  ? 11.911  -15.604 2.550   1.00 84.42  ? 19 G   C "O2'" 1 
ATOM   643  C  "C1'" . G   C 3 5  ? 10.766  -15.090 4.543   1.00 78.99  ? 19 G   C "C1'" 1 
ATOM   644  N  N9    . G   C 3 5  ? 9.407   -14.709 4.889   1.00 76.18  ? 19 G   C N9    1 
ATOM   645  C  C8    . G   C 3 5  ? 8.984   -13.683 5.697   1.00 74.95  ? 19 G   C C8    1 
ATOM   646  N  N7    . G   C 3 5  ? 7.682   -13.610 5.781   1.00 74.18  ? 19 G   C N7    1 
ATOM   647  C  C5    . G   C 3 5  ? 7.229   -14.649 4.975   1.00 73.52  ? 19 G   C C5    1 
ATOM   648  C  C6    . G   C 3 5  ? 5.903   -15.066 4.651   1.00 73.39  ? 19 G   C C6    1 
ATOM   649  O  O6    . G   C 3 5  ? 4.827   -14.563 4.992   1.00 75.59  ? 19 G   C O6    1 
ATOM   650  N  N1    . G   C 3 5  ? 5.902   -16.180 3.828   1.00 71.58  ? 19 G   C N1    1 
ATOM   651  C  C2    . G   C 3 5  ? 7.021   -16.807 3.365   1.00 73.16  ? 19 G   C C2    1 
ATOM   652  N  N2    . G   C 3 5  ? 6.807   -17.907 2.631   1.00 72.93  ? 19 G   C N2    1 
ATOM   653  N  N3    . G   C 3 5  ? 8.260   -16.404 3.617   1.00 73.66  ? 19 G   C N3    1 
ATOM   654  C  C4    . G   C 3 5  ? 8.284   -15.336 4.430   1.00 73.92  ? 19 G   C C4    1 
ATOM   655  P  P     . A   C 3 6  ? 12.062  -11.944 1.219   1.00 87.40  ? 20 A   C P     1 
ATOM   656  O  OP1   . A   C 3 6  ? 13.092  -11.761 0.155   1.00 86.54  ? 20 A   C OP1   1 
ATOM   657  O  OP2   . A   C 3 6  ? 11.473  -10.747 1.901   1.00 85.68  ? 20 A   C OP2   1 
ATOM   658  O  "O5'" . A   C 3 6  ? 10.887  -12.804 0.572   1.00 79.99  ? 20 A   C "O5'" 1 
ATOM   659  C  "C5'" . A   C 3 6  ? 11.195  -13.929 -0.219  1.00 75.39  ? 20 A   C "C5'" 1 
ATOM   660  C  "C4'" . A   C 3 6  ? 9.937   -14.659 -0.598  1.00 76.32  ? 20 A   C "C4'" 1 
ATOM   661  O  "O4'" . A   C 3 6  ? 9.229   -15.042 0.610   1.00 78.20  ? 20 A   C "O4'" 1 
ATOM   662  C  "C3'" . A   C 3 6  ? 8.923   -13.828 -1.359  1.00 75.65  ? 20 A   C "C3'" 1 
ATOM   663  O  "O3'" . A   C 3 6  ? 9.188   -13.807 -2.749  1.00 74.65  ? 20 A   C "O3'" 1 
ATOM   664  C  "C2'" . A   C 3 6  ? 7.624   -14.559 -1.073  1.00 74.74  ? 20 A   C "C2'" 1 
ATOM   665  O  "O2'" . A   C 3 6  ? 7.502   -15.698 -1.883  1.00 72.46  ? 20 A   C "O2'" 1 
ATOM   666  C  "C1'" . A   C 3 6  ? 7.826   -14.966 0.386   1.00 75.44  ? 20 A   C "C1'" 1 
ATOM   667  N  N9    . A   C 3 6  ? 7.250   -13.980 1.305   1.00 74.16  ? 20 A   C N9    1 
ATOM   668  C  C8    . A   C 3 6  ? 7.883   -13.022 2.064   1.00 74.04  ? 20 A   C C8    1 
ATOM   669  N  N7    . A   C 3 6  ? 7.060   -12.254 2.738   1.00 72.36  ? 20 A   C N7    1 
ATOM   670  C  C5    . A   C 3 6  ? 5.809   -12.750 2.415   1.00 71.46  ? 20 A   C C5    1 
ATOM   671  C  C6    . A   C 3 6  ? 4.532   -12.372 2.806   1.00 71.79  ? 20 A   C C6    1 
ATOM   672  N  N6    . A   C 3 6  ? 4.299   -11.378 3.650   1.00 73.34  ? 20 A   C N6    1 
ATOM   673  N  N1    . A   C 3 6  ? 3.484   -13.064 2.302   1.00 73.22  ? 20 A   C N1    1 
ATOM   674  C  C2    . A   C 3 6  ? 3.733   -14.088 1.467   1.00 73.29  ? 20 A   C C2    1 
ATOM   675  N  N3    . A   C 3 6  ? 4.904   -14.548 1.029   1.00 72.96  ? 20 A   C N3    1 
ATOM   676  C  C4    . A   C 3 6  ? 5.911   -13.822 1.546   1.00 72.33  ? 20 A   C C4    1 
ATOM   677  P  P     . G   C 3 7  ? 8.748   -12.526 -3.598  1.00 75.33  ? 21 G   C P     1 
ATOM   678  O  OP1   . G   C 3 7  ? 9.026   -12.787 -5.042  1.00 78.28  ? 21 G   C OP1   1 
ATOM   679  O  OP2   . G   C 3 7  ? 9.333   -11.321 -2.928  1.00 72.50  ? 21 G   C OP2   1 
ATOM   680  O  "O5'" . G   C 3 7  ? 7.169   -12.504 -3.418  1.00 74.69  ? 21 G   C "O5'" 1 
ATOM   681  C  "C5'" . G   C 3 7  ? 6.390   -13.545 -3.969  1.00 71.51  ? 21 G   C "C5'" 1 
ATOM   682  C  "C4'" . G   C 3 7  ? 4.935   -13.258 -3.757  1.00 72.06  ? 21 G   C "C4'" 1 
ATOM   683  O  "O4'" . G   C 3 7  ? 4.632   -13.305 -2.339  1.00 70.25  ? 21 G   C "O4'" 1 
ATOM   684  C  "C3'" . G   C 3 7  ? 4.509   -11.869 -4.180  1.00 71.43  ? 21 G   C "C3'" 1 
ATOM   685  O  "O3'" . G   C 3 7  ? 4.170   -11.892 -5.549  1.00 73.93  ? 21 G   C "O3'" 1 
ATOM   686  C  "C2'" . G   C 3 7  ? 3.251   -11.670 -3.353  1.00 72.26  ? 21 G   C "C2'" 1 
ATOM   687  O  "O2'" . G   C 3 7  ? 2.172   -12.372 -3.946  1.00 74.80  ? 21 G   C "O2'" 1 
ATOM   688  C  "C1'" . G   C 3 7  ? 3.638   -12.346 -2.035  1.00 68.01  ? 21 G   C "C1'" 1 
ATOM   689  N  N9    . G   C 3 7  ? 4.199   -11.423 -1.062  1.00 63.97  ? 21 G   C N9    1 
ATOM   690  C  C8    . G   C 3 7  ? 5.518   -11.053 -0.957  1.00 64.20  ? 21 G   C C8    1 
ATOM   691  N  N7    . G   C 3 7  ? 5.732   -10.194 0.003   1.00 64.31  ? 21 G   C N7    1 
ATOM   692  C  C5    . G   C 3 7  ? 4.477   -9.992  0.569   1.00 61.75  ? 21 G   C C5    1 
ATOM   693  C  C6    . G   C 3 7  ? 4.085   -9.159  1.647   1.00 60.94  ? 21 G   C C6    1 
ATOM   694  O  O6    . G   C 3 7  ? 4.798   -8.440  2.358   1.00 64.53  ? 21 G   C O6    1 
ATOM   695  N  N1    . G   C 3 7  ? 2.719   -9.224  1.879   1.00 57.72  ? 21 G   C N1    1 
ATOM   696  C  C2    . G   C 3 7  ? 1.848   -10.014 1.187   1.00 60.18  ? 21 G   C C2    1 
ATOM   697  N  N2    . G   C 3 7  ? 0.568   -9.935  1.574   1.00 60.43  ? 21 G   C N2    1 
ATOM   698  N  N3    . G   C 3 7  ? 2.205   -10.824 0.186   1.00 60.68  ? 21 G   C N3    1 
ATOM   699  C  C4    . G   C 3 7  ? 3.524   -10.748 -0.072  1.00 61.50  ? 21 G   C C4    1 
ATOM   700  P  P     . A   C 3 8  ? 4.463   -10.611 -6.459  1.00 76.35  ? 22 A   C P     1 
ATOM   701  O  OP1   . A   C 3 8  ? 5.736   -10.890 -7.185  1.00 73.65  ? 22 A   C OP1   1 
ATOM   702  O  OP2   . A   C 3 8  ? 4.356   -9.386  -5.609  1.00 75.59  ? 22 A   C OP2   1 
ATOM   703  O  "O5'" . A   C 3 8  ? 3.245   -10.650 -7.488  1.00 71.72  ? 22 A   C "O5'" 1 
ATOM   704  C  "C5'" . A   C 3 8  ? 2.109   -9.809  -7.328  1.00 67.76  ? 22 A   C "C5'" 1 
ATOM   705  C  "C4'" . A   C 3 8  ? 0.868   -10.648 -7.269  1.00 69.00  ? 22 A   C "C4'" 1 
ATOM   706  O  "O4'" . A   C 3 8  ? 0.742   -11.191 -5.924  1.00 68.79  ? 22 A   C "O4'" 1 
ATOM   707  C  "C3'" . A   C 3 8  ? -0.429  -9.882  -7.462  1.00 68.93  ? 22 A   C "C3'" 1 
ATOM   708  O  "O3'" . A   C 3 8  ? -0.712  -9.741  -8.841  1.00 69.78  ? 22 A   C "O3'" 1 
ATOM   709  C  "C2'" . A   C 3 8  ? -1.451  -10.770 -6.766  1.00 67.36  ? 22 A   C "C2'" 1 
ATOM   710  O  "O2'" . A   C 3 8  ? -1.900  -11.834 -7.574  1.00 64.21  ? 22 A   C "O2'" 1 
ATOM   711  C  "C1'" . A   C 3 8  ? -0.639  -11.298 -5.575  1.00 65.73  ? 22 A   C "C1'" 1 
ATOM   712  N  N9    . A   C 3 8  ? -0.875  -10.509 -4.368  1.00 62.10  ? 22 A   C N9    1 
ATOM   713  C  C8    . A   C 3 8  ? 0.001   -9.663  -3.743  1.00 62.26  ? 22 A   C C8    1 
ATOM   714  N  N7    . A   C 3 8  ? -0.522  -9.013  -2.727  1.00 61.23  ? 22 A   C N7    1 
ATOM   715  C  C5    . A   C 3 8  ? -1.826  -9.480  -2.668  1.00 59.46  ? 22 A   C C5    1 
ATOM   716  C  C6    . A   C 3 8  ? -2.909  -9.163  -1.825  1.00 57.54  ? 22 A   C C6    1 
ATOM   717  N  N6    . A   C 3 8  ? -2.844  -8.257  -0.853  1.00 55.88  ? 22 A   C N6    1 
ATOM   718  N  N1    . A   C 3 8  ? -4.075  -9.810  -2.026  1.00 57.69  ? 22 A   C N1    1 
ATOM   719  C  C2    . A   C 3 8  ? -4.141  -10.703 -3.024  1.00 58.17  ? 22 A   C C2    1 
ATOM   720  N  N3    . A   C 3 8  ? -3.198  -11.078 -3.892  1.00 59.29  ? 22 A   C N3    1 
ATOM   721  C  C4    . A   C 3 8  ? -2.051  -10.422 -3.657  1.00 60.08  ? 22 A   C C4    1 
ATOM   722  P  P     . A   C 3 9  ? -1.324  -8.356  -9.377  1.00 73.32  ? 23 A   C P     1 
ATOM   723  O  OP1   . A   C 3 9  ? -1.362  -8.390  -10.856 1.00 73.72  ? 23 A   C OP1   1 
ATOM   724  O  OP2   . A   C 3 9  ? -0.636  -7.225  -8.693  1.00 71.02  ? 23 A   C OP2   1 
ATOM   725  O  "O5'" . A   C 3 9  ? -2.820  -8.398  -8.857  1.00 68.60  ? 23 A   C "O5'" 1 
ATOM   726  C  "C5'" . A   C 3 9  ? -3.648  -9.493  -9.164  1.00 62.66  ? 23 A   C "C5'" 1 
ATOM   727  C  "C4'" . A   C 3 9  ? -4.831  -9.489  -8.245  1.00 66.25  ? 23 A   C "C4'" 1 
ATOM   728  O  "O4'" . A   C 3 9  ? -4.358  -9.665  -6.881  1.00 69.83  ? 23 A   C "O4'" 1 
ATOM   729  C  "C3'" . A   C 3 9  ? -5.573  -8.161  -8.196  1.00 67.24  ? 23 A   C "C3'" 1 
ATOM   730  O  "O3'" . A   C 3 9  ? -6.529  -8.091  -9.238  1.00 70.17  ? 23 A   C "O3'" 1 
ATOM   731  C  "C2'" . A   C 3 9  ? -6.254  -8.212  -6.835  1.00 64.97  ? 23 A   C "C2'" 1 
ATOM   732  O  "O2'" . A   C 3 9  ? -7.411  -9.009  -6.847  1.00 62.14  ? 23 A   C "O2'" 1 
ATOM   733  C  "C1'" . A   C 3 9  ? -5.191  -8.919  -5.991  1.00 66.01  ? 23 A   C "C1'" 1 
ATOM   734  N  N9    . A   C 3 9  ? -4.371  -7.971  -5.242  1.00 61.10  ? 23 A   C N9    1 
ATOM   735  C  C8    . A   C 3 9  ? -3.063  -7.632  -5.449  1.00 60.28  ? 23 A   C C8    1 
ATOM   736  N  N7    . A   C 3 9  ? -2.632  -6.694  -4.640  1.00 60.13  ? 23 A   C N7    1 
ATOM   737  C  C5    . A   C 3 9  ? -3.732  -6.408  -3.844  1.00 57.08  ? 23 A   C C5    1 
ATOM   738  C  C6    . A   C 3 9  ? -3.928  -5.486  -2.802  1.00 54.33  ? 23 A   C C6    1 
ATOM   739  N  N6    . A   C 3 9  ? -3.001  -4.610  -2.415  1.00 51.30  ? 23 A   C N6    1 
ATOM   740  N  N1    . A   C 3 9  ? -5.126  -5.478  -2.182  1.00 53.17  ? 23 A   C N1    1 
ATOM   741  C  C2    . A   C 3 9  ? -6.072  -6.323  -2.614  1.00 57.42  ? 23 A   C C2    1 
ATOM   742  N  N3    . A   C 3 9  ? -6.015  -7.218  -3.613  1.00 60.18  ? 23 A   C N3    1 
ATOM   743  C  C4    . A   C 3 9  ? -4.800  -7.209  -4.187  1.00 58.15  ? 23 A   C C4    1 
ATOM   744  P  P     . A   C 3 10 ? -6.923  -6.664  -9.864  1.00 72.11  ? 24 A   C P     1 
ATOM   745  O  OP1   . A   C 3 10 ? -7.928  -6.884  -10.943 1.00 76.21  ? 24 A   C OP1   1 
ATOM   746  O  OP2   . A   C 3 10 ? -5.669  -5.928  -10.169 1.00 73.10  ? 24 A   C OP2   1 
ATOM   747  O  "O5'" . A   C 3 10 ? -7.673  -5.920  -8.678  1.00 71.68  ? 24 A   C "O5'" 1 
ATOM   748  C  "C5'" . A   C 3 10 ? -9.004  -6.277  -8.322  1.00 64.64  ? 24 A   C "C5'" 1 
ATOM   749  C  "C4'" . A   C 3 10 ? -9.440  -5.465  -7.139  1.00 60.85  ? 24 A   C "C4'" 1 
ATOM   750  O  "O4'" . A   C 3 10 ? -8.538  -5.746  -6.049  1.00 62.74  ? 24 A   C "O4'" 1 
ATOM   751  C  "C3'" . A   C 3 10 ? -9.291  -3.976  -7.335  1.00 61.25  ? 24 A   C "C3'" 1 
ATOM   752  O  "O3'" . A   C 3 10 ? -10.411 -3.444  -8.001  1.00 64.22  ? 24 A   C "O3'" 1 
ATOM   753  C  "C2'" . A   C 3 10 ? -9.166  -3.468  -5.913  1.00 59.91  ? 24 A   C "C2'" 1 
ATOM   754  O  "O2'" . A   C 3 10 ? -10.404 -3.432  -5.227  1.00 62.82  ? 24 A   C "O2'" 1 
ATOM   755  C  "C1'" . A   C 3 10 ? -8.312  -4.567  -5.304  1.00 60.93  ? 24 A   C "C1'" 1 
ATOM   756  N  N9    . A   C 3 10 ? -6.896  -4.251  -5.393  1.00 59.02  ? 24 A   C N9    1 
ATOM   757  C  C8    . A   C 3 10 ? -5.949  -4.730  -6.266  1.00 60.24  ? 24 A   C C8    1 
ATOM   758  N  N7    . A   C 3 10 ? -4.755  -4.219  -6.075  1.00 59.26  ? 24 A   C N7    1 
ATOM   759  C  C5    . A   C 3 10 ? -4.939  -3.345  -5.017  1.00 57.00  ? 24 A   C C5    1 
ATOM   760  C  C6    . A   C 3 10 ? -4.081  -2.480  -4.369  1.00 56.59  ? 24 A   C C6    1 
ATOM   761  N  N6    . A   C 3 10 ? -2.815  -2.288  -4.739  1.00 57.96  ? 24 A   C N6    1 
ATOM   762  N  N1    . A   C 3 10 ? -4.567  -1.780  -3.324  1.00 56.41  ? 24 A   C N1    1 
ATOM   763  C  C2    . A   C 3 10 ? -5.853  -1.922  -2.995  1.00 55.57  ? 24 A   C C2    1 
ATOM   764  N  N3    . A   C 3 10 ? -6.776  -2.675  -3.559  1.00 57.50  ? 24 A   C N3    1 
ATOM   765  C  C4    . A   C 3 10 ? -6.244  -3.373  -4.574  1.00 57.46  ? 24 A   C C4    1 
ATOM   766  P  P     . C   C 3 11 ? -10.211 -2.168  -8.946  1.00 62.92  ? 25 C   C P     1 
ATOM   767  O  OP1   . C   C 3 11 ? -11.565 -1.814  -9.427  1.00 64.69  ? 25 C   C OP1   1 
ATOM   768  O  OP2   . C   C 3 11 ? -9.132  -2.535  -9.923  1.00 63.14  ? 25 C   C OP2   1 
ATOM   769  O  "O5'" . C   C 3 11 ? -9.705  -1.024  -7.951  1.00 59.37  ? 25 C   C "O5'" 1 
ATOM   770  C  "C5'" . C   C 3 11 ? -10.586 -0.518  -6.960  1.00 56.12  ? 25 C   C "C5'" 1 
ATOM   771  C  "C4'" . C   C 3 11 ? -9.875  0.437   -6.033  1.00 54.02  ? 25 C   C "C4'" 1 
ATOM   772  O  "O4'" . C   C 3 11 ? -8.758  -0.236  -5.412  1.00 53.51  ? 25 C   C "O4'" 1 
ATOM   773  C  "C3'" . C   C 3 11 ? -9.251  1.652   -6.693  1.00 55.45  ? 25 C   C "C3'" 1 
ATOM   774  O  "O3'" . C   C 3 11 ? -10.216 2.680   -6.783  1.00 58.20  ? 25 C   C "O3'" 1 
ATOM   775  C  "C2'" . C   C 3 11 ? -8.182  2.052   -5.699  1.00 50.80  ? 25 C   C "C2'" 1 
ATOM   776  O  "O2'" . C   C 3 11 ? -8.784  2.715   -4.613  1.00 52.01  ? 25 C   C "O2'" 1 
ATOM   777  C  "C1'" . C   C 3 11 ? -7.698  0.688   -5.231  1.00 52.41  ? 25 C   C "C1'" 1 
ATOM   778  N  N1    . C   C 3 11 ? -6.543  0.225   -5.990  1.00 52.52  ? 25 C   C N1    1 
ATOM   779  C  C2    . C   C 3 11 ? -5.313  0.825   -5.748  1.00 53.68  ? 25 C   C C2    1 
ATOM   780  O  O2    . C   C 3 11 ? -5.250  1.703   -4.902  1.00 57.33  ? 25 C   C O2    1 
ATOM   781  N  N3    . C   C 3 11 ? -4.228  0.430   -6.432  1.00 53.18  ? 25 C   C N3    1 
ATOM   782  C  C4    . C   C 3 11 ? -4.338  -0.546  -7.321  1.00 51.09  ? 25 C   C C4    1 
ATOM   783  N  N4    . C   C 3 11 ? -3.238  -0.908  -7.975  1.00 52.77  ? 25 C   C N4    1 
ATOM   784  C  C5    . C   C 3 11 ? -5.580  -1.194  -7.583  1.00 50.91  ? 25 C   C C5    1 
ATOM   785  C  C6    . C   C 3 11 ? -6.653  -0.775  -6.907  1.00 50.26  ? 25 C   C C6    1 
ATOM   786  P  P     . A   C 3 12 ? -10.109 3.772   -7.959  1.00 62.46  ? 26 A   C P     1 
ATOM   787  O  OP1   . A   C 3 12 ? -11.390 4.539   -7.853  1.00 59.02  ? 26 A   C OP1   1 
ATOM   788  O  OP2   . A   C 3 12 ? -9.747  3.067   -9.225  1.00 56.63  ? 26 A   C OP2   1 
ATOM   789  O  "O5'" . A   C 3 12 ? -8.907  4.733   -7.551  1.00 54.63  ? 26 A   C "O5'" 1 
ATOM   790  C  "C5'" . A   C 3 12 ? -9.101  5.682   -6.523  1.00 52.61  ? 26 A   C "C5'" 1 
ATOM   791  C  "C4'" . A   C 3 12 ? -7.777  6.249   -6.092  1.00 56.09  ? 26 A   C "C4'" 1 
ATOM   792  O  "O4'" . A   C 3 12 ? -6.865  5.160   -5.792  1.00 53.70  ? 26 A   C "O4'" 1 
ATOM   793  C  "C3'" . A   C 3 12 ? -7.059  7.005   -7.174  1.00 57.30  ? 26 A   C "C3'" 1 
ATOM   794  O  "O3'" . A   C 3 12 ? -7.537  8.324   -7.269  1.00 63.36  ? 26 A   C "O3'" 1 
ATOM   795  C  "C2'" . A   C 3 12 ? -5.615  6.933   -6.726  1.00 56.50  ? 26 A   C "C2'" 1 
ATOM   796  O  "O2'" . A   C 3 12 ? -5.300  7.878   -5.720  1.00 53.76  ? 26 A   C "O2'" 1 
ATOM   797  C  "C1'" . A   C 3 12 ? -5.560  5.512   -6.178  1.00 52.59  ? 26 A   C "C1'" 1 
ATOM   798  N  N9    . A   C 3 12 ? -5.150  4.564   -7.197  1.00 52.94  ? 26 A   C N9    1 
ATOM   799  C  C8    . A   C 3 12 ? -5.916  3.615   -7.844  1.00 52.34  ? 26 A   C C8    1 
ATOM   800  N  N7    . A   C 3 12 ? -5.224  2.867   -8.684  1.00 52.20  ? 26 A   C N7    1 
ATOM   801  C  C5    . A   C 3 12 ? -3.930  3.373   -8.596  1.00 51.46  ? 26 A   C C5    1 
ATOM   802  C  C6    . A   C 3 12 ? -2.725  3.010   -9.232  1.00 53.23  ? 26 A   C C6    1 
ATOM   803  N  N6    . A   C 3 12 ? -2.638  2.036   -10.145 1.00 53.91  ? 26 A   C N6    1 
ATOM   804  N  N1    . A   C 3 12 ? -1.601  3.696   -8.899  1.00 53.06  ? 26 A   C N1    1 
ATOM   805  C  C2    . A   C 3 12 ? -1.707  4.704   -8.005  1.00 52.71  ? 26 A   C C2    1 
ATOM   806  N  N3    . A   C 3 12 ? -2.792  5.154   -7.358  1.00 50.77  ? 26 A   C N3    1 
ATOM   807  C  C4    . A   C 3 12 ? -3.875  4.428   -7.695  1.00 51.96  ? 26 A   C C4    1 
ATOM   808  P  P     . C   C 3 13 ? -7.595  9.022   -8.719  1.00 67.45  ? 27 C   C P     1 
ATOM   809  O  OP1   . C   C 3 13 ? -8.164  10.374  -8.448  1.00 61.31  ? 27 C   C OP1   1 
ATOM   810  O  OP2   . C   C 3 13 ? -8.319  8.073   -9.627  1.00 63.64  ? 27 C   C OP2   1 
ATOM   811  O  "O5'" . C   C 3 13 ? -6.056  9.118   -9.168  1.00 56.31  ? 27 C   C "O5'" 1 
ATOM   812  C  "C5'" . C   C 3 13 ? -5.199  10.003  -8.479  1.00 57.91  ? 27 C   C "C5'" 1 
ATOM   813  C  "C4'" . C   C 3 13 ? -3.762  9.807   -8.872  1.00 60.35  ? 27 C   C "C4'" 1 
ATOM   814  O  "O4'" . C   C 3 13 ? -3.380  8.422   -8.680  1.00 62.06  ? 27 C   C "O4'" 1 
ATOM   815  C  "C3'" . C   C 3 13 ? -3.484  10.022  -10.341 1.00 64.91  ? 27 C   C "C3'" 1 
ATOM   816  O  "O3'" . C   C 3 13 ? -3.352  11.405  -10.625 1.00 69.81  ? 27 C   C "O3'" 1 
ATOM   817  C  "C2'" . C   C 3 13 ? -2.186  9.252   -10.554 1.00 62.78  ? 27 C   C "C2'" 1 
ATOM   818  O  "O2'" . C   C 3 13 ? -1.059  10.001  -10.145 1.00 63.68  ? 27 C   C "O2'" 1 
ATOM   819  C  "C1'" . C   C 3 13 ? -2.401  8.051   -9.638  1.00 57.55  ? 27 C   C "C1'" 1 
ATOM   820  N  N1    . C   C 3 13 ? -2.909  6.899   -10.359 1.00 54.05  ? 27 C   C N1    1 
ATOM   821  C  C2    . C   C 3 13 ? -2.000  6.054   -11.018 1.00 54.01  ? 27 C   C C2    1 
ATOM   822  O  O2    . C   C 3 13 ? -0.783  6.299   -10.935 1.00 51.58  ? 27 C   C O2    1 
ATOM   823  N  N3    . C   C 3 13 ? -2.474  4.996   -11.723 1.00 52.71  ? 27 C   C N3    1 
ATOM   824  C  C4    . C   C 3 13 ? -3.795  4.780   -11.786 1.00 52.56  ? 27 C   C C4    1 
ATOM   825  N  N4    . C   C 3 13 ? -4.225  3.759   -12.520 1.00 54.51  ? 27 C   C N4    1 
ATOM   826  C  C5    . C   C 3 13 ? -4.735  5.613   -11.105 1.00 53.06  ? 27 C   C C5    1 
ATOM   827  C  C6    . C   C 3 13 ? -4.253  6.649   -10.404 1.00 54.01  ? 27 C   C C6    1 
ATOM   828  P  P     . A   C 3 14 ? -3.796  11.951  -12.069 1.00 70.19  ? 28 A   C P     1 
ATOM   829  O  OP1   . A   C 3 14 ? -3.697  13.427  -11.984 1.00 67.92  ? 28 A   C OP1   1 
ATOM   830  O  OP2   . A   C 3 14 ? -5.103  11.322  -12.441 1.00 67.29  ? 28 A   C OP2   1 
ATOM   831  O  "O5'" . A   C 3 14 ? -2.620  11.402  -12.997 1.00 62.76  ? 28 A   C "O5'" 1 
ATOM   832  C  "C5'" . A   C 3 14 ? -1.318  11.858  -12.740 1.00 61.40  ? 28 A   C "C5'" 1 
ATOM   833  C  "C4'" . A   C 3 14 ? -0.332  11.183  -13.625 1.00 63.64  ? 28 A   C "C4'" 1 
ATOM   834  O  "O4'" . A   C 3 14 ? -0.246  9.793   -13.237 1.00 64.39  ? 28 A   C "O4'" 1 
ATOM   835  C  "C3'" . A   C 3 14 ? -0.681  11.135  -15.101 1.00 66.69  ? 28 A   C "C3'" 1 
ATOM   836  O  "O3'" . A   C 3 14 ? -0.336  12.327  -15.794 1.00 68.50  ? 28 A   C "O3'" 1 
ATOM   837  C  "C2'" . A   C 3 14 ? 0.163   9.959   -15.570 1.00 67.96  ? 28 A   C "C2'" 1 
ATOM   838  O  "O2'" . A   C 3 14 ? 1.529   10.343  -15.692 1.00 67.33  ? 28 A   C "O2'" 1 
ATOM   839  C  "C1'" . A   C 3 14 ? -0.001  8.997   -14.390 1.00 65.03  ? 28 A   C "C1'" 1 
ATOM   840  N  N9    . A   C 3 14 ? -1.133  8.086   -14.570 1.00 62.01  ? 28 A   C N9    1 
ATOM   841  C  C8    . A   C 3 14 ? -2.423  8.213   -14.095 1.00 61.15  ? 28 A   C C8    1 
ATOM   842  N  N7    . A   C 3 14 ? -3.205  7.205   -14.417 1.00 57.88  ? 28 A   C N7    1 
ATOM   843  C  C5    . A   C 3 14 ? -2.380  6.371   -15.153 1.00 57.79  ? 28 A   C C5    1 
ATOM   844  C  C6    . A   C 3 14 ? -2.609  5.135   -15.756 1.00 58.80  ? 28 A   C C6    1 
ATOM   845  N  N6    . A   C 3 14 ? -3.796  4.528   -15.737 1.00 57.13  ? 28 A   C N6    1 
ATOM   846  N  N1    . A   C 3 14 ? -1.568  4.535   -16.384 1.00 59.42  ? 28 A   C N1    1 
ATOM   847  C  C2    . A   C 3 14 ? -0.382  5.170   -16.405 1.00 59.95  ? 28 A   C C2    1 
ATOM   848  N  N3    . A   C 3 14 ? -0.050  6.358   -15.880 1.00 59.25  ? 28 A   C N3    1 
ATOM   849  C  C4    . A   C 3 14 ? -1.104  6.902   -15.258 1.00 58.44  ? 28 A   C C4    1 
ATOM   850  P  P     . C   C 3 15 ? -1.218  12.795  -17.064 1.00 70.66  ? 29 C   C P     1 
ATOM   851  O  OP1   . C   C 3 15 ? -0.626  14.094  -17.442 1.00 75.49  ? 29 C   C OP1   1 
ATOM   852  O  OP2   . C   C 3 15 ? -2.679  12.732  -16.781 1.00 66.82  ? 29 C   C OP2   1 
ATOM   853  O  "O5'" . C   C 3 15 ? -0.840  11.732  -18.200 1.00 67.72  ? 29 C   C "O5'" 1 
ATOM   854  C  "C5'" . C   C 3 15 ? 0.434   11.808  -18.823 1.00 64.90  ? 29 C   C "C5'" 1 
ATOM   855  C  "C4'" . C   C 3 15 ? 0.747   10.562  -19.628 1.00 66.64  ? 29 C   C "C4'" 1 
ATOM   856  O  "O4'" . C   C 3 15 ? 0.679   9.406   -18.748 1.00 67.79  ? 29 C   C "O4'" 1 
ATOM   857  C  "C3'" . C   C 3 15 ? -0.163  10.198  -20.802 1.00 65.74  ? 29 C   C "C3'" 1 
ATOM   858  O  "O3'" . C   C 3 15 ? 0.169   10.875  -22.007 1.00 66.00  ? 29 C   C "O3'" 1 
ATOM   859  C  "C2'" . C   C 3 15 ? 0.110   8.709   -20.937 1.00 64.54  ? 29 C   C "C2'" 1 
ATOM   860  O  "O2'" . C   C 3 15 ? 1.370   8.472   -21.522 1.00 58.08  ? 29 C   C "O2'" 1 
ATOM   861  C  "C1'" . C   C 3 15 ? 0.184   8.289   -19.470 1.00 64.37  ? 29 C   C "C1'" 1 
ATOM   862  N  N1    . C   C 3 15 ? -1.167  7.962   -18.986 1.00 62.10  ? 29 C   C N1    1 
ATOM   863  C  C2    . C   C 3 15 ? -1.657  6.683   -19.247 1.00 60.14  ? 29 C   C C2    1 
ATOM   864  O  O2    . C   C 3 15 ? -0.901  5.876   -19.803 1.00 58.50  ? 29 C   C O2    1 
ATOM   865  N  N3    . C   C 3 15 ? -2.926  6.363   -18.892 1.00 59.43  ? 29 C   C N3    1 
ATOM   866  C  C4    . C   C 3 15 ? -3.693  7.280   -18.299 1.00 61.44  ? 29 C   C C4    1 
ATOM   867  N  N4    . C   C 3 15 ? -4.952  6.957   -18.017 1.00 62.32  ? 29 C   C N4    1 
ATOM   868  C  C5    . C   C 3 15 ? -3.203  8.589   -17.981 1.00 62.49  ? 29 C   C C5    1 
ATOM   869  C  C6    . C   C 3 15 ? -1.943  8.882   -18.337 1.00 62.06  ? 29 C   C C6    1 
ATOM   870  P  P     . G   C 3 16 ? -0.988  11.224  -23.082 1.00 72.98  ? 30 G   C P     1 
ATOM   871  O  OP1   . G   C 3 16 ? -0.311  12.077  -24.097 1.00 74.74  ? 30 G   C OP1   1 
ATOM   872  O  OP2   . G   C 3 16 ? -2.219  11.746  -22.403 1.00 68.52  ? 30 G   C OP2   1 
ATOM   873  O  "O5'" . G   C 3 16 ? -1.275  9.818   -23.779 1.00 68.19  ? 30 G   C "O5'" 1 
ATOM   874  C  "C5'" . G   C 3 16 ? -0.202  9.118   -24.382 1.00 68.71  ? 30 G   C "C5'" 1 
ATOM   875  C  "C4'" . G   C 3 16 ? -0.653  7.775   -24.891 1.00 72.30  ? 30 G   C "C4'" 1 
ATOM   876  O  "O4'" . G   C 3 16 ? -0.881  6.884   -23.762 1.00 74.61  ? 30 G   C "O4'" 1 
ATOM   877  C  "C3'" . G   C 3 16 ? -1.958  7.732   -25.674 1.00 72.54  ? 30 G   C "C3'" 1 
ATOM   878  O  "O3'" . G   C 3 16 ? -1.812  8.078   -27.040 1.00 65.77  ? 30 G   C "O3'" 1 
ATOM   879  C  "C2'" . G   C 3 16 ? -2.363  6.276   -25.505 1.00 72.23  ? 30 G   C "C2'" 1 
ATOM   880  O  "O2'" . G   C 3 16 ? -1.547  5.473   -26.332 1.00 71.91  ? 30 G   C "O2'" 1 
ATOM   881  C  "C1'" . G   C 3 16 ? -1.983  6.029   -24.043 1.00 73.85  ? 30 G   C "C1'" 1 
ATOM   882  N  N9    . G   C 3 16 ? -3.084  6.368   -23.140 1.00 73.75  ? 30 G   C N9    1 
ATOM   883  C  C8    . G   C 3 16 ? -3.262  7.529   -22.414 1.00 73.44  ? 30 G   C C8    1 
ATOM   884  N  N7    . G   C 3 16 ? -4.384  7.549   -21.743 1.00 72.35  ? 30 G   C N7    1 
ATOM   885  C  C5    . G   C 3 16 ? -4.973  6.323   -22.033 1.00 72.76  ? 30 G   C C5    1 
ATOM   886  C  C6    . G   C 3 16 ? -6.206  5.776   -21.610 1.00 72.15  ? 30 G   C C6    1 
ATOM   887  O  O6    . G   C 3 16 ? -7.040  6.269   -20.839 1.00 73.20  ? 30 G   C O6    1 
ATOM   888  N  N1    . G   C 3 16 ? -6.429  4.524   -22.172 1.00 69.40  ? 30 G   C N1    1 
ATOM   889  C  C2    . G   C 3 16 ? -5.562  3.872   -23.007 1.00 70.86  ? 30 G   C C2    1 
ATOM   890  N  N2    . G   C 3 16 ? -5.951  2.674   -23.459 1.00 73.06  ? 30 G   C N2    1 
ATOM   891  N  N3    . G   C 3 16 ? -4.396  4.356   -23.386 1.00 71.95  ? 30 G   C N3    1 
ATOM   892  C  C4    . G   C 3 16 ? -4.173  5.581   -22.878 1.00 73.17  ? 30 G   C C4    1 
ATOM   893  P  P     . A   C 3 17 ? -3.027  8.804   -27.804 1.00 69.08  ? 31 A   C P     1 
ATOM   894  O  OP1   . A   C 3 17 ? -2.451  9.062   -29.145 1.00 71.71  ? 31 A   C OP1   1 
ATOM   895  O  OP2   . A   C 3 17 ? -3.610  9.935   -27.009 1.00 63.81  ? 31 A   C OP2   1 
ATOM   896  O  "O5'" . A   C 3 17 ? -4.180  7.706   -27.918 1.00 67.16  ? 31 A   C "O5'" 1 
ATOM   897  C  "C5'" . A   C 3 17 ? -3.933  6.451   -28.545 1.00 70.75  ? 31 A   C "C5'" 1 
ATOM   898  C  "C4'" . A   C 3 17 ? -5.121  5.525   -28.381 1.00 72.50  ? 31 A   C "C4'" 1 
ATOM   899  O  "O4'" . A   C 3 17 ? -5.261  5.165   -26.980 1.00 72.66  ? 31 A   C "O4'" 1 
ATOM   900  C  "C3'" . A   C 3 17 ? -6.478  6.129   -28.720 1.00 72.63  ? 31 A   C "C3'" 1 
ATOM   901  O  "O3'" . A   C 3 17 ? -6.798  6.190   -30.107 1.00 77.11  ? 31 A   C "O3'" 1 
ATOM   902  C  "C2'" . A   C 3 17 ? -7.426  5.229   -27.951 1.00 71.66  ? 31 A   C "C2'" 1 
ATOM   903  O  "O2'" . A   C 3 17 ? -7.568  3.985   -28.616 1.00 73.13  ? 31 A   C "O2'" 1 
ATOM   904  C  "C1'" . A   C 3 17 ? -6.633  4.995   -26.666 1.00 69.97  ? 31 A   C "C1'" 1 
ATOM   905  N  N9    . A   C 3 17 ? -6.996  5.903   -25.577 1.00 68.79  ? 31 A   C N9    1 
ATOM   906  C  C8    . A   C 3 17 ? -6.413  7.087   -25.219 1.00 68.76  ? 31 A   C C8    1 
ATOM   907  N  N7    . A   C 3 17 ? -7.016  7.689   -24.220 1.00 67.98  ? 31 A   C N7    1 
ATOM   908  C  C5    . A   C 3 17 ? -8.062  6.836   -23.899 1.00 67.21  ? 31 A   C C5    1 
ATOM   909  C  C6    . A   C 3 17 ? -9.089  6.904   -22.944 1.00 66.37  ? 31 A   C C6    1 
ATOM   910  N  N6    . A   C 3 17 ? -9.259  7.922   -22.097 1.00 66.81  ? 31 A   C N6    1 
ATOM   911  N  N1    . A   C 3 17 ? -9.959  5.881   -22.885 1.00 66.31  ? 31 A   C N1    1 
ATOM   912  C  C2    . A   C 3 17 ? -9.807  4.870   -23.717 1.00 65.54  ? 31 A   C C2    1 
ATOM   913  N  N3    . A   C 3 17 ? -8.898  4.691   -24.655 1.00 68.47  ? 31 A   C N3    1 
ATOM   914  C  C4    . A   C 3 17 ? -8.045  5.724   -24.704 1.00 68.05  ? 31 A   C C4    1 
ATOM   915  O  "O5'" . U   D 4 1  ? -15.313 3.426   -16.656 1.00 64.08  ? 31 U   D "O5'" 1 
ATOM   916  C  "C5'" . U   D 4 1  ? -16.400 2.711   -17.254 1.00 61.72  ? 31 U   D "C5'" 1 
ATOM   917  C  "C4'" . U   D 4 1  ? -15.934 2.076   -18.531 1.00 61.70  ? 31 U   D "C4'" 1 
ATOM   918  O  "O4'" . U   D 4 1  ? -15.912 3.081   -19.585 1.00 63.39  ? 31 U   D "O4'" 1 
ATOM   919  C  "C3'" . U   D 4 1  ? -14.517 1.535   -18.490 1.00 58.12  ? 31 U   D "C3'" 1 
ATOM   920  O  "O3'" . U   D 4 1  ? -14.511 0.216   -17.997 1.00 57.54  ? 31 U   D "O3'" 1 
ATOM   921  C  "C2'" . U   D 4 1  ? -14.136 1.545   -19.964 1.00 62.09  ? 31 U   D "C2'" 1 
ATOM   922  O  "O2'" . U   D 4 1  ? -14.636 0.414   -20.676 1.00 64.79  ? 31 U   D "O2'" 1 
ATOM   923  C  "C1'" . U   D 4 1  ? -14.815 2.836   -20.446 1.00 62.90  ? 31 U   D "C1'" 1 
ATOM   924  N  N1    . U   D 4 1  ? -13.927 4.005   -20.378 1.00 63.87  ? 31 U   D N1    1 
ATOM   925  C  C2    . U   D 4 1  ? -12.872 4.113   -21.301 1.00 64.15  ? 31 U   D C2    1 
ATOM   926  O  O2    . U   D 4 1  ? -12.694 3.318   -22.228 1.00 63.47  ? 31 U   D O2    1 
ATOM   927  N  N3    . U   D 4 1  ? -12.040 5.192   -21.093 1.00 63.07  ? 31 U   D N3    1 
ATOM   928  C  C4    . U   D 4 1  ? -12.165 6.162   -20.101 1.00 62.84  ? 31 U   D C4    1 
ATOM   929  O  O4    . U   D 4 1  ? -11.277 6.997   -19.950 1.00 61.95  ? 31 U   D O4    1 
ATOM   930  C  C5    . U   D 4 1  ? -13.302 6.004   -19.251 1.00 62.38  ? 31 U   D C5    1 
ATOM   931  C  C6    . U   D 4 1  ? -14.119 4.958   -19.410 1.00 62.38  ? 31 U   D C6    1 
ATOM   932  P  P     . C   D 4 2  ? -13.204 -0.354  -17.257 1.00 63.69  ? 32 C   D P     1 
ATOM   933  O  OP1   . C   D 4 2  ? -13.574 -1.633  -16.575 1.00 64.95  ? 32 C   D OP1   1 
ATOM   934  O  OP2   . C   D 4 2  ? -12.665 0.800   -16.459 1.00 61.16  ? 32 C   D OP2   1 
ATOM   935  O  "O5'" . C   D 4 2  ? -12.186 -0.775  -18.414 1.00 60.00  ? 32 C   D "O5'" 1 
ATOM   936  C  "C5'" . C   D 4 2  ? -12.576 -1.722  -19.392 1.00 58.30  ? 32 C   D "C5'" 1 
ATOM   937  C  "C4'" . C   D 4 2  ? -11.686 -1.628  -20.596 1.00 58.99  ? 32 C   D "C4'" 1 
ATOM   938  O  "O4'" . C   D 4 2  ? -11.876 -0.346  -21.248 1.00 57.68  ? 32 C   D "O4'" 1 
ATOM   939  C  "C3'" . C   D 4 2  ? -10.208 -1.683  -20.282 1.00 57.33  ? 32 C   D "C3'" 1 
ATOM   940  O  "O3'" . C   D 4 2  ? -9.771  -3.011  -20.278 1.00 59.33  ? 32 C   D "O3'" 1 
ATOM   941  C  "C2'" . C   D 4 2  ? -9.610  -1.004  -21.488 1.00 55.74  ? 32 C   D "C2'" 1 
ATOM   942  O  "O2'" . C   D 4 2  ? -9.654  -1.899  -22.569 1.00 56.82  ? 32 C   D "O2'" 1 
ATOM   943  C  "C1'" . C   D 4 2  ? -10.629 0.102   -21.736 1.00 58.88  ? 32 C   D "C1'" 1 
ATOM   944  N  N1    . C   D 4 2  ? -10.259 1.336   -21.034 1.00 59.82  ? 32 C   D N1    1 
ATOM   945  C  C2    . C   D 4 2  ? -9.079  1.992   -21.423 1.00 60.88  ? 32 C   D C2    1 
ATOM   946  O  O2    . C   D 4 2  ? -8.378  1.466   -22.298 1.00 61.09  ? 32 C   D O2    1 
ATOM   947  N  N3    . C   D 4 2  ? -8.732  3.166   -20.834 1.00 58.96  ? 32 C   D N3    1 
ATOM   948  C  C4    . C   D 4 2  ? -9.515  3.678   -19.889 1.00 59.57  ? 32 C   D C4    1 
ATOM   949  N  N4    . C   D 4 2  ? -9.175  4.846   -19.372 1.00 60.84  ? 32 C   D N4    1 
ATOM   950  C  C5    . C   D 4 2  ? -10.706 3.012   -19.443 1.00 60.38  ? 32 C   D C5    1 
ATOM   951  C  C6    . C   D 4 2  ? -11.035 1.852   -20.038 1.00 58.68  ? 32 C   D C6    1 
ATOM   952  P  P     . G   D 4 3  ? -8.567  -3.429  -19.313 1.00 64.55  ? 33 G   D P     1 
ATOM   953  O  OP1   . G   D 4 3  ? -8.661  -4.915  -19.148 1.00 61.08  ? 33 G   D OP1   1 
ATOM   954  O  OP2   . G   D 4 3  ? -8.673  -2.496  -18.134 1.00 54.81  ? 33 G   D OP2   1 
ATOM   955  O  "O5'" . G   D 4 3  ? -7.216  -3.081  -20.090 1.00 62.92  ? 33 G   D "O5'" 1 
ATOM   956  C  "C5'" . G   D 4 3  ? -6.884  -3.677  -21.348 1.00 63.38  ? 33 G   D "C5'" 1 
ATOM   957  C  "C4'" . G   D 4 3  ? -5.742  -2.918  -21.972 1.00 62.66  ? 33 G   D "C4'" 1 
ATOM   958  O  "O4'" . G   D 4 3  ? -6.135  -1.531  -22.123 1.00 65.56  ? 33 G   D "O4'" 1 
ATOM   959  C  "C3'" . G   D 4 3  ? -4.533  -2.843  -21.065 1.00 64.87  ? 33 G   D "C3'" 1 
ATOM   960  O  "O3'" . G   D 4 3  ? -3.720  -3.971  -21.309 1.00 63.09  ? 33 G   D "O3'" 1 
ATOM   961  C  "C2'" . G   D 4 3  ? -3.832  -1.562  -21.503 1.00 62.50  ? 33 G   D "C2'" 1 
ATOM   962  O  "O2'" . G   D 4 3  ? -2.984  -1.735  -22.603 1.00 62.15  ? 33 G   D "O2'" 1 
ATOM   963  C  "C1'" . G   D 4 3  ? -5.019  -0.686  -21.893 1.00 63.90  ? 33 G   D "C1'" 1 
ATOM   964  N  N9    . G   D 4 3  ? -5.427  0.295   -20.907 1.00 64.58  ? 33 G   D N9    1 
ATOM   965  C  C8    . G   D 4 3  ? -6.603  0.286   -20.203 1.00 67.03  ? 33 G   D C8    1 
ATOM   966  N  N7    . G   D 4 3  ? -6.746  1.333   -19.435 1.00 68.07  ? 33 G   D N7    1 
ATOM   967  C  C5    . G   D 4 3  ? -5.583  2.059   -19.631 1.00 66.66  ? 33 G   D C5    1 
ATOM   968  C  C6    . G   D 4 3  ? -5.187  3.288   -19.080 1.00 67.30  ? 33 G   D C6    1 
ATOM   969  O  O6    . G   D 4 3  ? -5.794  3.977   -18.255 1.00 68.65  ? 33 G   D O6    1 
ATOM   970  N  N1    . G   D 4 3  ? -3.951  3.705   -19.580 1.00 65.58  ? 33 G   D N1    1 
ATOM   971  C  C2    . G   D 4 3  ? -3.201  3.000   -20.494 1.00 66.14  ? 33 G   D C2    1 
ATOM   972  N  N2    . G   D 4 3  ? -2.060  3.576   -20.906 1.00 66.51  ? 33 G   D N2    1 
ATOM   973  N  N3    . G   D 4 3  ? -3.554  1.818   -20.986 1.00 65.80  ? 33 G   D N3    1 
ATOM   974  C  C4    . G   D 4 3  ? -4.752  1.421   -20.527 1.00 65.44  ? 33 G   D C4    1 
ATOM   975  P  P     . U   D 4 4  ? -2.642  -4.395  -20.203 1.00 67.01  ? 34 U   D P     1 
ATOM   976  O  OP1   . U   D 4 4  ? -1.891  -5.590  -20.707 1.00 59.71  ? 34 U   D OP1   1 
ATOM   977  O  OP2   . U   D 4 4  ? -3.396  -4.487  -18.925 1.00 66.24  ? 34 U   D OP2   1 
ATOM   978  O  "O5'" . U   D 4 4  ? -1.659  -3.124  -20.127 1.00 65.62  ? 34 U   D "O5'" 1 
ATOM   979  C  "C5'" . U   D 4 4  ? -0.644  -2.959  -21.118 1.00 68.67  ? 34 U   D "C5'" 1 
ATOM   980  C  "C4'" . U   D 4 4  ? 0.209   -1.751  -20.854 1.00 67.17  ? 34 U   D "C4'" 1 
ATOM   981  O  "O4'" . U   D 4 4  ? -0.627  -0.570  -20.853 1.00 69.02  ? 34 U   D "O4'" 1 
ATOM   982  C  "C3'" . U   D 4 4  ? 0.863   -1.724  -19.495 1.00 69.61  ? 34 U   D "C3'" 1 
ATOM   983  O  "O3'" . U   D 4 4  ? 2.073   -2.462  -19.519 1.00 72.66  ? 34 U   D "O3'" 1 
ATOM   984  C  "C2'" . U   D 4 4  ? 1.123   -0.241  -19.296 1.00 67.16  ? 34 U   D "C2'" 1 
ATOM   985  O  "O2'" . U   D 4 4  ? 2.204   0.191   -20.072 1.00 70.19  ? 34 U   D "O2'" 1 
ATOM   986  C  "C1'" . U   D 4 4  ? -0.114  0.368   -19.933 1.00 67.08  ? 34 U   D "C1'" 1 
ATOM   987  N  N1    . U   D 4 4  ? -1.152  0.691   -18.961 1.00 66.81  ? 34 U   D N1    1 
ATOM   988  C  C2    . U   D 4 4  ? -0.995  1.841   -18.248 1.00 66.61  ? 34 U   D C2    1 
ATOM   989  O  O2    . U   D 4 4  ? -0.038  2.566   -18.387 1.00 69.50  ? 34 U   D O2    1 
ATOM   990  N  N3    . U   D 4 4  ? -1.998  2.113   -17.362 1.00 64.90  ? 34 U   D N3    1 
ATOM   991  C  C4    . U   D 4 4  ? -3.108  1.352   -17.134 1.00 63.17  ? 34 U   D C4    1 
ATOM   992  O  O4    . U   D 4 4  ? -3.962  1.755   -16.365 1.00 64.53  ? 34 U   D O4    1 
ATOM   993  C  C5    . U   D 4 4  ? -3.188  0.171   -17.905 1.00 64.53  ? 34 U   D C5    1 
ATOM   994  C  C6    . U   D 4 4  ? -2.230  -0.114  -18.776 1.00 66.78  ? 34 U   D C6    1 
ATOM   995  P  P     . G   D 4 5  ? 2.674   -3.034  -18.139 1.00 76.84  ? 35 G   D P     1 
ATOM   996  O  OP1   . G   D 4 5  ? 3.786   -3.975  -18.450 1.00 75.80  ? 35 G   D OP1   1 
ATOM   997  O  OP2   . G   D 4 5  ? 1.518   -3.511  -17.332 1.00 73.47  ? 35 G   D OP2   1 
ATOM   998  O  "O5'" . G   D 4 5  ? 3.270   -1.741  -17.408 1.00 73.54  ? 35 G   D "O5'" 1 
ATOM   999  C  "C5'" . G   D 4 5  ? 4.365   -1.033  -17.963 1.00 67.20  ? 35 G   D "C5'" 1 
ATOM   1000 C  "C4'" . G   D 4 5  ? 4.558   0.283   -17.252 1.00 67.64  ? 35 G   D "C4'" 1 
ATOM   1001 O  "O4'" . G   D 4 5  ? 3.343   1.070   -17.342 1.00 66.46  ? 35 G   D "O4'" 1 
ATOM   1002 C  "C3'" . G   D 4 5  ? 4.825   0.175   -15.765 1.00 68.99  ? 35 G   D "C3'" 1 
ATOM   1003 O  "O3'" . G   D 4 5  ? 6.226   -0.012  -15.597 1.00 71.31  ? 35 G   D "O3'" 1 
ATOM   1004 C  "C2'" . G   D 4 5  ? 4.367   1.539   -15.255 1.00 68.38  ? 35 G   D "C2'" 1 
ATOM   1005 O  "O2'" . G   D 4 5  ? 5.321   2.550   -15.468 1.00 66.60  ? 35 G   D "O2'" 1 
ATOM   1006 C  "C1'" . G   D 4 5  ? 3.174   1.829   -16.163 1.00 67.14  ? 35 G   D "C1'" 1 
ATOM   1007 N  N9    . G   D 4 5  ? 1.854   1.536   -15.617 1.00 68.83  ? 35 G   D N9    1 
ATOM   1008 C  C8    . G   D 4 5  ? 1.105   0.397   -15.815 1.00 67.92  ? 35 G   D C8    1 
ATOM   1009 N  N7    . G   D 4 5  ? -0.074  0.460   -15.256 1.00 67.45  ? 35 G   D N7    1 
ATOM   1010 C  C5    . G   D 4 5  ? -0.095  1.707   -14.642 1.00 67.72  ? 35 G   D C5    1 
ATOM   1011 C  C6    . G   D 4 5  ? -1.116  2.342   -13.892 1.00 69.62  ? 35 G   D C6    1 
ATOM   1012 O  O6    . G   D 4 5  ? -2.255  1.939   -13.637 1.00 72.33  ? 35 G   D O6    1 
ATOM   1013 N  N1    . G   D 4 5  ? -0.711  3.579   -13.420 1.00 69.39  ? 35 G   D N1    1 
ATOM   1014 C  C2    . G   D 4 5  ? 0.507   4.139   -13.649 1.00 69.24  ? 35 G   D C2    1 
ATOM   1015 N  N2    . G   D 4 5  ? 0.706   5.329   -13.063 1.00 70.86  ? 35 G   D N2    1 
ATOM   1016 N  N3    . G   D 4 5  ? 1.460   3.578   -14.382 1.00 67.26  ? 35 G   D N3    1 
ATOM   1017 C  C4    . G   D 4 5  ? 1.092   2.370   -14.837 1.00 67.07  ? 35 G   D C4    1 
ATOM   1018 P  P     . G   D 4 6  ? 6.789   -0.765  -14.297 1.00 71.03  ? 36 G   D P     1 
ATOM   1019 O  OP1   . G   D 4 6  ? 8.061   -1.455  -14.661 1.00 67.11  ? 36 G   D OP1   1 
ATOM   1020 O  OP2   . G   D 4 6  ? 5.650   -1.569  -13.793 1.00 73.28  ? 36 G   D OP2   1 
ATOM   1021 O  "O5'" . G   D 4 6  ? 7.078   0.423   -13.263 1.00 69.52  ? 36 G   D "O5'" 1 
ATOM   1022 C  "C5'" . G   D 4 6  ? 7.536   1.696   -13.719 1.00 70.23  ? 36 G   D "C5'" 1 
ATOM   1023 C  "C4'" . G   D 4 6  ? 7.394   2.735   -12.624 1.00 73.98  ? 36 G   D "C4'" 1 
ATOM   1024 O  "O4'" . G   D 4 6  ? 6.004   3.004   -12.354 1.00 72.82  ? 36 G   D "O4'" 1 
ATOM   1025 C  "C3'" . G   D 4 6  ? 8.006   2.290   -11.307 1.00 74.96  ? 36 G   D "C3'" 1 
ATOM   1026 O  "O3'" . G   D 4 6  ? 8.609   3.457   -10.728 1.00 79.08  ? 36 G   D "O3'" 1 
ATOM   1027 C  "C2'" . G   D 4 6  ? 6.837   1.695   -10.523 1.00 74.26  ? 36 G   D "C2'" 1 
ATOM   1028 O  "O2'" . G   D 4 6  ? 6.896   1.917   -9.136  1.00 78.11  ? 36 G   D "O2'" 1 
ATOM   1029 C  "C1'" . G   D 4 6  ? 5.657   2.493   -11.092 1.00 71.44  ? 36 G   D "C1'" 1 
ATOM   1030 N  N9    . G   D 4 6  ? 4.336   1.884   -11.177 1.00 66.14  ? 36 G   D N9    1 
ATOM   1031 C  C8    . G   D 4 6  ? 4.004   0.621   -11.612 1.00 65.39  ? 36 G   D C8    1 
ATOM   1032 N  N7    . G   D 4 6  ? 2.715   0.392   -11.580 1.00 65.13  ? 36 G   D N7    1 
ATOM   1033 C  C5    . G   D 4 6  ? 2.167   1.577   -11.091 1.00 64.27  ? 36 G   D C5    1 
ATOM   1034 C  C6    . G   D 4 6  ? 0.804   1.937   -10.842 1.00 63.89  ? 36 G   D C6    1 
ATOM   1035 O  O6    . G   D 4 6  ? -0.216  1.246   -11.005 1.00 65.30  ? 36 G   D O6    1 
ATOM   1036 N  N1    . G   D 4 6  ? 0.696   3.241   -10.354 1.00 61.91  ? 36 G   D N1    1 
ATOM   1037 C  C2    . G   D 4 6  ? 1.764   4.089   -10.128 1.00 62.42  ? 36 G   D C2    1 
ATOM   1038 N  N2    . G   D 4 6  ? 1.472   5.320   -9.634  1.00 59.91  ? 36 G   D N2    1 
ATOM   1039 N  N3    . G   D 4 6  ? 3.032   3.760   -10.361 1.00 61.87  ? 36 G   D N3    1 
ATOM   1040 C  C4    . G   D 4 6  ? 3.155   2.503   -10.835 1.00 63.61  ? 36 G   D C4    1 
ATOM   1041 P  P     . U   D 4 7  ? 9.918   3.337   -9.797  1.00 82.67  ? 37 U   D P     1 
ATOM   1042 O  OP1   . U   D 4 7  ? 10.604  4.658   -9.741  1.00 80.82  ? 37 U   D OP1   1 
ATOM   1043 O  OP2   . U   D 4 7  ? 10.690  2.096   -10.137 1.00 81.16  ? 37 U   D OP2   1 
ATOM   1044 O  "O5'" . U   D 4 7  ? 9.328   3.146   -8.343  1.00 84.06  ? 37 U   D "O5'" 1 
ATOM   1045 C  "C5'" . U   D 4 7  ? 10.175  3.259   -7.220  1.00 81.01  ? 37 U   D "C5'" 1 
ATOM   1046 C  "C4'" . U   D 4 7  ? 9.407   3.809   -6.051  1.00 80.18  ? 37 U   D "C4'" 1 
ATOM   1047 O  "O4'" . U   D 4 7  ? 8.725   5.014   -6.483  1.00 80.30  ? 37 U   D "O4'" 1 
ATOM   1048 C  "C3'" . U   D 4 7  ? 8.295   2.841   -5.628  1.00 78.58  ? 37 U   D "C3'" 1 
ATOM   1049 O  "O3'" . U   D 4 7  ? 8.160   2.854   -4.232  1.00 76.89  ? 37 U   D "O3'" 1 
ATOM   1050 C  "C2'" . U   D 4 7  ? 7.007   3.366   -6.239  1.00 77.60  ? 37 U   D "C2'" 1 
ATOM   1051 O  "O2'" . U   D 4 7  ? 5.950   3.335   -5.296  1.00 78.49  ? 37 U   D "O2'" 1 
ATOM   1052 C  "C1'" . U   D 4 7  ? 7.343   4.834   -6.380  1.00 76.44  ? 37 U   D "C1'" 1 
ATOM   1053 N  N1    . U   D 4 7  ? 6.658   5.537   -7.438  1.00 77.91  ? 37 U   D N1    1 
ATOM   1054 C  C2    . U   D 4 7  ? 5.624   6.369   -7.026  1.00 79.66  ? 37 U   D C2    1 
ATOM   1055 O  O2    . U   D 4 7  ? 5.333   6.528   -5.858  1.00 80.86  ? 37 U   D O2    1 
ATOM   1056 N  N3    . U   D 4 7  ? 4.948   6.995   -8.024  1.00 80.60  ? 37 U   D N3    1 
ATOM   1057 C  C4    . U   D 4 7  ? 5.183   6.852   -9.374  1.00 82.80  ? 37 U   D C4    1 
ATOM   1058 O  O4    . U   D 4 7  ? 4.331   7.270   -10.160 1.00 86.09  ? 37 U   D O4    1 
ATOM   1059 C  C5    . U   D 4 7  ? 6.303   5.984   -9.717  1.00 80.80  ? 37 U   D C5    1 
ATOM   1060 C  C6    . U   D 4 7  ? 6.982   5.375   -8.751  1.00 77.80  ? 37 U   D C6    1 
ATOM   1061 P  P     . A   D 4 8  ? 8.161   1.507   -3.409  1.00 78.47  ? 38 A   D P     1 
ATOM   1062 O  OP1   . A   D 4 8  ? 7.553   2.016   -2.150  1.00 72.38  ? 38 A   D OP1   1 
ATOM   1063 O  OP2   . A   D 4 8  ? 9.549   0.992   -3.436  1.00 74.89  ? 38 A   D OP2   1 
ATOM   1064 O  "O5'" . A   D 4 8  ? 7.225   0.496   -4.218  1.00 78.35  ? 38 A   D "O5'" 1 
ATOM   1065 C  "C5'" . A   D 4 8  ? 5.896   0.209   -3.784  1.00 76.02  ? 38 A   D "C5'" 1 
ATOM   1066 C  "C4'" . A   D 4 8  ? 5.287   -0.896  -4.625  1.00 72.27  ? 38 A   D "C4'" 1 
ATOM   1067 O  "O4'" . A   D 4 8  ? 3.939   -1.165  -4.162  1.00 70.78  ? 38 A   D "O4'" 1 
ATOM   1068 C  "C3'" . A   D 4 8  ? 5.163   -0.451  -6.075  1.00 70.63  ? 38 A   D "C3'" 1 
ATOM   1069 O  "O3'" . A   D 4 8  ? 5.318   -1.606  -6.902  1.00 70.96  ? 38 A   D "O3'" 1 
ATOM   1070 C  "C2'" . A   D 4 8  ? 3.725   0.080   -6.183  1.00 70.49  ? 38 A   D "C2'" 1 
ATOM   1071 O  "O2'" . A   D 4 8  ? 3.108   -0.185  -7.418  1.00 74.67  ? 38 A   D "O2'" 1 
ATOM   1072 C  "C1'" . A   D 4 8  ? 3.017   -0.775  -5.136  1.00 68.47  ? 38 A   D "C1'" 1 
ATOM   1073 N  N9    . A   D 4 8  ? 1.798   -0.339  -4.484  1.00 66.55  ? 38 A   D N9    1 
ATOM   1074 C  C8    . A   D 4 8  ? 0.576   -0.952  -4.521  1.00 66.24  ? 38 A   D C8    1 
ATOM   1075 N  N7    . A   D 4 8  ? -0.342  -0.346  -3.802  1.00 65.53  ? 38 A   D N7    1 
ATOM   1076 C  C5    . A   D 4 8  ? 0.328   0.739   -3.264  1.00 65.92  ? 38 A   D C5    1 
ATOM   1077 C  C6    . A   D 4 8  ? -0.082  1.763   -2.404  1.00 66.94  ? 38 A   D C6    1 
ATOM   1078 N  N6    . A   D 4 8  ? -1.324  1.872   -1.914  1.00 66.14  ? 38 A   D N6    1 
ATOM   1079 N  N1    . A   D 4 8  ? 0.841   2.688   -2.052  1.00 69.60  ? 38 A   D N1    1 
ATOM   1080 C  C2    . A   D 4 8  ? 2.095   2.563   -2.540  1.00 72.20  ? 38 A   D C2    1 
ATOM   1081 N  N3    . A   D 4 8  ? 2.595   1.631   -3.360  1.00 69.59  ? 38 A   D N3    1 
ATOM   1082 C  C4    . A   D 4 8  ? 1.648   0.751   -3.684  1.00 66.51  ? 38 A   D C4    1 
ATOM   1083 P  P     . C   D 4 9  ? 6.697   -1.957  -7.637  1.00 74.38  ? 39 C   D P     1 
ATOM   1084 O  OP1   . C   D 4 9  ? 7.184   -0.795  -8.439  1.00 75.40  ? 39 C   D OP1   1 
ATOM   1085 O  OP2   . C   D 4 9  ? 6.275   -3.197  -8.344  1.00 76.11  ? 39 C   D OP2   1 
ATOM   1086 O  "O5'" . C   D 4 9  ? 7.738   -2.392  -6.488  1.00 77.42  ? 39 C   D "O5'" 1 
ATOM   1087 C  "C5'" . C   D 4 9  ? 7.848   -3.770  -6.033  1.00 79.18  ? 39 C   D "C5'" 1 
ATOM   1088 C  "C4'" . C   D 4 9  ? 8.995   -3.943  -5.018  1.00 82.14  ? 39 C   D "C4'" 1 
ATOM   1089 O  "O4'" . C   D 4 9  ? 10.255  -3.579  -5.636  1.00 83.28  ? 39 C   D "O4'" 1 
ATOM   1090 C  "C3'" . C   D 4 9  ? 8.839   -3.013  -3.808  1.00 84.68  ? 39 C   D "C3'" 1 
ATOM   1091 O  "O3'" . C   D 4 9  ? 9.429   -3.542  -2.605  1.00 79.80  ? 39 C   D "O3'" 1 
ATOM   1092 C  "C2'" . C   D 4 9  ? 9.669   -1.795  -4.170  1.00 86.67  ? 39 C   D "C2'" 1 
ATOM   1093 O  "O2'" . C   D 4 9  ? 10.258  -1.130  -3.080  1.00 90.22  ? 39 C   D "O2'" 1 
ATOM   1094 C  "C1'" . C   D 4 9  ? 10.765  -2.436  -5.016  1.00 88.76  ? 39 C   D "C1'" 1 
ATOM   1095 N  N1    . C   D 4 9  ? 11.353  -1.566  -5.994  1.00 91.63  ? 39 C   D N1    1 
ATOM   1096 C  C2    . C   D 4 9  ? 12.749  -1.485  -6.077  1.00 94.09  ? 39 C   D C2    1 
ATOM   1097 O  O2    . C   D 4 9  ? 13.452  -2.277  -5.398  1.00 95.31  ? 39 C   D O2    1 
ATOM   1098 N  N3    . C   D 4 9  ? 13.286  -0.566  -6.887  1.00 95.60  ? 39 C   D N3    1 
ATOM   1099 C  C4    . C   D 4 9  ? 12.483  0.234   -7.607  1.00 95.27  ? 39 C   D C4    1 
ATOM   1100 N  N4    . C   D 4 9  ? 13.046  1.178   -8.364  1.00 97.50  ? 39 C   D N4    1 
ATOM   1101 C  C5    . C   D 4 9  ? 11.069  0.113   -7.579  1.00 93.85  ? 39 C   D C5    1 
ATOM   1102 C  C6    . C   D 4 9  ? 10.557  -0.791  -6.776  1.00 92.35  ? 39 C   D C6    1 
ATOM   1103 P  P     . A   D 4 10 ? 8.740   -4.736  -1.787  1.00 78.84  ? 40 A   D P     1 
ATOM   1104 O  OP1   . A   D 4 10 ? 9.695   -5.050  -0.697  1.00 75.98  ? 40 A   D OP1   1 
ATOM   1105 O  OP2   . A   D 4 10 ? 8.315   -5.811  -2.731  1.00 76.79  ? 40 A   D OP2   1 
ATOM   1106 O  "O5'" . A   D 4 10 ? 7.482   -4.009  -1.133  1.00 75.18  ? 40 A   D "O5'" 1 
ATOM   1107 C  "C5'" . A   D 4 10 ? 7.650   -2.704  -0.590  1.00 69.98  ? 40 A   D "C5'" 1 
ATOM   1108 C  "C4'" . A   D 4 10 ? 6.322   -2.064  -0.288  1.00 68.41  ? 40 A   D "C4'" 1 
ATOM   1109 O  "O4'" . A   D 4 10 ? 5.585   -1.932  -1.525  1.00 66.93  ? 40 A   D "O4'" 1 
ATOM   1110 C  "C3'" . A   D 4 10 ? 5.396   -2.876  0.594   1.00 67.36  ? 40 A   D "C3'" 1 
ATOM   1111 O  "O3'" . A   D 4 10 ? 5.717   -2.692  1.965   1.00 69.29  ? 40 A   D "O3'" 1 
ATOM   1112 C  "C2'" . A   D 4 10 ? 4.032   -2.312  0.227   1.00 65.09  ? 40 A   D "C2'" 1 
ATOM   1113 O  "O2'" . A   D 4 10 ? 3.785   -1.065  0.851   1.00 64.61  ? 40 A   D "O2'" 1 
ATOM   1114 C  "C1'" . A   D 4 10 ? 4.200   -2.102  -1.275  1.00 63.57  ? 40 A   D "C1'" 1 
ATOM   1115 N  N9    . A   D 4 10 ? 3.735   -3.233  -2.073  1.00 61.07  ? 40 A   D N9    1 
ATOM   1116 C  C8    . A   D 4 10 ? 4.475   -4.209  -2.706  1.00 59.93  ? 40 A   D C8    1 
ATOM   1117 N  N7    . A   D 4 10 ? 3.742   -5.084  -3.369  1.00 59.01  ? 40 A   D N7    1 
ATOM   1118 C  C5    . A   D 4 10 ? 2.439   -4.648  -3.154  1.00 58.99  ? 40 A   D C5    1 
ATOM   1119 C  C6    . A   D 4 10 ? 1.201   -5.132  -3.589  1.00 58.14  ? 40 A   D C6    1 
ATOM   1120 N  N6    . A   D 4 10 ? 1.076   -6.184  -4.388  1.00 58.65  ? 40 A   D N6    1 
ATOM   1121 N  N1    . A   D 4 10 ? 0.089   -4.487  -3.182  1.00 57.33  ? 40 A   D N1    1 
ATOM   1122 C  C2    . A   D 4 10 ? 0.228   -3.411  -2.403  1.00 59.24  ? 40 A   D C2    1 
ATOM   1123 N  N3    . A   D 4 10 ? 1.342   -2.842  -1.936  1.00 61.03  ? 40 A   D N3    1 
ATOM   1124 C  C4    . A   D 4 10 ? 2.423   -3.519  -2.351  1.00 60.08  ? 40 A   D C4    1 
ATOM   1125 P  P     . U   D 4 11 ? 5.616   -3.945  2.979   1.00 72.96  ? 41 U   D P     1 
ATOM   1126 O  OP1   . U   D 4 11 ? 6.047   -3.419  4.317   1.00 67.97  ? 41 U   D OP1   1 
ATOM   1127 O  OP2   . U   D 4 11 ? 6.322   -5.130  2.386   1.00 70.61  ? 41 U   D OP2   1 
ATOM   1128 O  "O5'" . U   D 4 11 ? 4.053   -4.285  2.997   1.00 64.41  ? 41 U   D "O5'" 1 
ATOM   1129 C  "C5'" . U   D 4 11 ? 3.139   -3.293  3.401   1.00 58.34  ? 41 U   D "C5'" 1 
ATOM   1130 C  "C4'" . U   D 4 11 ? 1.733   -3.820  3.416   1.00 56.93  ? 41 U   D "C4'" 1 
ATOM   1131 O  "O4'" . U   D 4 11 ? 1.366   -4.322  2.112   1.00 55.25  ? 41 U   D "O4'" 1 
ATOM   1132 C  "C3'" . U   D 4 11 ? 1.578   -4.997  4.363   1.00 56.51  ? 41 U   D "C3'" 1 
ATOM   1133 O  "O3'" . U   D 4 11 ? 0.468   -4.704  5.217   1.00 56.64  ? 41 U   D "O3'" 1 
ATOM   1134 C  "C2'" . U   D 4 11 ? 1.625   -6.254  3.488   1.00 53.05  ? 41 U   D "C2'" 1 
ATOM   1135 O  "O2'" . U   D 4 11 ? 0.708   -7.271  3.813   1.00 57.11  ? 41 U   D "O2'" 1 
ATOM   1136 C  "C1'" . U   D 4 11 ? 1.131   -5.698  2.160   1.00 56.50  ? 41 U   D "C1'" 1 
ATOM   1137 N  N1    . U   D 4 11 ? 1.578   -6.310  0.928   1.00 56.57  ? 41 U   D N1    1 
ATOM   1138 C  C2    . U   D 4 11 ? 0.599   -6.897  0.117   1.00 56.84  ? 41 U   D C2    1 
ATOM   1139 O  O2    . U   D 4 11 ? -0.617  -6.892  0.417   1.00 56.37  ? 41 U   D O2    1 
ATOM   1140 N  N3    . U   D 4 11 ? 1.073   -7.483  -1.025  1.00 54.80  ? 41 U   D N3    1 
ATOM   1141 C  C4    . U   D 4 11 ? 2.398   -7.569  -1.410  1.00 55.28  ? 41 U   D C4    1 
ATOM   1142 O  O4    . U   D 4 11 ? 2.720   -8.333  -2.320  1.00 56.18  ? 41 U   D O4    1 
ATOM   1143 C  C5    . U   D 4 11 ? 3.320   -6.918  -0.536  1.00 56.17  ? 41 U   D C5    1 
ATOM   1144 C  C6    . U   D 4 11 ? 2.890   -6.325  0.568   1.00 55.81  ? 41 U   D C6    1 
ATOM   1145 P  P     . U   D 4 12 ? -0.063  -5.779  6.278   1.00 54.77  ? 42 U   D P     1 
ATOM   1146 O  OP1   . U   D 4 12 ? -0.313  -4.993  7.523   1.00 59.67  ? 42 U   D OP1   1 
ATOM   1147 O  OP2   . U   D 4 12 ? 0.828   -6.962  6.297   1.00 52.87  ? 42 U   D OP2   1 
ATOM   1148 O  "O5'" . U   D 4 12 ? -1.459  -6.241  5.688   1.00 56.79  ? 42 U   D "O5'" 1 
ATOM   1149 C  "C5'" . U   D 4 12 ? -2.465  -6.727  6.528   1.00 54.42  ? 42 U   D "C5'" 1 
ATOM   1150 C  "C4'" . U   D 4 12 ? -3.331  -7.638  5.736   1.00 58.00  ? 42 U   D "C4'" 1 
ATOM   1151 O  "O4'" . U   D 4 12 ? -3.973  -6.875  4.687   1.00 57.82  ? 42 U   D "O4'" 1 
ATOM   1152 C  "C3'" . U   D 4 12 ? -2.446  -8.659  5.034   1.00 58.32  ? 42 U   D "C3'" 1 
ATOM   1153 O  "O3'" . U   D 4 12 ? -3.185  -9.869  5.017   1.00 62.75  ? 42 U   D "O3'" 1 
ATOM   1154 C  "C2'" . U   D 4 12 ? -2.236  -8.116  3.628   1.00 57.47  ? 42 U   D "C2'" 1 
ATOM   1155 O  "O2'" . U   D 4 12 ? -2.362  -9.112  2.653   1.00 57.51  ? 42 U   D "O2'" 1 
ATOM   1156 C  "C1'" . U   D 4 12 ? -3.495  -7.281  3.437   1.00 58.32  ? 42 U   D "C1'" 1 
ATOM   1157 N  N1    . U   D 4 12 ? -3.393  -6.134  2.555   1.00 60.66  ? 42 U   D N1    1 
ATOM   1158 C  C2    . U   D 4 12 ? -4.151  -6.165  1.396   1.00 59.17  ? 42 U   D C2    1 
ATOM   1159 O  O2    . U   D 4 12 ? -4.894  -7.073  1.128   1.00 57.00  ? 42 U   D O2    1 
ATOM   1160 N  N3    . U   D 4 12 ? -4.016  -5.087  0.580   1.00 61.16  ? 42 U   D N3    1 
ATOM   1161 C  C4    . U   D 4 12 ? -3.229  -3.982  0.811   1.00 62.24  ? 42 U   D C4    1 
ATOM   1162 O  O4    . U   D 4 12 ? -3.264  -3.037  0.030   1.00 63.11  ? 42 U   D O4    1 
ATOM   1163 C  C5    . U   D 4 12 ? -2.485  -4.018  2.034   1.00 63.48  ? 42 U   D C5    1 
ATOM   1164 C  C6    . U   D 4 12 ? -2.588  -5.068  2.843   1.00 61.61  ? 42 U   D C6    1 
ATOM   1165 P  P     . A   D 4 13 ? -2.488  -11.285 5.277   1.00 59.37  ? 43 A   D P     1 
ATOM   1166 O  OP1   . A   D 4 13 ? -2.653  -11.452 6.745   1.00 59.15  ? 43 A   D OP1   1 
ATOM   1167 O  OP2   . A   D 4 13 ? -1.133  -11.381 4.657   1.00 58.02  ? 43 A   D OP2   1 
ATOM   1168 O  "O5'" . A   D 4 13 ? -3.508  -12.258 4.523   1.00 58.66  ? 43 A   D "O5'" 1 
ATOM   1169 C  "C5'" . A   D 4 13 ? -4.924  -12.114 4.736   1.00 61.07  ? 43 A   D "C5'" 1 
ATOM   1170 C  "C4'" . A   D 4 13 ? -5.679  -12.503 3.493   1.00 61.45  ? 43 A   D "C4'" 1 
ATOM   1171 O  "O4'" . A   D 4 13 ? -5.345  -11.582 2.429   1.00 66.45  ? 43 A   D "O4'" 1 
ATOM   1172 C  "C3'" . A   D 4 13 ? -5.334  -13.867 2.939   1.00 64.62  ? 43 A   D "C3'" 1 
ATOM   1173 O  "O3'" . A   D 4 13 ? -6.176  -14.827 3.564   1.00 67.66  ? 43 A   D "O3'" 1 
ATOM   1174 C  "C2'" . A   D 4 13 ? -5.695  -13.711 1.468   1.00 64.09  ? 43 A   D "C2'" 1 
ATOM   1175 O  "O2'" . A   D 4 13 ? -7.088  -13.782 1.292   1.00 69.54  ? 43 A   D "O2'" 1 
ATOM   1176 C  "C1'" . A   D 4 13 ? -5.265  -12.271 1.193   1.00 62.65  ? 43 A   D "C1'" 1 
ATOM   1177 N  N9    . A   D 4 13 ? -3.889  -12.151 0.706   1.00 61.06  ? 43 A   D N9    1 
ATOM   1178 C  C8    . A   D 4 13 ? -2.903  -11.353 1.224   1.00 60.53  ? 43 A   D C8    1 
ATOM   1179 N  N7    . A   D 4 13 ? -1.756  -11.442 0.591   1.00 59.87  ? 43 A   D N7    1 
ATOM   1180 C  C5    . A   D 4 13 ? -2.002  -12.362 -0.408  1.00 59.61  ? 43 A   D C5    1 
ATOM   1181 C  C6    . A   D 4 13 ? -1.181  -12.898 -1.409  1.00 60.66  ? 43 A   D C6    1 
ATOM   1182 N  N6    . A   D 4 13 ? 0.098   -12.554 -1.587  1.00 60.58  ? 43 A   D N6    1 
ATOM   1183 N  N1    . A   D 4 13 ? -1.723  -13.811 -2.236  1.00 61.36  ? 43 A   D N1    1 
ATOM   1184 C  C2    . A   D 4 13 ? -3.012  -14.150 -2.054  1.00 62.20  ? 43 A   D C2    1 
ATOM   1185 N  N3    . A   D 4 13 ? -3.889  -13.710 -1.151  1.00 60.62  ? 43 A   D N3    1 
ATOM   1186 C  C4    . A   D 4 13 ? -3.313  -12.807 -0.351  1.00 60.27  ? 43 A   D C4    1 
ATOM   1187 P  P     . C   D 4 14 ? -5.539  -16.155 4.215   1.00 71.04  ? 44 C   D P     1 
ATOM   1188 O  OP1   . C   D 4 14 ? -6.696  -17.027 4.571   1.00 69.66  ? 44 C   D OP1   1 
ATOM   1189 O  OP2   . C   D 4 14 ? -4.562  -15.771 5.265   1.00 65.20  ? 44 C   D OP2   1 
ATOM   1190 O  "O5'" . C   D 4 14 ? -4.722  -16.809 3.012   1.00 67.75  ? 44 C   D "O5'" 1 
ATOM   1191 C  "C5'" . C   D 4 14 ? -5.384  -17.530 1.978   1.00 70.08  ? 44 C   D "C5'" 1 
ATOM   1192 C  "C4'" . C   D 4 14 ? -4.362  -17.995 0.983   1.00 72.73  ? 44 C   D "C4'" 1 
ATOM   1193 O  "O4'" . C   D 4 14 ? -3.817  -16.833 0.313   1.00 73.66  ? 44 C   D "O4'" 1 
ATOM   1194 C  "C3'" . C   D 4 14 ? -3.158  -18.654 1.621   1.00 73.66  ? 44 C   D "C3'" 1 
ATOM   1195 O  "O3'" . C   D 4 14 ? -3.402  -20.029 1.884   1.00 73.82  ? 44 C   D "O3'" 1 
ATOM   1196 C  "C2'" . C   D 4 14 ? -2.066  -18.408 0.589   1.00 72.42  ? 44 C   D "C2'" 1 
ATOM   1197 O  "O2'" . C   D 4 14 ? -2.103  -19.301 -0.491  1.00 77.81  ? 44 C   D "O2'" 1 
ATOM   1198 C  "C1'" . C   D 4 14 ? -2.428  -17.007 0.094   1.00 70.61  ? 44 C   D "C1'" 1 
ATOM   1199 N  N1    . C   D 4 14 ? -1.748  -15.963 0.859   1.00 67.43  ? 44 C   D N1    1 
ATOM   1200 C  C2    . C   D 4 14 ? -0.439  -15.620 0.530   1.00 67.77  ? 44 C   D C2    1 
ATOM   1201 O  O2    . C   D 4 14 ? 0.112   -16.190 -0.435  1.00 68.12  ? 44 C   D O2    1 
ATOM   1202 N  N3    . C   D 4 14 ? 0.203   -14.679 1.268   1.00 67.98  ? 44 C   D N3    1 
ATOM   1203 C  C4    . C   D 4 14 ? -0.422  -14.095 2.292   1.00 67.00  ? 44 C   D C4    1 
ATOM   1204 N  N4    . C   D 4 14 ? 0.259   -13.194 3.013   1.00 67.11  ? 44 C   D N4    1 
ATOM   1205 C  C5    . C   D 4 14 ? -1.768  -14.415 2.630   1.00 67.68  ? 44 C   D C5    1 
ATOM   1206 C  C6    . C   D 4 14 ? -2.385  -15.345 1.894   1.00 66.33  ? 44 C   D C6    1 
ATOM   1207 P  P     . C   D 4 15 ? -2.734  -20.709 3.180   1.00 75.85  ? 45 C   D P     1 
ATOM   1208 O  OP1   . C   D 4 15 ? -3.375  -22.020 3.370   1.00 76.11  ? 45 C   D OP1   1 
ATOM   1209 O  OP2   . C   D 4 15 ? -2.767  -19.727 4.292   1.00 76.74  ? 45 C   D OP2   1 
ATOM   1210 O  "O5'" . C   D 4 15 ? -1.219  -20.935 2.737   1.00 70.86  ? 45 C   D "O5'" 1 
ATOM   1211 C  "C5'" . C   D 4 15 ? -0.914  -21.852 1.698   1.00 70.63  ? 45 C   D "C5'" 1 
ATOM   1212 C  "C4'" . C   D 4 15 ? 0.553   -21.809 1.368   1.00 72.74  ? 45 C   D "C4'" 1 
ATOM   1213 O  "O4'" . C   D 4 15 ? 0.878   -20.499 0.844   1.00 75.31  ? 45 C   D "O4'" 1 
ATOM   1214 C  "C3'" . C   D 4 15 ? 1.489   -21.977 2.550   1.00 78.32  ? 45 C   D "C3'" 1 
ATOM   1215 O  "O3'" . C   D 4 15 ? 1.719   -23.337 2.898   1.00 82.08  ? 45 C   D "O3'" 1 
ATOM   1216 C  "C2'" . C   D 4 15 ? 2.760   -21.293 2.063   1.00 78.65  ? 45 C   D "C2'" 1 
ATOM   1217 O  "O2'" . C   D 4 15 ? 3.571   -22.128 1.261   1.00 80.38  ? 45 C   D "O2'" 1 
ATOM   1218 C  "C1'" . C   D 4 15 ? 2.178   -20.112 1.278   1.00 76.53  ? 45 C   D "C1'" 1 
ATOM   1219 N  N1    . C   D 4 15 ? 2.034   -18.913 2.127   1.00 76.37  ? 45 C   D N1    1 
ATOM   1220 C  C2    . C   D 4 15 ? 3.181   -18.140 2.433   1.00 76.59  ? 45 C   D C2    1 
ATOM   1221 O  O2    . C   D 4 15 ? 4.276   -18.478 1.951   1.00 77.41  ? 45 C   D O2    1 
ATOM   1222 N  N3    . C   D 4 15 ? 3.052   -17.045 3.237   1.00 75.23  ? 45 C   D N3    1 
ATOM   1223 C  C4    . C   D 4 15 ? 1.844   -16.702 3.703   1.00 75.16  ? 45 C   D C4    1 
ATOM   1224 N  N4    . C   D 4 15 ? 1.748   -15.605 4.458   1.00 75.59  ? 45 C   D N4    1 
ATOM   1225 C  C5    . C   D 4 15 ? 0.668   -17.468 3.406   1.00 75.42  ? 45 C   D C5    1 
ATOM   1226 C  C6    . C   D 4 15 ? 0.807   -18.553 2.622   1.00 75.36  ? 45 C   D C6    1 
ATOM   1227 P  P     . U   D 4 16 ? 2.067   -23.720 4.433   1.00 84.58  ? 46 U   D P     1 
ATOM   1228 O  OP1   . U   D 4 16 ? 1.919   -25.188 4.521   1.00 83.74  ? 46 U   D OP1   1 
ATOM   1229 O  OP2   . U   D 4 16 ? 1.244   -22.851 5.323   1.00 82.22  ? 46 U   D OP2   1 
ATOM   1230 O  "O5'" . U   D 4 16 ? 3.615   -23.349 4.600   1.00 79.58  ? 46 U   D "O5'" 1 
ATOM   1231 C  "C5'" . U   D 4 16 ? 4.575   -23.926 3.735   1.00 79.19  ? 46 U   D "C5'" 1 
ATOM   1232 C  "C4'" . U   D 4 16 ? 5.938   -23.343 3.977   1.00 82.69  ? 46 U   D "C4'" 1 
ATOM   1233 O  "O4'" . U   D 4 16 ? 5.957   -21.960 3.544   1.00 84.00  ? 46 U   D "O4'" 1 
ATOM   1234 C  "C3'" . U   D 4 16 ? 6.377   -23.283 5.430   1.00 86.23  ? 46 U   D "C3'" 1 
ATOM   1235 O  "O3'" . U   D 4 16 ? 6.910   -24.516 5.891   1.00 88.11  ? 46 U   D "O3'" 1 
ATOM   1236 C  "C2'" . U   D 4 16 ? 7.428   -22.181 5.402   1.00 86.42  ? 46 U   D "C2'" 1 
ATOM   1237 O  "O2'" . U   D 4 16 ? 8.692   -22.640 4.954   1.00 86.93  ? 46 U   D "O2'" 1 
ATOM   1238 C  "C1'" . U   D 4 16 ? 6.805   -21.200 4.402   1.00 85.27  ? 46 U   D "C1'" 1 
ATOM   1239 N  N1    . U   D 4 16 ? 5.986   -20.182 5.084   1.00 83.68  ? 46 U   D N1    1 
ATOM   1240 C  C2    . U   D 4 16 ? 6.645   -19.140 5.744   1.00 82.32  ? 46 U   D C2    1 
ATOM   1241 O  O2    . U   D 4 16 ? 7.861   -19.010 5.740   1.00 81.89  ? 46 U   D O2    1 
ATOM   1242 N  N3    . U   D 4 16 ? 5.822   -18.256 6.409   1.00 80.84  ? 46 U   D N3    1 
ATOM   1243 C  C4    . U   D 4 16 ? 4.443   -18.297 6.476   1.00 80.63  ? 46 U   D C4    1 
ATOM   1244 O  O4    . U   D 4 16 ? 3.856   -17.487 7.185   1.00 78.97  ? 46 U   D O4    1 
ATOM   1245 C  C5    . U   D 4 16 ? 3.833   -19.380 5.749   1.00 81.74  ? 46 U   D C5    1 
ATOM   1246 C  C6    . U   D 4 16 ? 4.605   -20.264 5.094   1.00 83.18  ? 46 U   D C6    1 
ATOM   1247 P  P     . G   D 4 17 ? 6.750   -24.918 7.439   1.00 87.80  ? 47 G   D P     1 
ATOM   1248 O  OP1   . G   D 4 17 ? 7.064   -26.361 7.513   1.00 90.03  ? 47 G   D OP1   1 
ATOM   1249 O  OP2   . G   D 4 17 ? 5.425   -24.437 7.909   1.00 83.76  ? 47 G   D OP2   1 
ATOM   1250 O  "O5'" . G   D 4 17 ? 7.930   -24.117 8.153   1.00 83.09  ? 47 G   D "O5'" 1 
ATOM   1251 C  "C5'" . G   D 4 17 ? 9.280   -24.320 7.755   1.00 80.14  ? 47 G   D "C5'" 1 
ATOM   1252 C  "C4'" . G   D 4 17 ? 10.188  -23.330 8.443   1.00 82.31  ? 47 G   D "C4'" 1 
ATOM   1253 O  "O4'" . G   D 4 17 ? 9.875   -21.998 7.956   1.00 82.53  ? 47 G   D "O4'" 1 
ATOM   1254 C  "C3'" . G   D 4 17 ? 10.041  -23.208 9.957   1.00 82.78  ? 47 G   D "C3'" 1 
ATOM   1255 O  "O3'" . G   D 4 17 ? 10.778  -24.173 10.687  1.00 80.56  ? 47 G   D "O3'" 1 
ATOM   1256 C  "C2'" . G   D 4 17 ? 10.573  -21.806 10.226  1.00 82.04  ? 47 G   D "C2'" 1 
ATOM   1257 O  "O2'" . G   D 4 17 ? 11.990  -21.753 10.258  1.00 80.23  ? 47 G   D "O2'" 1 
ATOM   1258 C  "C1'" . G   D 4 17 ? 10.026  -21.052 9.013   1.00 81.26  ? 47 G   D "C1'" 1 
ATOM   1259 N  N9    . G   D 4 17 ? 8.724   -20.440 9.270   1.00 80.34  ? 47 G   D N9    1 
ATOM   1260 C  C8    . G   D 4 17 ? 7.493   -20.895 8.846   1.00 80.70  ? 47 G   D C8    1 
ATOM   1261 N  N7    . G   D 4 17 ? 6.502   -20.124 9.216   1.00 79.89  ? 47 G   D N7    1 
ATOM   1262 C  C5    . G   D 4 17 ? 7.114   -19.094 9.925   1.00 80.51  ? 47 G   D C5    1 
ATOM   1263 C  C6    . G   D 4 17 ? 6.550   -17.933 10.560  1.00 80.76  ? 47 G   D C6    1 
ATOM   1264 O  O6    . G   D 4 17 ? 5.359   -17.564 10.601  1.00 80.32  ? 47 G   D O6    1 
ATOM   1265 N  N1    . G   D 4 17 ? 7.534   -17.164 11.178  1.00 79.41  ? 47 G   D N1    1 
ATOM   1266 C  C2    . G   D 4 17 ? 8.875   -17.456 11.181  1.00 78.44  ? 47 G   D C2    1 
ATOM   1267 N  N2    . G   D 4 17 ? 9.644   -16.600 11.841  1.00 77.03  ? 47 G   D N2    1 
ATOM   1268 N  N3    . G   D 4 17 ? 9.414   -18.511 10.582  1.00 79.02  ? 47 G   D N3    1 
ATOM   1269 C  C4    . G   D 4 17 ? 8.484   -19.282 9.980   1.00 79.93  ? 47 G   D C4    1 
ATOM   1270 P  P     . C   D 4 18 ? 10.308  -24.567 12.172  1.00 80.83  ? 48 C   D P     1 
ATOM   1271 O  OP1   . C   D 4 18 ? 11.239  -25.645 12.565  1.00 83.79  ? 48 C   D OP1   1 
ATOM   1272 O  OP2   . C   D 4 18 ? 8.837   -24.814 12.207  1.00 76.54  ? 48 C   D OP2   1 
ATOM   1273 O  "O5'" . C   D 4 18 ? 10.652  -23.283 13.053  1.00 77.56  ? 48 C   D "O5'" 1 
ATOM   1274 C  "C5'" . C   D 4 18 ? 11.992  -22.819 13.146  1.00 75.37  ? 48 C   D "C5'" 1 
ATOM   1275 C  "C4'" . C   D 4 18 ? 12.080  -21.649 14.095  1.00 77.21  ? 48 C   D "C4'" 1 
ATOM   1276 O  "O4'" . C   D 4 18 ? 11.515  -20.463 13.474  1.00 79.35  ? 48 C   D "O4'" 1 
ATOM   1277 C  "C3'" . C   D 4 18 ? 11.286  -21.794 15.382  1.00 77.34  ? 48 C   D "C3'" 1 
ATOM   1278 O  "O3'" . C   D 4 18 ? 12.004  -22.481 16.376  1.00 73.54  ? 48 C   D "O3'" 1 
ATOM   1279 C  "C2'" . C   D 4 18 ? 11.084  -20.350 15.807  1.00 78.27  ? 48 C   D "C2'" 1 
ATOM   1280 O  "O2'" . C   D 4 18 ? 12.238  -19.831 16.444  1.00 77.93  ? 48 C   D "O2'" 1 
ATOM   1281 C  "C1'" . C   D 4 18 ? 10.859  -19.672 14.456  1.00 78.58  ? 48 C   D "C1'" 1 
ATOM   1282 N  N1    . C   D 4 18 ? 9.431   -19.609 14.117  1.00 78.24  ? 48 C   D N1    1 
ATOM   1283 C  C2    . C   D 4 18 ? 8.617   -18.667 14.776  1.00 78.01  ? 48 C   D C2    1 
ATOM   1284 O  O2    . C   D 4 18 ? 9.144   -17.854 15.549  1.00 77.92  ? 48 C   D O2    1 
ATOM   1285 N  N3    . C   D 4 18 ? 7.285   -18.665 14.541  1.00 77.68  ? 48 C   D N3    1 
ATOM   1286 C  C4    . C   D 4 18 ? 6.761   -19.544 13.675  1.00 77.37  ? 48 C   D C4    1 
ATOM   1287 N  N4    . C   D 4 18 ? 5.450   -19.558 13.505  1.00 77.69  ? 48 C   D N4    1 
ATOM   1288 C  C5    . C   D 4 18 ? 7.568   -20.467 12.952  1.00 77.55  ? 48 C   D C5    1 
ATOM   1289 C  C6    . C   D 4 18 ? 8.886   -20.468 13.200  1.00 77.38  ? 48 C   D C6    1 
ATOM   1290 P  P     . C   D 4 19 ? 11.205  -23.387 17.419  1.00 77.64  ? 49 C   D P     1 
ATOM   1291 O  OP1   . C   D 4 19 ? 12.219  -24.239 18.098  1.00 83.33  ? 49 C   D OP1   1 
ATOM   1292 O  OP2   . C   D 4 19 ? 10.087  -24.033 16.667  1.00 78.07  ? 49 C   D OP2   1 
ATOM   1293 O  "O5'" . C   D 4 19 ? 10.623  -22.350 18.477  1.00 68.39  ? 49 C   D "O5'" 1 
ATOM   1294 C  "C5'" . C   D 4 19 ? 11.461  -21.362 19.028  1.00 70.05  ? 49 C   D "C5'" 1 
ATOM   1295 C  "C4'" . C   D 4 19 ? 10.637  -20.272 19.662  1.00 74.06  ? 49 C   D "C4'" 1 
ATOM   1296 O  "O4'" . C   D 4 19 ? 9.898   -19.569 18.628  1.00 74.32  ? 49 C   D "O4'" 1 
ATOM   1297 C  "C3'" . C   D 4 19 ? 9.551   -20.747 20.617  1.00 75.15  ? 49 C   D "C3'" 1 
ATOM   1298 O  "O3'" . C   D 4 19 ? 9.966   -20.992 21.961  1.00 75.92  ? 49 C   D "O3'" 1 
ATOM   1299 C  "C2'" . C   D 4 19 ? 8.595   -19.571 20.608  1.00 75.49  ? 49 C   D "C2'" 1 
ATOM   1300 O  "O2'" . C   D 4 19 ? 9.138   -18.524 21.379  1.00 75.84  ? 49 C   D "O2'" 1 
ATOM   1301 C  "C1'" . C   D 4 19 ? 8.648   -19.149 19.140  1.00 74.71  ? 49 C   D "C1'" 1 
ATOM   1302 N  N1    . C   D 4 19 ? 7.578   -19.712 18.304  1.00 76.76  ? 49 C   D N1    1 
ATOM   1303 C  C2    . C   D 4 19 ? 6.311   -19.107 18.308  1.00 77.74  ? 49 C   D C2    1 
ATOM   1304 O  O2    . C   D 4 19 ? 6.118   -18.117 19.019  1.00 80.62  ? 49 C   D O2    1 
ATOM   1305 N  N3    . C   D 4 19 ? 5.334   -19.611 17.538  1.00 77.06  ? 49 C   D N3    1 
ATOM   1306 C  C4    . C   D 4 19 ? 5.580   -20.662 16.767  1.00 78.05  ? 49 C   D C4    1 
ATOM   1307 N  N4    . C   D 4 19 ? 4.603   -21.107 15.996  1.00 79.29  ? 49 C   D N4    1 
ATOM   1308 C  C5    . C   D 4 19 ? 6.847   -21.303 16.745  1.00 79.13  ? 49 C   D C5    1 
ATOM   1309 C  C6    . C   D 4 19 ? 7.810   -20.801 17.525  1.00 78.44  ? 49 C   D C6    1 
HETATM 1310 S  S     . SO4 E 5 .  ? -12.228 1.889   10.145  0.50 74.00  ? 21 SO4 A S     1 
HETATM 1311 O  O1    . SO4 E 5 .  ? -12.984 2.814   9.298   0.50 71.96  ? 21 SO4 A O1    1 
HETATM 1312 O  O2    . SO4 E 5 .  ? -13.111 0.767   10.502  0.50 70.26  ? 21 SO4 A O2    1 
HETATM 1313 O  O3    . SO4 E 5 .  ? -11.061 1.397   9.405   0.50 67.58  ? 21 SO4 A O3    1 
HETATM 1314 O  O4    . SO4 E 5 .  ? -11.760 2.587   11.352  0.50 66.13  ? 21 SO4 A O4    1 
HETATM 1315 CO CO    . NCO F 6 .  ? -12.766 -1.008  5.489   1.00 66.78  ? 14 NCO B CO    1 
HETATM 1316 N  N1    . NCO F 6 .  ? -12.242 -0.742  3.550   1.00 68.09  ? 14 NCO B N1    1 
HETATM 1317 N  N2    . NCO F 6 .  ? -12.151 -2.906  5.174   1.00 67.34  ? 14 NCO B N2    1 
HETATM 1318 N  N3    . NCO F 6 .  ? -11.037 -0.245  6.070   1.00 67.79  ? 14 NCO B N3    1 
HETATM 1319 N  N4    . NCO F 6 .  ? -14.533 -1.678  5.057   1.00 66.41  ? 14 NCO B N4    1 
HETATM 1320 N  N5    . NCO F 6 .  ? -13.203 -1.329  7.372   1.00 71.36  ? 14 NCO B N5    1 
HETATM 1321 N  N6    . NCO F 6 .  ? -13.493 0.861   5.697   1.00 68.21  ? 14 NCO B N6    1 
HETATM 1322 CO CO    . NCO G 6 .  ? 8.878   -7.726  1.692   1.00 40.03  ? 11 NCO D CO    1 
HETATM 1323 N  N1    . NCO G 6 .  ? 9.475   -5.834  1.980   1.00 44.94  ? 11 NCO D N1    1 
HETATM 1324 N  N2    . NCO G 6 .  ? 10.126  -7.719  0.166   1.00 45.04  ? 11 NCO D N2    1 
HETATM 1325 N  N3    . NCO G 6 .  ? 10.118  -8.386  3.044   1.00 45.08  ? 11 NCO D N3    1 
HETATM 1326 N  N4    . NCO G 6 .  ? 7.549   -7.240  0.362   1.00 45.87  ? 11 NCO D N4    1 
HETATM 1327 N  N5    . NCO G 6 .  ? 8.340   -9.555  1.381   1.00 42.00  ? 11 NCO D N5    1 
HETATM 1328 N  N6    . NCO G 6 .  ? 7.590   -7.587  3.172   1.00 46.72  ? 11 NCO D N6    1 
HETATM 1329 O  O     . HOH H 7 .  ? -8.565  2.702   8.621   1.00 73.32  ? 22 HOH A O     1 
HETATM 1330 O  O     . HOH H 7 .  ? -3.327  -6.864  11.078  1.00 58.12  ? 23 HOH A O     1 
HETATM 1331 O  O     . HOH I 7 .  ? -12.899 13.638  6.761   1.00 93.10  ? 15 HOH B O     1 
HETATM 1332 O  O     . HOH I 7 .  ? 6.665   18.483  -2.695  1.00 80.10  ? 16 HOH B O     1 
HETATM 1333 O  O     . HOH J 7 .  ? 1.064   8.702   -10.023 1.00 61.97  ? 5  HOH C O     1 
# 
loop_
_pdbx_poly_seq_scheme.asym_id 
_pdbx_poly_seq_scheme.entity_id 
_pdbx_poly_seq_scheme.seq_id 
_pdbx_poly_seq_scheme.mon_id 
_pdbx_poly_seq_scheme.ndb_seq_num 
_pdbx_poly_seq_scheme.pdb_seq_num 
_pdbx_poly_seq_scheme.auth_seq_num 
_pdbx_poly_seq_scheme.pdb_mon_id 
_pdbx_poly_seq_scheme.auth_mon_id 
_pdbx_poly_seq_scheme.pdb_strand_id 
_pdbx_poly_seq_scheme.pdb_ins_code 
_pdbx_poly_seq_scheme.hetero 
A 1 1  U  1  1  1  U  U   A . n 
A 1 2  C  2  2  2  C  C   A . n 
A 1 3  C  3  3  3  C  C   A . n 
A 1 4  C  4  4  4  C  C   A . n 
A 1 5  DA 5  5  5  DA DA  A . n 
A 1 6  G  6  6  6  G  G   A . n 
A 1 7  U  7  7  7  U  U   A . n 
A 1 8  C  8  8  8  C  C   A . n 
A 1 9  C  9  9  9  C  C   A . n 
A 1 10 A  10 10 1  A  A   A . n 
A 1 11 C  11 11 1  C  C   A . n 
A 1 12 C  12 12 1  C  C   A . n 
A 1 13 G  13 13 1  G  G   A . n 
B 2 1  C  1  2  2  C  C   B . n 
B 2 2  G  2  3  3  G  G   B . n 
B 2 3  G  3  4  4  G  G   B . n 
B 2 4  U  4  5  5  U  U   B . n 
B 2 5  G  5  6  6  G  G   B . n 
B 2 6  A  6  7  7  A  A   B . n 
B 2 7  I  7  8  8  I  INO B . n 
B 2 8  A  8  9  9  A  A   B . n 
B 2 9  A  9  10 10 A  A   B . n 
B 2 10 G  10 11 11 G  G   B . n 
B 2 11 G  11 12 12 G  G   B . n 
B 2 12 G  12 13 13 G  G   B . n 
C 3 1  G  1  15 15 G  G   C . n 
C 3 2  G  2  16 16 G  G   C . n 
C 3 3  C  3  17 17 C  C   C . n 
C 3 4  A  4  18 18 A  A   C . n 
C 3 5  G  5  19 19 G  G   C . n 
C 3 6  A  6  20 20 A  A   C . n 
C 3 7  G  7  21 21 G  G   C . n 
C 3 8  A  8  22 22 A  A   C . n 
C 3 9  A  9  23 23 A  A   C . n 
C 3 10 A  10 24 24 A  A   C . n 
C 3 11 C  11 25 25 C  C   C . n 
C 3 12 A  12 26 26 A  A   C . n 
C 3 13 C  13 27 27 C  C   C . n 
C 3 14 A  14 28 28 A  A   C . n 
C 3 15 C  15 29 29 C  C   C . n 
C 3 16 G  16 30 30 G  G   C . n 
C 3 17 A  17 31 31 A  A   C . n 
D 4 1  U  1  31 31 U  U   D . n 
D 4 2  C  2  32 32 C  C   D . n 
D 4 3  G  3  33 33 G  G   D . n 
D 4 4  U  4  34 34 U  U   D . n 
D 4 5  G  5  35 35 G  G   D . n 
D 4 6  G  6  36 36 G  G   D . n 
D 4 7  U  7  37 37 U  U   D . n 
D 4 8  A  8  38 38 A  A   D . n 
D 4 9  C  9  39 39 C  C   D . n 
D 4 10 A  10 40 40 A  A   D . n 
D 4 11 U  11 41 41 U  U   D . n 
D 4 12 U  12 42 42 U  U   D . n 
D 4 13 A  13 43 43 A  A   D . n 
D 4 14 C  14 44 44 C  C   D . n 
D 4 15 C  15 45 45 C  C   D . n 
D 4 16 U  16 46 46 U  U   D . n 
D 4 17 G  17 47 47 G  G   D . n 
D 4 18 C  18 48 48 C  C   D . n 
D 4 19 C  19 49 49 C  C   D . n 
# 
loop_
_pdbx_nonpoly_scheme.asym_id 
_pdbx_nonpoly_scheme.entity_id 
_pdbx_nonpoly_scheme.mon_id 
_pdbx_nonpoly_scheme.ndb_seq_num 
_pdbx_nonpoly_scheme.pdb_seq_num 
_pdbx_nonpoly_scheme.auth_seq_num 
_pdbx_nonpoly_scheme.pdb_mon_id 
_pdbx_nonpoly_scheme.auth_mon_id 
_pdbx_nonpoly_scheme.pdb_strand_id 
_pdbx_nonpoly_scheme.pdb_ins_code 
E 5 SO4 1 21 1 SO4 SO4 A . 
F 6 NCO 1 14 2 NCO NCO B . 
G 6 NCO 1 11 1 NCO NCO D . 
H 7 HOH 1 22 2 HOH HOH A . 
H 7 HOH 2 23 4 HOH HOH A . 
I 7 HOH 1 15 1 HOH HOH B . 
I 7 HOH 2 16 3 HOH HOH B . 
J 7 HOH 1 5  5 HOH HOH C . 
# 
_pdbx_struct_assembly.id                   1 
_pdbx_struct_assembly.details              author_defined_assembly 
_pdbx_struct_assembly.method_details       ? 
_pdbx_struct_assembly.oligomeric_details   tetrameric 
_pdbx_struct_assembly.oligomeric_count     4 
# 
_pdbx_struct_assembly_gen.assembly_id       1 
_pdbx_struct_assembly_gen.oper_expression   1 
_pdbx_struct_assembly_gen.asym_id_list      A,B,C,D,E,F,G,H,I,J 
# 
_pdbx_struct_oper_list.id                   1 
_pdbx_struct_oper_list.type                 'identity operation' 
_pdbx_struct_oper_list.name                 1_555 
_pdbx_struct_oper_list.symmetry_operation   x,y,z 
_pdbx_struct_oper_list.matrix[1][1]         1.0000000000 
_pdbx_struct_oper_list.matrix[1][2]         0.0000000000 
_pdbx_struct_oper_list.matrix[1][3]         0.0000000000 
_pdbx_struct_oper_list.vector[1]            0.0000000000 
_pdbx_struct_oper_list.matrix[2][1]         0.0000000000 
_pdbx_struct_oper_list.matrix[2][2]         1.0000000000 
_pdbx_struct_oper_list.matrix[2][3]         0.0000000000 
_pdbx_struct_oper_list.vector[2]            0.0000000000 
_pdbx_struct_oper_list.matrix[3][1]         0.0000000000 
_pdbx_struct_oper_list.matrix[3][2]         0.0000000000 
_pdbx_struct_oper_list.matrix[3][3]         1.0000000000 
_pdbx_struct_oper_list.vector[3]            0.0000000000 
# 
loop_
_pdbx_audit_revision_history.ordinal 
_pdbx_audit_revision_history.data_content_type 
_pdbx_audit_revision_history.major_revision 
_pdbx_audit_revision_history.minor_revision 
_pdbx_audit_revision_history.revision_date 
1 'Structure model' 1 0 2006-02-14 
2 'Structure model' 1 1 2008-05-01 
3 'Structure model' 1 2 2011-07-13 
4 'Structure model' 1 3 2023-08-23 
# 
_pdbx_audit_revision_details.ordinal             1 
_pdbx_audit_revision_details.revision_ordinal    1 
_pdbx_audit_revision_details.data_content_type   'Structure model' 
_pdbx_audit_revision_details.provider            repository 
_pdbx_audit_revision_details.type                'Initial release' 
_pdbx_audit_revision_details.description         ? 
_pdbx_audit_revision_details.details             ? 
# 
loop_
_pdbx_audit_revision_group.ordinal 
_pdbx_audit_revision_group.revision_ordinal 
_pdbx_audit_revision_group.data_content_type 
_pdbx_audit_revision_group.group 
1 2 'Structure model' 'Version format compliance' 
2 3 'Structure model' 'Version format compliance' 
3 4 'Structure model' 'Data collection'           
4 4 'Structure model' 'Database references'       
5 4 'Structure model' 'Derived calculations'      
6 4 'Structure model' 'Refinement description'    
# 
loop_
_pdbx_audit_revision_category.ordinal 
_pdbx_audit_revision_category.revision_ordinal 
_pdbx_audit_revision_category.data_content_type 
_pdbx_audit_revision_category.category 
1 4 'Structure model' chem_comp_atom                
2 4 'Structure model' chem_comp_bond                
3 4 'Structure model' database_2                    
4 4 'Structure model' pdbx_initial_refinement_model 
5 4 'Structure model' struct_site                   
# 
loop_
_pdbx_audit_revision_item.ordinal 
_pdbx_audit_revision_item.revision_ordinal 
_pdbx_audit_revision_item.data_content_type 
_pdbx_audit_revision_item.item 
1 4 'Structure model' '_database_2.pdbx_DOI'                
2 4 'Structure model' '_database_2.pdbx_database_accession' 
3 4 'Structure model' '_struct_site.pdbx_auth_asym_id'      
4 4 'Structure model' '_struct_site.pdbx_auth_comp_id'      
5 4 'Structure model' '_struct_site.pdbx_auth_seq_id'       
# 
loop_
_software.name 
_software.classification 
_software.version 
_software.citation_id 
_software.pdbx_ordinal 
CNS          refinement       1.1            ? 1 
CrystalClear 'data reduction' '(MSC/RIGAKU)' ? 2 
CrystalClear 'data scaling'   '(MSC/RIGAKU)' ? 3 
CNS          phasing          1.1            ? 4 
# 
loop_
_pdbx_validate_rmsd_angle.id 
_pdbx_validate_rmsd_angle.PDB_model_num 
_pdbx_validate_rmsd_angle.auth_atom_id_1 
_pdbx_validate_rmsd_angle.auth_asym_id_1 
_pdbx_validate_rmsd_angle.auth_comp_id_1 
_pdbx_validate_rmsd_angle.auth_seq_id_1 
_pdbx_validate_rmsd_angle.PDB_ins_code_1 
_pdbx_validate_rmsd_angle.label_alt_id_1 
_pdbx_validate_rmsd_angle.auth_atom_id_2 
_pdbx_validate_rmsd_angle.auth_asym_id_2 
_pdbx_validate_rmsd_angle.auth_comp_id_2 
_pdbx_validate_rmsd_angle.auth_seq_id_2 
_pdbx_validate_rmsd_angle.PDB_ins_code_2 
_pdbx_validate_rmsd_angle.label_alt_id_2 
_pdbx_validate_rmsd_angle.auth_atom_id_3 
_pdbx_validate_rmsd_angle.auth_asym_id_3 
_pdbx_validate_rmsd_angle.auth_comp_id_3 
_pdbx_validate_rmsd_angle.auth_seq_id_3 
_pdbx_validate_rmsd_angle.PDB_ins_code_3 
_pdbx_validate_rmsd_angle.label_alt_id_3 
_pdbx_validate_rmsd_angle.angle_value 
_pdbx_validate_rmsd_angle.angle_target_value 
_pdbx_validate_rmsd_angle.angle_deviation 
_pdbx_validate_rmsd_angle.angle_standard_deviation 
_pdbx_validate_rmsd_angle.linker_flag 
1 1 N9 A G 6  ? ? "C1'" A G 6  ? ? "C2'" A G 6  ? ? 122.77 114.00 8.77 1.30 N 
2 1 N9 D A 38 ? ? "C1'" D A 38 ? ? "C2'" D A 38 ? ? 122.04 114.00 8.04 1.30 N 
# 
loop_
_pdbx_validate_planes.id 
_pdbx_validate_planes.PDB_model_num 
_pdbx_validate_planes.auth_comp_id 
_pdbx_validate_planes.auth_asym_id 
_pdbx_validate_planes.auth_seq_id 
_pdbx_validate_planes.PDB_ins_code 
_pdbx_validate_planes.label_alt_id 
_pdbx_validate_planes.rmsd 
_pdbx_validate_planes.type 
1 1 G A 6  ? ? 0.083 'SIDE CHAIN' 
2 1 I B 8  ? ? 0.060 'SIDE CHAIN' 
3 1 U D 37 ? ? 0.074 'SIDE CHAIN' 
4 1 C D 39 ? ? 0.061 'SIDE CHAIN' 
5 1 U D 41 ? ? 0.068 'SIDE CHAIN' 
# 
loop_
_chem_comp_atom.comp_id 
_chem_comp_atom.atom_id 
_chem_comp_atom.type_symbol 
_chem_comp_atom.pdbx_aromatic_flag 
_chem_comp_atom.pdbx_stereo_config 
_chem_comp_atom.pdbx_ordinal 
A   OP3    O  N N 1   
A   P      P  N N 2   
A   OP1    O  N N 3   
A   OP2    O  N N 4   
A   "O5'"  O  N N 5   
A   "C5'"  C  N N 6   
A   "C4'"  C  N R 7   
A   "O4'"  O  N N 8   
A   "C3'"  C  N S 9   
A   "O3'"  O  N N 10  
A   "C2'"  C  N R 11  
A   "O2'"  O  N N 12  
A   "C1'"  C  N R 13  
A   N9     N  Y N 14  
A   C8     C  Y N 15  
A   N7     N  Y N 16  
A   C5     C  Y N 17  
A   C6     C  Y N 18  
A   N6     N  N N 19  
A   N1     N  Y N 20  
A   C2     C  Y N 21  
A   N3     N  Y N 22  
A   C4     C  Y N 23  
A   HOP3   H  N N 24  
A   HOP2   H  N N 25  
A   "H5'"  H  N N 26  
A   "H5''" H  N N 27  
A   "H4'"  H  N N 28  
A   "H3'"  H  N N 29  
A   "HO3'" H  N N 30  
A   "H2'"  H  N N 31  
A   "HO2'" H  N N 32  
A   "H1'"  H  N N 33  
A   H8     H  N N 34  
A   H61    H  N N 35  
A   H62    H  N N 36  
A   H2     H  N N 37  
C   OP3    O  N N 38  
C   P      P  N N 39  
C   OP1    O  N N 40  
C   OP2    O  N N 41  
C   "O5'"  O  N N 42  
C   "C5'"  C  N N 43  
C   "C4'"  C  N R 44  
C   "O4'"  O  N N 45  
C   "C3'"  C  N S 46  
C   "O3'"  O  N N 47  
C   "C2'"  C  N R 48  
C   "O2'"  O  N N 49  
C   "C1'"  C  N R 50  
C   N1     N  N N 51  
C   C2     C  N N 52  
C   O2     O  N N 53  
C   N3     N  N N 54  
C   C4     C  N N 55  
C   N4     N  N N 56  
C   C5     C  N N 57  
C   C6     C  N N 58  
C   HOP3   H  N N 59  
C   HOP2   H  N N 60  
C   "H5'"  H  N N 61  
C   "H5''" H  N N 62  
C   "H4'"  H  N N 63  
C   "H3'"  H  N N 64  
C   "HO3'" H  N N 65  
C   "H2'"  H  N N 66  
C   "HO2'" H  N N 67  
C   "H1'"  H  N N 68  
C   H41    H  N N 69  
C   H42    H  N N 70  
C   H5     H  N N 71  
C   H6     H  N N 72  
DA  OP3    O  N N 73  
DA  P      P  N N 74  
DA  OP1    O  N N 75  
DA  OP2    O  N N 76  
DA  "O5'"  O  N N 77  
DA  "C5'"  C  N N 78  
DA  "C4'"  C  N R 79  
DA  "O4'"  O  N N 80  
DA  "C3'"  C  N S 81  
DA  "O3'"  O  N N 82  
DA  "C2'"  C  N N 83  
DA  "C1'"  C  N R 84  
DA  N9     N  Y N 85  
DA  C8     C  Y N 86  
DA  N7     N  Y N 87  
DA  C5     C  Y N 88  
DA  C6     C  Y N 89  
DA  N6     N  N N 90  
DA  N1     N  Y N 91  
DA  C2     C  Y N 92  
DA  N3     N  Y N 93  
DA  C4     C  Y N 94  
DA  HOP3   H  N N 95  
DA  HOP2   H  N N 96  
DA  "H5'"  H  N N 97  
DA  "H5''" H  N N 98  
DA  "H4'"  H  N N 99  
DA  "H3'"  H  N N 100 
DA  "HO3'" H  N N 101 
DA  "H2'"  H  N N 102 
DA  "H2''" H  N N 103 
DA  "H1'"  H  N N 104 
DA  H8     H  N N 105 
DA  H61    H  N N 106 
DA  H62    H  N N 107 
DA  H2     H  N N 108 
G   OP3    O  N N 109 
G   P      P  N N 110 
G   OP1    O  N N 111 
G   OP2    O  N N 112 
G   "O5'"  O  N N 113 
G   "C5'"  C  N N 114 
G   "C4'"  C  N R 115 
G   "O4'"  O  N N 116 
G   "C3'"  C  N S 117 
G   "O3'"  O  N N 118 
G   "C2'"  C  N R 119 
G   "O2'"  O  N N 120 
G   "C1'"  C  N R 121 
G   N9     N  Y N 122 
G   C8     C  Y N 123 
G   N7     N  Y N 124 
G   C5     C  Y N 125 
G   C6     C  N N 126 
G   O6     O  N N 127 
G   N1     N  N N 128 
G   C2     C  N N 129 
G   N2     N  N N 130 
G   N3     N  N N 131 
G   C4     C  Y N 132 
G   HOP3   H  N N 133 
G   HOP2   H  N N 134 
G   "H5'"  H  N N 135 
G   "H5''" H  N N 136 
G   "H4'"  H  N N 137 
G   "H3'"  H  N N 138 
G   "HO3'" H  N N 139 
G   "H2'"  H  N N 140 
G   "HO2'" H  N N 141 
G   "H1'"  H  N N 142 
G   H8     H  N N 143 
G   H1     H  N N 144 
G   H21    H  N N 145 
G   H22    H  N N 146 
HOH O      O  N N 147 
HOH H1     H  N N 148 
HOH H2     H  N N 149 
I   OP3    O  N N 150 
I   P      P  N N 151 
I   OP1    O  N N 152 
I   OP2    O  N N 153 
I   "O5'"  O  N N 154 
I   "C5'"  C  N N 155 
I   "C4'"  C  N R 156 
I   "O4'"  O  N N 157 
I   "C3'"  C  N S 158 
I   "O3'"  O  N N 159 
I   "C2'"  C  N R 160 
I   "O2'"  O  N N 161 
I   "C1'"  C  N R 162 
I   N9     N  Y N 163 
I   C8     C  Y N 164 
I   N7     N  Y N 165 
I   C5     C  Y N 166 
I   C6     C  N N 167 
I   O6     O  N N 168 
I   N1     N  N N 169 
I   C2     C  N N 170 
I   N3     N  N N 171 
I   C4     C  Y N 172 
I   HOP3   H  N N 173 
I   HOP2   H  N N 174 
I   "H5'"  H  N N 175 
I   "H5''" H  N N 176 
I   "H4'"  H  N N 177 
I   "H3'"  H  N N 178 
I   "HO3'" H  N N 179 
I   "H2'"  H  N N 180 
I   "HO2'" H  N N 181 
I   "H1'"  H  N N 182 
I   H8     H  N N 183 
I   H1     H  N N 184 
I   H2     H  N N 185 
NCO CO     CO N N 186 
NCO N1     N  N N 187 
NCO N2     N  N N 188 
NCO N3     N  N N 189 
NCO N4     N  N N 190 
NCO N5     N  N N 191 
NCO N6     N  N N 192 
NCO HN11   H  N N 193 
NCO HN12   H  N N 194 
NCO HN13   H  N N 195 
NCO HN21   H  N N 196 
NCO HN22   H  N N 197 
NCO HN23   H  N N 198 
NCO HN31   H  N N 199 
NCO HN32   H  N N 200 
NCO HN33   H  N N 201 
NCO HN41   H  N N 202 
NCO HN42   H  N N 203 
NCO HN43   H  N N 204 
NCO HN51   H  N N 205 
NCO HN52   H  N N 206 
NCO HN53   H  N N 207 
NCO HN61   H  N N 208 
NCO HN62   H  N N 209 
NCO HN63   H  N N 210 
SO4 S      S  N N 211 
SO4 O1     O  N N 212 
SO4 O2     O  N N 213 
SO4 O3     O  N N 214 
SO4 O4     O  N N 215 
U   OP3    O  N N 216 
U   P      P  N N 217 
U   OP1    O  N N 218 
U   OP2    O  N N 219 
U   "O5'"  O  N N 220 
U   "C5'"  C  N N 221 
U   "C4'"  C  N R 222 
U   "O4'"  O  N N 223 
U   "C3'"  C  N S 224 
U   "O3'"  O  N N 225 
U   "C2'"  C  N R 226 
U   "O2'"  O  N N 227 
U   "C1'"  C  N R 228 
U   N1     N  N N 229 
U   C2     C  N N 230 
U   O2     O  N N 231 
U   N3     N  N N 232 
U   C4     C  N N 233 
U   O4     O  N N 234 
U   C5     C  N N 235 
U   C6     C  N N 236 
U   HOP3   H  N N 237 
U   HOP2   H  N N 238 
U   "H5'"  H  N N 239 
U   "H5''" H  N N 240 
U   "H4'"  H  N N 241 
U   "H3'"  H  N N 242 
U   "HO3'" H  N N 243 
U   "H2'"  H  N N 244 
U   "HO2'" H  N N 245 
U   "H1'"  H  N N 246 
U   H3     H  N N 247 
U   H5     H  N N 248 
U   H6     H  N N 249 
# 
loop_
_chem_comp_bond.comp_id 
_chem_comp_bond.atom_id_1 
_chem_comp_bond.atom_id_2 
_chem_comp_bond.value_order 
_chem_comp_bond.pdbx_aromatic_flag 
_chem_comp_bond.pdbx_stereo_config 
_chem_comp_bond.pdbx_ordinal 
A   OP3   P      sing N N 1   
A   OP3   HOP3   sing N N 2   
A   P     OP1    doub N N 3   
A   P     OP2    sing N N 4   
A   P     "O5'"  sing N N 5   
A   OP2   HOP2   sing N N 6   
A   "O5'" "C5'"  sing N N 7   
A   "C5'" "C4'"  sing N N 8   
A   "C5'" "H5'"  sing N N 9   
A   "C5'" "H5''" sing N N 10  
A   "C4'" "O4'"  sing N N 11  
A   "C4'" "C3'"  sing N N 12  
A   "C4'" "H4'"  sing N N 13  
A   "O4'" "C1'"  sing N N 14  
A   "C3'" "O3'"  sing N N 15  
A   "C3'" "C2'"  sing N N 16  
A   "C3'" "H3'"  sing N N 17  
A   "O3'" "HO3'" sing N N 18  
A   "C2'" "O2'"  sing N N 19  
A   "C2'" "C1'"  sing N N 20  
A   "C2'" "H2'"  sing N N 21  
A   "O2'" "HO2'" sing N N 22  
A   "C1'" N9     sing N N 23  
A   "C1'" "H1'"  sing N N 24  
A   N9    C8     sing Y N 25  
A   N9    C4     sing Y N 26  
A   C8    N7     doub Y N 27  
A   C8    H8     sing N N 28  
A   N7    C5     sing Y N 29  
A   C5    C6     sing Y N 30  
A   C5    C4     doub Y N 31  
A   C6    N6     sing N N 32  
A   C6    N1     doub Y N 33  
A   N6    H61    sing N N 34  
A   N6    H62    sing N N 35  
A   N1    C2     sing Y N 36  
A   C2    N3     doub Y N 37  
A   C2    H2     sing N N 38  
A   N3    C4     sing Y N 39  
C   OP3   P      sing N N 40  
C   OP3   HOP3   sing N N 41  
C   P     OP1    doub N N 42  
C   P     OP2    sing N N 43  
C   P     "O5'"  sing N N 44  
C   OP2   HOP2   sing N N 45  
C   "O5'" "C5'"  sing N N 46  
C   "C5'" "C4'"  sing N N 47  
C   "C5'" "H5'"  sing N N 48  
C   "C5'" "H5''" sing N N 49  
C   "C4'" "O4'"  sing N N 50  
C   "C4'" "C3'"  sing N N 51  
C   "C4'" "H4'"  sing N N 52  
C   "O4'" "C1'"  sing N N 53  
C   "C3'" "O3'"  sing N N 54  
C   "C3'" "C2'"  sing N N 55  
C   "C3'" "H3'"  sing N N 56  
C   "O3'" "HO3'" sing N N 57  
C   "C2'" "O2'"  sing N N 58  
C   "C2'" "C1'"  sing N N 59  
C   "C2'" "H2'"  sing N N 60  
C   "O2'" "HO2'" sing N N 61  
C   "C1'" N1     sing N N 62  
C   "C1'" "H1'"  sing N N 63  
C   N1    C2     sing N N 64  
C   N1    C6     sing N N 65  
C   C2    O2     doub N N 66  
C   C2    N3     sing N N 67  
C   N3    C4     doub N N 68  
C   C4    N4     sing N N 69  
C   C4    C5     sing N N 70  
C   N4    H41    sing N N 71  
C   N4    H42    sing N N 72  
C   C5    C6     doub N N 73  
C   C5    H5     sing N N 74  
C   C6    H6     sing N N 75  
DA  OP3   P      sing N N 76  
DA  OP3   HOP3   sing N N 77  
DA  P     OP1    doub N N 78  
DA  P     OP2    sing N N 79  
DA  P     "O5'"  sing N N 80  
DA  OP2   HOP2   sing N N 81  
DA  "O5'" "C5'"  sing N N 82  
DA  "C5'" "C4'"  sing N N 83  
DA  "C5'" "H5'"  sing N N 84  
DA  "C5'" "H5''" sing N N 85  
DA  "C4'" "O4'"  sing N N 86  
DA  "C4'" "C3'"  sing N N 87  
DA  "C4'" "H4'"  sing N N 88  
DA  "O4'" "C1'"  sing N N 89  
DA  "C3'" "O3'"  sing N N 90  
DA  "C3'" "C2'"  sing N N 91  
DA  "C3'" "H3'"  sing N N 92  
DA  "O3'" "HO3'" sing N N 93  
DA  "C2'" "C1'"  sing N N 94  
DA  "C2'" "H2'"  sing N N 95  
DA  "C2'" "H2''" sing N N 96  
DA  "C1'" N9     sing N N 97  
DA  "C1'" "H1'"  sing N N 98  
DA  N9    C8     sing Y N 99  
DA  N9    C4     sing Y N 100 
DA  C8    N7     doub Y N 101 
DA  C8    H8     sing N N 102 
DA  N7    C5     sing Y N 103 
DA  C5    C6     sing Y N 104 
DA  C5    C4     doub Y N 105 
DA  C6    N6     sing N N 106 
DA  C6    N1     doub Y N 107 
DA  N6    H61    sing N N 108 
DA  N6    H62    sing N N 109 
DA  N1    C2     sing Y N 110 
DA  C2    N3     doub Y N 111 
DA  C2    H2     sing N N 112 
DA  N3    C4     sing Y N 113 
G   OP3   P      sing N N 114 
G   OP3   HOP3   sing N N 115 
G   P     OP1    doub N N 116 
G   P     OP2    sing N N 117 
G   P     "O5'"  sing N N 118 
G   OP2   HOP2   sing N N 119 
G   "O5'" "C5'"  sing N N 120 
G   "C5'" "C4'"  sing N N 121 
G   "C5'" "H5'"  sing N N 122 
G   "C5'" "H5''" sing N N 123 
G   "C4'" "O4'"  sing N N 124 
G   "C4'" "C3'"  sing N N 125 
G   "C4'" "H4'"  sing N N 126 
G   "O4'" "C1'"  sing N N 127 
G   "C3'" "O3'"  sing N N 128 
G   "C3'" "C2'"  sing N N 129 
G   "C3'" "H3'"  sing N N 130 
G   "O3'" "HO3'" sing N N 131 
G   "C2'" "O2'"  sing N N 132 
G   "C2'" "C1'"  sing N N 133 
G   "C2'" "H2'"  sing N N 134 
G   "O2'" "HO2'" sing N N 135 
G   "C1'" N9     sing N N 136 
G   "C1'" "H1'"  sing N N 137 
G   N9    C8     sing Y N 138 
G   N9    C4     sing Y N 139 
G   C8    N7     doub Y N 140 
G   C8    H8     sing N N 141 
G   N7    C5     sing Y N 142 
G   C5    C6     sing N N 143 
G   C5    C4     doub Y N 144 
G   C6    O6     doub N N 145 
G   C6    N1     sing N N 146 
G   N1    C2     sing N N 147 
G   N1    H1     sing N N 148 
G   C2    N2     sing N N 149 
G   C2    N3     doub N N 150 
G   N2    H21    sing N N 151 
G   N2    H22    sing N N 152 
G   N3    C4     sing N N 153 
HOH O     H1     sing N N 154 
HOH O     H2     sing N N 155 
I   OP3   P      sing N N 156 
I   OP3   HOP3   sing N N 157 
I   P     OP1    doub N N 158 
I   P     OP2    sing N N 159 
I   P     "O5'"  sing N N 160 
I   OP2   HOP2   sing N N 161 
I   "O5'" "C5'"  sing N N 162 
I   "C5'" "C4'"  sing N N 163 
I   "C5'" "H5'"  sing N N 164 
I   "C5'" "H5''" sing N N 165 
I   "C4'" "O4'"  sing N N 166 
I   "C4'" "C3'"  sing N N 167 
I   "C4'" "H4'"  sing N N 168 
I   "O4'" "C1'"  sing N N 169 
I   "C3'" "O3'"  sing N N 170 
I   "C3'" "C2'"  sing N N 171 
I   "C3'" "H3'"  sing N N 172 
I   "O3'" "HO3'" sing N N 173 
I   "C2'" "O2'"  sing N N 174 
I   "C2'" "C1'"  sing N N 175 
I   "C2'" "H2'"  sing N N 176 
I   "O2'" "HO2'" sing N N 177 
I   "C1'" N9     sing N N 178 
I   "C1'" "H1'"  sing N N 179 
I   N9    C8     sing Y N 180 
I   N9    C4     sing Y N 181 
I   C8    N7     doub Y N 182 
I   C8    H8     sing N N 183 
I   N7    C5     sing Y N 184 
I   C5    C6     sing N N 185 
I   C5    C4     doub Y N 186 
I   C6    O6     doub N N 187 
I   C6    N1     sing N N 188 
I   N1    C2     sing N N 189 
I   N1    H1     sing N N 190 
I   C2    N3     doub N N 191 
I   C2    H2     sing N N 192 
I   N3    C4     sing N N 193 
NCO CO    N1     sing N N 194 
NCO CO    N2     sing N N 195 
NCO CO    N3     sing N N 196 
NCO CO    N4     sing N N 197 
NCO CO    N5     sing N N 198 
NCO CO    N6     sing N N 199 
NCO N1    HN11   sing N N 200 
NCO N1    HN12   sing N N 201 
NCO N1    HN13   sing N N 202 
NCO N2    HN21   sing N N 203 
NCO N2    HN22   sing N N 204 
NCO N2    HN23   sing N N 205 
NCO N3    HN31   sing N N 206 
NCO N3    HN32   sing N N 207 
NCO N3    HN33   sing N N 208 
NCO N4    HN41   sing N N 209 
NCO N4    HN42   sing N N 210 
NCO N4    HN43   sing N N 211 
NCO N5    HN51   sing N N 212 
NCO N5    HN52   sing N N 213 
NCO N5    HN53   sing N N 214 
NCO N6    HN61   sing N N 215 
NCO N6    HN62   sing N N 216 
NCO N6    HN63   sing N N 217 
SO4 S     O1     doub N N 218 
SO4 S     O2     doub N N 219 
SO4 S     O3     sing N N 220 
SO4 S     O4     sing N N 221 
U   OP3   P      sing N N 222 
U   OP3   HOP3   sing N N 223 
U   P     OP1    doub N N 224 
U   P     OP2    sing N N 225 
U   P     "O5'"  sing N N 226 
U   OP2   HOP2   sing N N 227 
U   "O5'" "C5'"  sing N N 228 
U   "C5'" "C4'"  sing N N 229 
U   "C5'" "H5'"  sing N N 230 
U   "C5'" "H5''" sing N N 231 
U   "C4'" "O4'"  sing N N 232 
U   "C4'" "C3'"  sing N N 233 
U   "C4'" "H4'"  sing N N 234 
U   "O4'" "C1'"  sing N N 235 
U   "C3'" "O3'"  sing N N 236 
U   "C3'" "C2'"  sing N N 237 
U   "C3'" "H3'"  sing N N 238 
U   "O3'" "HO3'" sing N N 239 
U   "C2'" "O2'"  sing N N 240 
U   "C2'" "C1'"  sing N N 241 
U   "C2'" "H2'"  sing N N 242 
U   "O2'" "HO2'" sing N N 243 
U   "C1'" N1     sing N N 244 
U   "C1'" "H1'"  sing N N 245 
U   N1    C2     sing N N 246 
U   N1    C6     sing N N 247 
U   C2    O2     doub N N 248 
U   C2    N3     sing N N 249 
U   N3    C4     sing N N 250 
U   N3    H3     sing N N 251 
U   C4    O4     doub N N 252 
U   C4    C5     sing N N 253 
U   C5    C6     doub N N 254 
U   C5    H5     sing N N 255 
U   C6    H6     sing N N 256 
# 
loop_
_ndb_struct_conf_na.entry_id 
_ndb_struct_conf_na.feature 
2BCZ 'double helix'         
2BCZ 'a-form double helix'  
2BCZ 'bulge loop'           
2BCZ 'mismatched base pair' 
2BCZ 'internal loop'        
# 
loop_
_ndb_struct_na_base_pair.model_number 
_ndb_struct_na_base_pair.i_label_asym_id 
_ndb_struct_na_base_pair.i_label_comp_id 
_ndb_struct_na_base_pair.i_label_seq_id 
_ndb_struct_na_base_pair.i_symmetry 
_ndb_struct_na_base_pair.j_label_asym_id 
_ndb_struct_na_base_pair.j_label_comp_id 
_ndb_struct_na_base_pair.j_label_seq_id 
_ndb_struct_na_base_pair.j_symmetry 
_ndb_struct_na_base_pair.shear 
_ndb_struct_na_base_pair.stretch 
_ndb_struct_na_base_pair.stagger 
_ndb_struct_na_base_pair.buckle 
_ndb_struct_na_base_pair.propeller 
_ndb_struct_na_base_pair.opening 
_ndb_struct_na_base_pair.pair_number 
_ndb_struct_na_base_pair.pair_name 
_ndb_struct_na_base_pair.i_auth_asym_id 
_ndb_struct_na_base_pair.i_auth_seq_id 
_ndb_struct_na_base_pair.i_PDB_ins_code 
_ndb_struct_na_base_pair.j_auth_asym_id 
_ndb_struct_na_base_pair.j_auth_seq_id 
_ndb_struct_na_base_pair.j_PDB_ins_code 
_ndb_struct_na_base_pair.hbond_type_28 
_ndb_struct_na_base_pair.hbond_type_12 
1 A C  2  1_555 B G 12 1_555 0.368  -0.220 -0.185 0.428   -14.464 3.482    1  A_C2:G13_B  A 2  ? B 13 ? 19 1  
1 A C  3  1_555 B G 11 1_555 0.257  -0.154 0.055  -0.855  -2.209  0.041    2  A_C3:G12_B  A 3  ? B 12 ? 19 1  
1 A C  4  1_555 B G 10 1_555 0.525  -0.095 -0.256 7.598   5.926   3.943    3  A_C4:G11_B  A 4  ? B 11 ? 19 1  
1 A DA 5  1_555 B A 8  1_555 6.721  -3.835 -0.145 17.540  5.416   -27.237  4  A_DA5:A9_B  A 5  ? B 9  ? ?  ?  
1 A C  8  1_555 B A 6  1_555 -2.522 0.570  -0.718 17.294  -11.160 0.691    5  A_C8:A7_B   A 8  ? B 7  ? ?  ?  
1 A C  9  1_555 B G 5  1_555 -0.158 0.322  0.097  3.466   -6.591  7.372    6  A_C9:G6_B   A 9  ? B 6  ? ?  1  
1 A A  10 1_555 B U 4  1_555 -0.126 -0.090 0.513  6.697   -4.840  5.315    7  A_A10:U5_B  A 10 ? B 5  ? 20 1  
1 A C  11 1_555 B G 3  1_555 0.501  0.195  0.321  3.494   -9.491  11.191   8  A_C11:G4_B  A 11 ? B 4  ? ?  1  
1 A C  12 1_555 B G 2  1_555 0.845  -0.120 0.428  -0.890  -7.383  7.282    9  A_C12:G3_B  A 12 ? B 3  ? 19 1  
1 A G  13 1_555 B C 1  1_555 0.055  0.073  0.208  -0.962  -9.807  8.688    10 A_G13:C2_B  A 13 ? B 2  ? 19 1  
1 C G  1  1_555 D C 19 1_555 -0.277 -0.078 0.822  6.531   -3.996  -2.480   11 C_G15:C49_D C 15 ? D 49 ? 19 1  
1 C G  2  1_555 D C 18 1_555 -0.173 -0.175 0.687  17.005  -7.285  -4.425   12 C_G16:C48_D C 16 ? D 48 ? 19 1  
1 C C  3  1_555 D G 17 1_555 0.091  -0.013 0.138  2.126   -8.083  1.884    13 C_C17:G47_D C 17 ? D 47 ? 19 1  
1 C A  4  1_555 D U 16 1_555 -0.030 -0.071 -0.056 -0.529  -8.579  5.423    14 C_A18:U46_D C 18 ? D 46 ? 20 1  
1 C G  5  1_555 D C 15 1_555 -0.766 -0.030 -0.298 -8.162  -3.657  6.473    15 C_G19:C45_D C 19 ? D 45 ? 19 1  
1 C A  6  1_555 D C 14 1_555 1.912  0.605  -0.421 -16.788 -9.282  19.367   16 C_A20:C44_D C 20 ? D 44 ? ?  ?  
1 C G  7  1_555 D A 13 1_555 6.886  -4.517 -0.249 -3.565  5.778   -5.626   17 C_G21:A43_D C 21 ? D 43 ? 11 10 
1 C A  8  1_555 D U 11 1_555 -4.030 -1.777 -0.477 -7.291  -12.603 -100.141 18 C_A22:U41_D C 22 ? D 41 ? 24 4  
1 C A  9  1_555 D A 10 1_555 -4.749 0.773  -0.686 0.617   -23.789 -96.436  19 C_A23:A40_D C 23 ? D 40 ? ?  ?  
1 C A  10 1_555 D A 8  1_555 5.197  3.251  -0.761 -1.465  -13.931 -150.365 20 C_A24:A38_D C 24 ? D 38 ? ?  ?  
1 C C  11 1_555 A G 6  1_555 0.317  -0.302 0.200  11.661  -10.246 -2.149   21 C_C25:G6_A  C 25 ? A 6  ? 19 1  
1 C A  12 1_555 D G 6  1_555 -0.080 1.341  -0.514 -14.428 -16.070 -17.472  22 C_A26:G36_D C 26 ? D 36 ? 8  ?  
1 C C  13 1_555 D G 5  1_555 0.118  -0.181 -0.158 3.041   -19.312 1.586    23 C_C27:G35_D C 27 ? D 35 ? 19 1  
1 C A  14 1_555 D U 4  1_555 -0.271 -0.380 0.486  6.296   -14.196 -0.050   24 C_A28:U34_D C 28 ? D 34 ? 20 1  
1 C C  15 1_555 D G 3  1_555 0.131  -0.060 0.166  6.244   -12.461 1.485    25 C_C29:G33_D C 29 ? D 33 ? 19 1  
1 C G  16 1_555 D C 2  1_555 -0.386 -0.141 0.517  -1.216  -8.531  -2.139   26 C_G30:C32_D C 30 ? D 32 ? 19 1  
1 C A  17 1_555 D U 1  1_555 0.448  -0.086 0.336  0.798   -4.980  2.941    27 C_A31:U31_D C 31 ? D 31 ? 20 1  
# 
loop_
_ndb_struct_na_base_pair_step.model_number 
_ndb_struct_na_base_pair_step.i_label_asym_id_1 
_ndb_struct_na_base_pair_step.i_label_comp_id_1 
_ndb_struct_na_base_pair_step.i_label_seq_id_1 
_ndb_struct_na_base_pair_step.i_symmetry_1 
_ndb_struct_na_base_pair_step.j_label_asym_id_1 
_ndb_struct_na_base_pair_step.j_label_comp_id_1 
_ndb_struct_na_base_pair_step.j_label_seq_id_1 
_ndb_struct_na_base_pair_step.j_symmetry_1 
_ndb_struct_na_base_pair_step.i_label_asym_id_2 
_ndb_struct_na_base_pair_step.i_label_comp_id_2 
_ndb_struct_na_base_pair_step.i_label_seq_id_2 
_ndb_struct_na_base_pair_step.i_symmetry_2 
_ndb_struct_na_base_pair_step.j_label_asym_id_2 
_ndb_struct_na_base_pair_step.j_label_comp_id_2 
_ndb_struct_na_base_pair_step.j_label_seq_id_2 
_ndb_struct_na_base_pair_step.j_symmetry_2 
_ndb_struct_na_base_pair_step.shift 
_ndb_struct_na_base_pair_step.slide 
_ndb_struct_na_base_pair_step.rise 
_ndb_struct_na_base_pair_step.tilt 
_ndb_struct_na_base_pair_step.roll 
_ndb_struct_na_base_pair_step.twist 
_ndb_struct_na_base_pair_step.x_displacement 
_ndb_struct_na_base_pair_step.y_displacement 
_ndb_struct_na_base_pair_step.helical_rise 
_ndb_struct_na_base_pair_step.inclination 
_ndb_struct_na_base_pair_step.tip 
_ndb_struct_na_base_pair_step.helical_twist 
_ndb_struct_na_base_pair_step.step_number 
_ndb_struct_na_base_pair_step.step_name 
_ndb_struct_na_base_pair_step.i_auth_asym_id_1 
_ndb_struct_na_base_pair_step.i_auth_seq_id_1 
_ndb_struct_na_base_pair_step.i_PDB_ins_code_1 
_ndb_struct_na_base_pair_step.j_auth_asym_id_1 
_ndb_struct_na_base_pair_step.j_auth_seq_id_1 
_ndb_struct_na_base_pair_step.j_PDB_ins_code_1 
_ndb_struct_na_base_pair_step.i_auth_asym_id_2 
_ndb_struct_na_base_pair_step.i_auth_seq_id_2 
_ndb_struct_na_base_pair_step.i_PDB_ins_code_2 
_ndb_struct_na_base_pair_step.j_auth_asym_id_2 
_ndb_struct_na_base_pair_step.j_auth_seq_id_2 
_ndb_struct_na_base_pair_step.j_PDB_ins_code_2 
1 A C  2  1_555 B G 12 1_555 A C  3  1_555 B G 11 1_555 -0.688 -2.069 3.235 -2.388  10.334 30.502  -5.374 0.857  2.466 18.938  
4.376   32.252  1  AA_C2C3:G12G13_BB   A 2  ? B 13 ? A 3  ? B 12 ? 
1 A C  3  1_555 B G 11 1_555 A C  4  1_555 B G 10 1_555 0.434  -1.682 3.221 3.046   5.027  26.365  -4.813 -0.197 2.886 10.851  
-6.574  27.000  2  AA_C3C4:G11G12_BB   A 3  ? B 12 ? A 4  ? B 11 ? 
1 A C  4  1_555 B G 10 1_555 A DA 5  1_555 B A 8  1_555 -0.186 -0.628 5.357 -1.520  30.812 73.423  -1.882 0.078  4.838 24.745  
1.221   78.792  3  AA_C4DA5:A9G11_BB   A 4  ? B 11 ? A 5  ? B 9  ? 
1 A DA 5  1_555 B A 8  1_555 A C  8  1_555 B A 6  1_555 -0.781 -0.490 6.569 -0.868  6.534  64.370  -1.010 0.657  6.507 6.116   
0.812   64.671  4  AA_DA5C8:A7A9_BB    A 5  ? B 9  ? A 8  ? B 7  ? 
1 A C  8  1_555 B A 6  1_555 A C  9  1_555 B G 5  1_555 0.150  -1.673 3.769 -6.804  8.601  37.490  -3.644 -1.125 3.247 13.044  
10.319  39.005  5  AA_C8C9:G6A7_BB     A 8  ? B 7  ? A 9  ? B 6  ? 
1 A C  9  1_555 B G 5  1_555 A A  10 1_555 B U 4  1_555 -0.071 -1.785 2.960 -3.054  7.460  32.326  -4.169 -0.307 2.493 13.146  
5.381   33.290  6  AA_C9A10:U5G6_BB    A 9  ? B 6  ? A 10 ? B 5  ? 
1 A A  10 1_555 B U 4  1_555 A C  11 1_555 B G 3  1_555 0.020  -1.484 3.315 2.339   5.388  32.830  -3.463 0.345  3.034 9.439   
-4.098  33.337  7  AA_A10C11:G4U5_BB   A 10 ? B 5  ? A 11 ? B 4  ? 
1 A C  11 1_555 B G 3  1_555 A C  12 1_555 B G 2  1_555 -0.156 -2.034 3.143 0.383   7.657  31.962  -4.765 0.334  2.597 13.661  
-0.682  32.845  8  AA_C11C12:G3G4_BB   A 11 ? B 4  ? A 12 ? B 3  ? 
1 A C  12 1_555 B G 2  1_555 A G  13 1_555 B C 1  1_555 0.076  -1.851 3.003 3.490   8.295  28.412  -5.062 0.467  2.372 16.389  
-6.894  29.775  9  AA_C12G13:C2G3_BB   A 12 ? B 3  ? A 13 ? B 2  ? 
1 C G  1  1_555 D C 19 1_555 C G  2  1_555 D C 18 1_555 -0.705 -1.325 2.969 -2.625  3.048  33.885  -2.693 0.828  2.887 5.207   
4.484   34.116  10 CC_G15G16:C48C49_DD C 15 ? D 49 ? C 16 ? D 48 ? 
1 C G  2  1_555 D C 18 1_555 C C  3  1_555 D G 17 1_555 0.504  -1.621 3.591 3.594   8.668  35.434  -3.830 -0.285 3.155 13.942  
-5.781  36.617  11 CC_G16C17:G47C48_DD C 16 ? D 48 ? C 17 ? D 47 ? 
1 C C  3  1_555 D G 17 1_555 C A  4  1_555 D U 16 1_555 0.403  -1.747 3.143 -0.370  9.236  31.806  -4.452 -0.764 2.545 16.424  
0.658   33.088  12 CC_C17A18:U46G47_DD C 17 ? D 47 ? C 18 ? D 46 ? 
1 C A  4  1_555 D U 16 1_555 C G  5  1_555 D C 15 1_555 0.301  -2.175 3.461 1.325   6.650  27.066  -6.073 -0.314 2.866 13.932  
-2.776  27.886  13 CC_A18G19:C45U46_DD C 18 ? D 46 ? C 19 ? D 45 ? 
1 C G  5  1_555 D C 15 1_555 C A  6  1_555 D C 14 1_555 1.190  -1.222 3.463 3.495   9.297  39.481  -2.825 -1.312 3.196 13.505  
-5.076  40.662  14 CC_G19A20:C44C45_DD C 19 ? D 45 ? C 20 ? D 44 ? 
1 C A  6  1_555 D C 14 1_555 C G  7  1_555 D A 13 1_555 -0.719 -0.816 3.064 4.336   4.048  59.437  -1.007 0.922  2.954 4.072   
-4.361  59.706  15 CC_A20G21:A43C44_DD C 20 ? D 44 ? C 21 ? D 43 ? 
1 C G  7  1_555 D A 13 1_555 C A  8  1_555 D U 11 1_555 -2.444 -0.630 3.612 4.191   2.752  13.002  -5.167 13.989 2.516 11.603  
-17.671 13.932  16 CC_G21A22:U41A43_DD C 21 ? D 43 ? C 22 ? D 41 ? 
1 C A  8  1_555 D U 11 1_555 C A  9  1_555 D A 10 1_555 0.047  -2.224 3.392 -12.981 5.570  42.677  -3.420 -1.237 2.960 7.414   
17.280  44.850  17 CC_A22A23:A40U41_DD C 22 ? D 41 ? C 23 ? D 40 ? 
1 C A  9  1_555 D A 10 1_555 C A  10 1_555 D A 8  1_555 -3.378 -3.167 3.443 -5.397  -4.059 74.644  -2.467 2.595  3.788 -3.341  
4.442   74.904  18 CC_A23A24:A38A40_DD C 23 ? D 40 ? C 24 ? D 38 ? 
1 C A  10 1_555 D A 8  1_555 C C  11 1_555 A G 6  1_555 2.267  -0.375 3.122 -1.370  5.516  -28.704 -0.431 4.197  3.238 -10.990 
-2.729  -29.249 19 CC_A24C25:G6A38_AD  C 24 ? D 38 ? C 25 ? A 6  ? 
1 C C  11 1_555 A G 6  1_555 C A  12 1_555 D G 6  1_555 0.173  -2.147 3.774 7.314   5.468  44.047  -3.363 0.515  3.481 7.200   
-9.630  44.937  20 CC_C25A26:G36G6_DA  C 25 ? A 6  ? C 26 ? D 36 ? 
1 C A  12 1_555 D G 6  1_555 C C  13 1_555 D G 5  1_555 1.195  -0.633 2.954 -3.902  2.508  31.968  -1.528 -2.754 2.736 4.525   
7.038   32.294  21 CC_A26C27:G35G36_DD C 26 ? D 36 ? C 27 ? D 35 ? 
1 C C  13 1_555 D G 5  1_555 C A  14 1_555 D U 4  1_555 0.079  -1.167 3.039 -3.574  9.014  32.043  -3.342 -0.658 2.601 15.881  
6.297   33.441  22 CC_C27A28:U34G35_DD C 27 ? D 35 ? C 28 ? D 34 ? 
1 C A  14 1_555 D U 4  1_555 C C  15 1_555 D G 3  1_555 0.543  -1.152 3.278 5.169   -0.769 35.058  -1.778 -0.120 3.345 -1.267  
-8.522  35.434  23 CC_A28C29:G33U34_DD C 28 ? D 34 ? C 29 ? D 33 ? 
1 C C  15 1_555 D G 3  1_555 C G  16 1_555 D C 2  1_555 0.373  -1.807 3.177 1.591   7.942  33.166  -4.230 -0.405 2.699 13.661  
-2.737  34.114  24 CC_C29G30:C32G33_DD C 29 ? D 33 ? C 30 ? D 32 ? 
1 C G  16 1_555 D C 2  1_555 C A  17 1_555 D U 1  1_555 0.777  -1.669 2.990 5.571   5.996  33.730  -3.619 -0.542 2.751 10.148  
-9.429  34.681  25 CC_G30A31:U31C32_DD C 30 ? D 32 ? C 31 ? D 31 ? 
# 
loop_
_pdbx_entity_nonpoly.entity_id 
_pdbx_entity_nonpoly.name 
_pdbx_entity_nonpoly.comp_id 
5 'SULFATE ION'           SO4 
6 'COBALT HEXAMMINE(III)' NCO 
7 water                   HOH 
# 
_pdbx_initial_refinement_model.id               1 
_pdbx_initial_refinement_model.entity_id_list   ? 
_pdbx_initial_refinement_model.type             'experimental model' 
_pdbx_initial_refinement_model.source_name      PDB 
_pdbx_initial_refinement_model.accession_code   1ZFR 
_pdbx_initial_refinement_model.details          'pdb entry 1ZFR' 
# 
